data_2CY5
# 
_entry.id   2CY5 
# 
_audit_conform.dict_name       mmcif_pdbx.dic 
_audit_conform.dict_version    5.397 
_audit_conform.dict_location   http://mmcif.pdb.org/dictionaries/ascii/mmcif_pdbx.dic 
# 
loop_
_database_2.database_id 
_database_2.database_code 
_database_2.pdbx_database_accession 
_database_2.pdbx_DOI 
PDB   2CY5         pdb_00002cy5 10.2210/pdb2cy5/pdb 
RCSB  RCSB024758   ?            ?                   
WWPDB D_1000024758 ?            ?                   
# 
loop_
_pdbx_audit_revision_history.ordinal 
_pdbx_audit_revision_history.data_content_type 
_pdbx_audit_revision_history.major_revision 
_pdbx_audit_revision_history.minor_revision 
_pdbx_audit_revision_history.revision_date 
1 'Structure model' 1 0 2006-01-04 
2 'Structure model' 1 1 2008-04-30 
3 'Structure model' 1 2 2011-07-13 
4 'Structure model' 1 3 2024-10-23 
# 
_pdbx_audit_revision_details.ordinal             1 
_pdbx_audit_revision_details.revision_ordinal    1 
_pdbx_audit_revision_details.data_content_type   'Structure model' 
_pdbx_audit_revision_details.provider            repository 
_pdbx_audit_revision_details.type                'Initial release' 
_pdbx_audit_revision_details.description         ? 
_pdbx_audit_revision_details.details             ? 
# 
loop_
_pdbx_audit_revision_group.ordinal 
_pdbx_audit_revision_group.revision_ordinal 
_pdbx_audit_revision_group.data_content_type 
_pdbx_audit_revision_group.group 
1 2 'Structure model' 'Version format compliance' 
2 3 'Structure model' 'Version format compliance' 
3 4 'Structure model' 'Data collection'           
4 4 'Structure model' 'Database references'       
5 4 'Structure model' 'Derived calculations'      
6 4 'Structure model' 'Structure summary'         
# 
loop_
_pdbx_audit_revision_category.ordinal 
_pdbx_audit_revision_category.revision_ordinal 
_pdbx_audit_revision_category.data_content_type 
_pdbx_audit_revision_category.category 
1 4 'Structure model' chem_comp_atom            
2 4 'Structure model' chem_comp_bond            
3 4 'Structure model' database_2                
4 4 'Structure model' pdbx_entry_details        
5 4 'Structure model' pdbx_modification_feature 
6 4 'Structure model' pdbx_struct_conn_angle    
7 4 'Structure model' struct_conn               
8 4 'Structure model' struct_ref_seq_dif        
9 4 'Structure model' struct_site               
# 
loop_
_pdbx_audit_revision_item.ordinal 
_pdbx_audit_revision_item.revision_ordinal 
_pdbx_audit_revision_item.data_content_type 
_pdbx_audit_revision_item.item 
1  4 'Structure model' '_database_2.pdbx_DOI'                        
2  4 'Structure model' '_database_2.pdbx_database_accession'         
3  4 'Structure model' '_pdbx_struct_conn_angle.ptnr1_auth_comp_id'  
4  4 'Structure model' '_pdbx_struct_conn_angle.ptnr1_auth_seq_id'   
5  4 'Structure model' '_pdbx_struct_conn_angle.ptnr1_label_asym_id' 
6  4 'Structure model' '_pdbx_struct_conn_angle.ptnr1_label_atom_id' 
7  4 'Structure model' '_pdbx_struct_conn_angle.ptnr1_label_comp_id' 
8  4 'Structure model' '_pdbx_struct_conn_angle.ptnr1_label_seq_id'  
9  4 'Structure model' '_pdbx_struct_conn_angle.ptnr3_auth_comp_id'  
10 4 'Structure model' '_pdbx_struct_conn_angle.ptnr3_auth_seq_id'   
11 4 'Structure model' '_pdbx_struct_conn_angle.ptnr3_label_asym_id' 
12 4 'Structure model' '_pdbx_struct_conn_angle.ptnr3_label_atom_id' 
13 4 'Structure model' '_pdbx_struct_conn_angle.ptnr3_label_comp_id' 
14 4 'Structure model' '_pdbx_struct_conn_angle.ptnr3_label_seq_id'  
15 4 'Structure model' '_pdbx_struct_conn_angle.value'               
16 4 'Structure model' '_struct_conn.pdbx_dist_value'                
17 4 'Structure model' '_struct_conn.pdbx_leaving_atom_flag'         
18 4 'Structure model' '_struct_conn.ptnr1_auth_comp_id'             
19 4 'Structure model' '_struct_conn.ptnr1_auth_seq_id'              
20 4 'Structure model' '_struct_conn.ptnr1_label_asym_id'            
21 4 'Structure model' '_struct_conn.ptnr1_label_atom_id'            
22 4 'Structure model' '_struct_conn.ptnr1_label_comp_id'            
23 4 'Structure model' '_struct_conn.ptnr1_label_seq_id'             
24 4 'Structure model' '_struct_conn.ptnr2_auth_comp_id'             
25 4 'Structure model' '_struct_conn.ptnr2_auth_seq_id'              
26 4 'Structure model' '_struct_conn.ptnr2_label_asym_id'            
27 4 'Structure model' '_struct_conn.ptnr2_label_atom_id'            
28 4 'Structure model' '_struct_conn.ptnr2_label_comp_id'            
29 4 'Structure model' '_struct_conn.ptnr2_label_seq_id'             
30 4 'Structure model' '_struct_ref_seq_dif.details'                 
31 4 'Structure model' '_struct_site.pdbx_auth_asym_id'              
32 4 'Structure model' '_struct_site.pdbx_auth_comp_id'              
33 4 'Structure model' '_struct_site.pdbx_auth_seq_id'               
# 
_pdbx_database_status.status_code                     REL 
_pdbx_database_status.entry_id                        2CY5 
_pdbx_database_status.recvd_initial_deposition_date   2005-07-04 
_pdbx_database_status.deposit_site                    PDBJ 
_pdbx_database_status.process_site                    PDBJ 
_pdbx_database_status.status_code_sf                  REL 
_pdbx_database_status.status_code_mr                  ? 
_pdbx_database_status.SG_entry                        Y 
_pdbx_database_status.pdb_format_compatible           Y 
_pdbx_database_status.status_code_cs                  ? 
_pdbx_database_status.status_code_nmr_data            ? 
_pdbx_database_status.methods_development_category    ? 
# 
loop_
_pdbx_database_related.db_name 
_pdbx_database_related.db_id 
_pdbx_database_related.details 
_pdbx_database_related.content_type 
PDB      2CY4           . unspecified 
TargetDB mmt007011014.1 . unspecified 
# 
loop_
_audit_author.name 
_audit_author.pdbx_ordinal 
'Mizohata, E.'                                           1  
'Hamana, H.'                                             2  
'Morita, S.'                                             3  
'Kinoshita, Y.'                                          4  
'Nagano, K.'                                             5  
'Uda, H.'                                                6  
'Terada, T.'                                             7  
'Shirouzu, M.'                                           8  
'Yokoyama, S.'                                           9  
'RIKEN Structural Genomics/Proteomics Initiative (RSGI)' 10 
# 
_citation.id                        primary 
_citation.title                     
;Crystal structure of phosphotyrosine binding (PTB) domain of epidermal growth factor receptor pathway substrate-8 (EPS8) related protein 1 from Mus musculus  (form-2 crystal)
;
_citation.journal_abbrev            'To be Published' 
_citation.journal_volume            ? 
_citation.page_first                ? 
_citation.page_last                 ? 
_citation.year                      ? 
_citation.journal_id_ASTM           ? 
_citation.country                   ? 
_citation.journal_id_ISSN           ? 
_citation.journal_id_CSD            0353 
_citation.book_publisher            ? 
_citation.pdbx_database_id_PubMed   ? 
_citation.pdbx_database_id_DOI      ? 
# 
loop_
_citation_author.citation_id 
_citation_author.name 
_citation_author.ordinal 
_citation_author.identifier_ORCID 
primary 'Mizohata, E.'  1 ? 
primary 'Hamana, H.'    2 ? 
primary 'Morita, S.'    3 ? 
primary 'Kinoshita, Y.' 4 ? 
primary 'Nagano, K.'    5 ? 
primary 'Uda, H.'       6 ? 
primary 'Terada, T.'    7 ? 
primary 'Shirouzu, M.'  8 ? 
primary 'Yokoyama, S.'  9 ? 
# 
loop_
_entity.id 
_entity.type 
_entity.src_method 
_entity.pdbx_description 
_entity.formula_weight 
_entity.pdbx_number_of_molecules 
_entity.pdbx_ec 
_entity.pdbx_mutation 
_entity.pdbx_fragment 
_entity.details 
1 polymer     man 'epidermal growth factor receptor pathway substrate 8-like protein 1' 15881.384 1  ? ? 
'phosphotyrosine binding (PTB) domain' ? 
2 non-polymer syn 'CALCIUM ION'                                                         40.078    1  ? ? ? ? 
3 water       nat water                                                                 18.015    94 ? ? ? ? 
# 
_entity_name_com.entity_id   1 
_entity_name_com.name        'EPS8 related protein 1' 
# 
_entity_poly.entity_id                      1 
_entity_poly.type                           'polypeptide(L)' 
_entity_poly.nstd_linkage                   no 
_entity_poly.nstd_monomer                   yes 
_entity_poly.pdbx_seq_one_letter_code       
;STVV(MSE)ADVSQYHVNHLVTFCLGEEDGVHTVEDASRKLAV(MSE)DSQGRVWAQE(MSE)LLRVSPSQVTLLDPVSK
EELESYPLDAIVRCDAV(MSE)PRGRSRSLLLLVCQEPERAQPDVHFFQGLLLGAELIREDIQGALQNYRSGRGER
;
_entity_poly.pdbx_seq_one_letter_code_can   
;STVVMADVSQYHVNHLVTFCLGEEDGVHTVEDASRKLAVMDSQGRVWAQEMLLRVSPSQVTLLDPVSKEELESYPLDAIV
RCDAVMPRGRSRSLLLLVCQEPERAQPDVHFFQGLLLGAELIREDIQGALQNYRSGRGER
;
_entity_poly.pdbx_strand_id                 A 
_entity_poly.pdbx_target_identifier         mmt007011014.1 
# 
loop_
_pdbx_entity_nonpoly.entity_id 
_pdbx_entity_nonpoly.name 
_pdbx_entity_nonpoly.comp_id 
2 'CALCIUM ION' CA  
3 water         HOH 
# 
loop_
_entity_poly_seq.entity_id 
_entity_poly_seq.num 
_entity_poly_seq.mon_id 
_entity_poly_seq.hetero 
1 1   SER n 
1 2   THR n 
1 3   VAL n 
1 4   VAL n 
1 5   MSE n 
1 6   ALA n 
1 7   ASP n 
1 8   VAL n 
1 9   SER n 
1 10  GLN n 
1 11  TYR n 
1 12  HIS n 
1 13  VAL n 
1 14  ASN n 
1 15  HIS n 
1 16  LEU n 
1 17  VAL n 
1 18  THR n 
1 19  PHE n 
1 20  CYS n 
1 21  LEU n 
1 22  GLY n 
1 23  GLU n 
1 24  GLU n 
1 25  ASP n 
1 26  GLY n 
1 27  VAL n 
1 28  HIS n 
1 29  THR n 
1 30  VAL n 
1 31  GLU n 
1 32  ASP n 
1 33  ALA n 
1 34  SER n 
1 35  ARG n 
1 36  LYS n 
1 37  LEU n 
1 38  ALA n 
1 39  VAL n 
1 40  MSE n 
1 41  ASP n 
1 42  SER n 
1 43  GLN n 
1 44  GLY n 
1 45  ARG n 
1 46  VAL n 
1 47  TRP n 
1 48  ALA n 
1 49  GLN n 
1 50  GLU n 
1 51  MSE n 
1 52  LEU n 
1 53  LEU n 
1 54  ARG n 
1 55  VAL n 
1 56  SER n 
1 57  PRO n 
1 58  SER n 
1 59  GLN n 
1 60  VAL n 
1 61  THR n 
1 62  LEU n 
1 63  LEU n 
1 64  ASP n 
1 65  PRO n 
1 66  VAL n 
1 67  SER n 
1 68  LYS n 
1 69  GLU n 
1 70  GLU n 
1 71  LEU n 
1 72  GLU n 
1 73  SER n 
1 74  TYR n 
1 75  PRO n 
1 76  LEU n 
1 77  ASP n 
1 78  ALA n 
1 79  ILE n 
1 80  VAL n 
1 81  ARG n 
1 82  CYS n 
1 83  ASP n 
1 84  ALA n 
1 85  VAL n 
1 86  MSE n 
1 87  PRO n 
1 88  ARG n 
1 89  GLY n 
1 90  ARG n 
1 91  SER n 
1 92  ARG n 
1 93  SER n 
1 94  LEU n 
1 95  LEU n 
1 96  LEU n 
1 97  LEU n 
1 98  VAL n 
1 99  CYS n 
1 100 GLN n 
1 101 GLU n 
1 102 PRO n 
1 103 GLU n 
1 104 ARG n 
1 105 ALA n 
1 106 GLN n 
1 107 PRO n 
1 108 ASP n 
1 109 VAL n 
1 110 HIS n 
1 111 PHE n 
1 112 PHE n 
1 113 GLN n 
1 114 GLY n 
1 115 LEU n 
1 116 LEU n 
1 117 LEU n 
1 118 GLY n 
1 119 ALA n 
1 120 GLU n 
1 121 LEU n 
1 122 ILE n 
1 123 ARG n 
1 124 GLU n 
1 125 ASP n 
1 126 ILE n 
1 127 GLN n 
1 128 GLY n 
1 129 ALA n 
1 130 LEU n 
1 131 GLN n 
1 132 ASN n 
1 133 TYR n 
1 134 ARG n 
1 135 SER n 
1 136 GLY n 
1 137 ARG n 
1 138 GLY n 
1 139 GLU n 
1 140 ARG n 
# 
_entity_src_gen.entity_id                          1 
_entity_src_gen.pdbx_src_id                        1 
_entity_src_gen.pdbx_alt_source_flag               sample 
_entity_src_gen.pdbx_seq_type                      ? 
_entity_src_gen.pdbx_beg_seq_num                   ? 
_entity_src_gen.pdbx_end_seq_num                   ? 
_entity_src_gen.gene_src_common_name               'house mouse' 
_entity_src_gen.gene_src_genus                     Mus 
_entity_src_gen.pdbx_gene_src_gene                 ? 
_entity_src_gen.gene_src_species                   ? 
_entity_src_gen.gene_src_strain                    ? 
_entity_src_gen.gene_src_tissue                    ? 
_entity_src_gen.gene_src_tissue_fraction           ? 
_entity_src_gen.gene_src_details                   ? 
_entity_src_gen.pdbx_gene_src_fragment             ? 
_entity_src_gen.pdbx_gene_src_scientific_name      'Mus musculus' 
_entity_src_gen.pdbx_gene_src_ncbi_taxonomy_id     10090 
_entity_src_gen.pdbx_gene_src_variant              ? 
_entity_src_gen.pdbx_gene_src_cell_line            ? 
_entity_src_gen.pdbx_gene_src_atcc                 ? 
_entity_src_gen.pdbx_gene_src_organ                ? 
_entity_src_gen.pdbx_gene_src_organelle            ? 
_entity_src_gen.pdbx_gene_src_cell                 ? 
_entity_src_gen.pdbx_gene_src_cellular_location    ? 
_entity_src_gen.host_org_common_name               ? 
_entity_src_gen.pdbx_host_org_scientific_name      ? 
_entity_src_gen.pdbx_host_org_ncbi_taxonomy_id     ? 
_entity_src_gen.host_org_genus                     ? 
_entity_src_gen.pdbx_host_org_gene                 ? 
_entity_src_gen.pdbx_host_org_organ                ? 
_entity_src_gen.host_org_species                   ? 
_entity_src_gen.pdbx_host_org_tissue               ? 
_entity_src_gen.pdbx_host_org_tissue_fraction      ? 
_entity_src_gen.pdbx_host_org_strain               ? 
_entity_src_gen.pdbx_host_org_variant              ? 
_entity_src_gen.pdbx_host_org_cell_line            ? 
_entity_src_gen.pdbx_host_org_atcc                 ? 
_entity_src_gen.pdbx_host_org_culture_collection   ? 
_entity_src_gen.pdbx_host_org_cell                 ? 
_entity_src_gen.pdbx_host_org_organelle            ? 
_entity_src_gen.pdbx_host_org_cellular_location    ? 
_entity_src_gen.pdbx_host_org_vector_type          plasmid 
_entity_src_gen.pdbx_host_org_vector               ? 
_entity_src_gen.host_org_details                   ? 
_entity_src_gen.expression_system_id               ? 
_entity_src_gen.plasmid_name                       PK030114-32 
_entity_src_gen.plasmid_details                    ? 
_entity_src_gen.pdbx_description                   'cell free synthesis using S30 extract from E. coli' 
# 
loop_
_chem_comp.id 
_chem_comp.type 
_chem_comp.mon_nstd_flag 
_chem_comp.name 
_chem_comp.pdbx_synonyms 
_chem_comp.formula 
_chem_comp.formula_weight 
ALA 'L-peptide linking' y ALANINE          ? 'C3 H7 N O2'     89.093  
ARG 'L-peptide linking' y ARGININE         ? 'C6 H15 N4 O2 1' 175.209 
ASN 'L-peptide linking' y ASPARAGINE       ? 'C4 H8 N2 O3'    132.118 
ASP 'L-peptide linking' y 'ASPARTIC ACID'  ? 'C4 H7 N O4'     133.103 
CA  non-polymer         . 'CALCIUM ION'    ? 'Ca 2'           40.078  
CYS 'L-peptide linking' y CYSTEINE         ? 'C3 H7 N O2 S'   121.158 
GLN 'L-peptide linking' y GLUTAMINE        ? 'C5 H10 N2 O3'   146.144 
GLU 'L-peptide linking' y 'GLUTAMIC ACID'  ? 'C5 H9 N O4'     147.129 
GLY 'peptide linking'   y GLYCINE          ? 'C2 H5 N O2'     75.067  
HIS 'L-peptide linking' y HISTIDINE        ? 'C6 H10 N3 O2 1' 156.162 
HOH non-polymer         . WATER            ? 'H2 O'           18.015  
ILE 'L-peptide linking' y ISOLEUCINE       ? 'C6 H13 N O2'    131.173 
LEU 'L-peptide linking' y LEUCINE          ? 'C6 H13 N O2'    131.173 
LYS 'L-peptide linking' y LYSINE           ? 'C6 H15 N2 O2 1' 147.195 
MET 'L-peptide linking' y METHIONINE       ? 'C5 H11 N O2 S'  149.211 
MSE 'L-peptide linking' n SELENOMETHIONINE ? 'C5 H11 N O2 Se' 196.106 
PHE 'L-peptide linking' y PHENYLALANINE    ? 'C9 H11 N O2'    165.189 
PRO 'L-peptide linking' y PROLINE          ? 'C5 H9 N O2'     115.130 
SER 'L-peptide linking' y SERINE           ? 'C3 H7 N O3'     105.093 
THR 'L-peptide linking' y THREONINE        ? 'C4 H9 N O3'     119.119 
TRP 'L-peptide linking' y TRYPTOPHAN       ? 'C11 H12 N2 O2'  204.225 
TYR 'L-peptide linking' y TYROSINE         ? 'C9 H11 N O3'    181.189 
VAL 'L-peptide linking' y VALINE           ? 'C5 H11 N O2'    117.146 
# 
loop_
_pdbx_poly_seq_scheme.asym_id 
_pdbx_poly_seq_scheme.entity_id 
_pdbx_poly_seq_scheme.seq_id 
_pdbx_poly_seq_scheme.mon_id 
_pdbx_poly_seq_scheme.ndb_seq_num 
_pdbx_poly_seq_scheme.pdb_seq_num 
_pdbx_poly_seq_scheme.auth_seq_num 
_pdbx_poly_seq_scheme.pdb_mon_id 
_pdbx_poly_seq_scheme.auth_mon_id 
_pdbx_poly_seq_scheme.pdb_strand_id 
_pdbx_poly_seq_scheme.pdb_ins_code 
_pdbx_poly_seq_scheme.hetero 
A 1 1   SER 1   26  ?   ?   ?   A . n 
A 1 2   THR 2   27  ?   ?   ?   A . n 
A 1 3   VAL 3   28  ?   ?   ?   A . n 
A 1 4   VAL 4   29  ?   ?   ?   A . n 
A 1 5   MSE 5   30  30  MSE MSE A . n 
A 1 6   ALA 6   31  31  ALA ALA A . n 
A 1 7   ASP 7   32  32  ASP ASP A . n 
A 1 8   VAL 8   33  33  VAL VAL A . n 
A 1 9   SER 9   34  34  SER SER A . n 
A 1 10  GLN 10  35  35  GLN GLN A . n 
A 1 11  TYR 11  36  36  TYR TYR A . n 
A 1 12  HIS 12  37  37  HIS HIS A . n 
A 1 13  VAL 13  38  38  VAL VAL A . n 
A 1 14  ASN 14  39  39  ASN ASN A . n 
A 1 15  HIS 15  40  40  HIS HIS A . n 
A 1 16  LEU 16  41  41  LEU LEU A . n 
A 1 17  VAL 17  42  42  VAL VAL A . n 
A 1 18  THR 18  43  43  THR THR A . n 
A 1 19  PHE 19  44  44  PHE PHE A . n 
A 1 20  CYS 20  45  45  CYS CYS A . n 
A 1 21  LEU 21  46  46  LEU LEU A . n 
A 1 22  GLY 22  47  47  GLY GLY A . n 
A 1 23  GLU 23  48  48  GLU GLU A . n 
A 1 24  GLU 24  49  49  GLU GLU A . n 
A 1 25  ASP 25  50  50  ASP ASP A . n 
A 1 26  GLY 26  51  51  GLY GLY A . n 
A 1 27  VAL 27  52  52  VAL VAL A . n 
A 1 28  HIS 28  53  53  HIS HIS A . n 
A 1 29  THR 29  54  54  THR THR A . n 
A 1 30  VAL 30  55  55  VAL VAL A . n 
A 1 31  GLU 31  56  56  GLU GLU A . n 
A 1 32  ASP 32  57  57  ASP ASP A . n 
A 1 33  ALA 33  58  58  ALA ALA A . n 
A 1 34  SER 34  59  59  SER SER A . n 
A 1 35  ARG 35  60  60  ARG ARG A . n 
A 1 36  LYS 36  61  61  LYS LYS A . n 
A 1 37  LEU 37  62  62  LEU LEU A . n 
A 1 38  ALA 38  63  63  ALA ALA A . n 
A 1 39  VAL 39  64  64  VAL VAL A . n 
A 1 40  MSE 40  65  65  MSE MSE A . n 
A 1 41  ASP 41  66  66  ASP ASP A . n 
A 1 42  SER 42  67  67  SER SER A . n 
A 1 43  GLN 43  68  68  GLN GLN A . n 
A 1 44  GLY 44  69  69  GLY GLY A . n 
A 1 45  ARG 45  70  70  ARG ARG A . n 
A 1 46  VAL 46  71  71  VAL VAL A . n 
A 1 47  TRP 47  72  72  TRP TRP A . n 
A 1 48  ALA 48  73  73  ALA ALA A . n 
A 1 49  GLN 49  74  74  GLN GLN A . n 
A 1 50  GLU 50  75  75  GLU GLU A . n 
A 1 51  MSE 51  76  76  MSE MSE A . n 
A 1 52  LEU 52  77  77  LEU LEU A . n 
A 1 53  LEU 53  78  78  LEU LEU A . n 
A 1 54  ARG 54  79  79  ARG ARG A . n 
A 1 55  VAL 55  80  80  VAL VAL A . n 
A 1 56  SER 56  81  81  SER SER A . n 
A 1 57  PRO 57  82  82  PRO PRO A . n 
A 1 58  SER 58  83  83  SER SER A . n 
A 1 59  GLN 59  84  84  GLN GLN A . n 
A 1 60  VAL 60  85  85  VAL VAL A . n 
A 1 61  THR 61  86  86  THR THR A . n 
A 1 62  LEU 62  87  87  LEU LEU A . n 
A 1 63  LEU 63  88  88  LEU LEU A . n 
A 1 64  ASP 64  89  89  ASP ASP A . n 
A 1 65  PRO 65  90  90  PRO PRO A . n 
A 1 66  VAL 66  91  91  VAL VAL A . n 
A 1 67  SER 67  92  92  SER SER A . n 
A 1 68  LYS 68  93  93  LYS LYS A . n 
A 1 69  GLU 69  94  94  GLU GLU A . n 
A 1 70  GLU 70  95  95  GLU GLU A . n 
A 1 71  LEU 71  96  96  LEU LEU A . n 
A 1 72  GLU 72  97  97  GLU GLU A . n 
A 1 73  SER 73  98  98  SER SER A . n 
A 1 74  TYR 74  99  99  TYR TYR A . n 
A 1 75  PRO 75  100 100 PRO PRO A . n 
A 1 76  LEU 76  101 101 LEU LEU A . n 
A 1 77  ASP 77  102 102 ASP ASP A . n 
A 1 78  ALA 78  103 103 ALA ALA A . n 
A 1 79  ILE 79  104 104 ILE ILE A . n 
A 1 80  VAL 80  105 105 VAL VAL A . n 
A 1 81  ARG 81  106 106 ARG ARG A . n 
A 1 82  CYS 82  107 107 CYS CYS A . n 
A 1 83  ASP 83  108 108 ASP ASP A . n 
A 1 84  ALA 84  109 109 ALA ALA A . n 
A 1 85  VAL 85  110 110 VAL VAL A . n 
A 1 86  MSE 86  111 111 MSE MSE A . n 
A 1 87  PRO 87  112 112 PRO PRO A . n 
A 1 88  ARG 88  113 113 ARG ARG A . n 
A 1 89  GLY 89  114 114 GLY GLY A . n 
A 1 90  ARG 90  115 115 ARG ARG A . n 
A 1 91  SER 91  116 116 SER SER A . n 
A 1 92  ARG 92  117 117 ARG ARG A . n 
A 1 93  SER 93  118 118 SER SER A . n 
A 1 94  LEU 94  119 119 LEU LEU A . n 
A 1 95  LEU 95  120 120 LEU LEU A . n 
A 1 96  LEU 96  121 121 LEU LEU A . n 
A 1 97  LEU 97  122 122 LEU LEU A . n 
A 1 98  VAL 98  123 123 VAL VAL A . n 
A 1 99  CYS 99  124 124 CYS CYS A . n 
A 1 100 GLN 100 125 125 GLN GLN A . n 
A 1 101 GLU 101 126 126 GLU GLU A . n 
A 1 102 PRO 102 127 127 PRO PRO A . n 
A 1 103 GLU 103 128 128 GLU GLU A . n 
A 1 104 ARG 104 129 129 ARG ARG A . n 
A 1 105 ALA 105 130 130 ALA ALA A . n 
A 1 106 GLN 106 131 131 GLN GLN A . n 
A 1 107 PRO 107 132 132 PRO PRO A . n 
A 1 108 ASP 108 133 133 ASP ASP A . n 
A 1 109 VAL 109 134 134 VAL VAL A . n 
A 1 110 HIS 110 135 135 HIS HIS A . n 
A 1 111 PHE 111 136 136 PHE PHE A . n 
A 1 112 PHE 112 137 137 PHE PHE A . n 
A 1 113 GLN 113 138 138 GLN GLN A . n 
A 1 114 GLY 114 139 139 GLY GLY A . n 
A 1 115 LEU 115 140 140 LEU LEU A . n 
A 1 116 LEU 116 141 141 LEU LEU A . n 
A 1 117 LEU 117 142 142 LEU LEU A . n 
A 1 118 GLY 118 143 143 GLY GLY A . n 
A 1 119 ALA 119 144 144 ALA ALA A . n 
A 1 120 GLU 120 145 145 GLU GLU A . n 
A 1 121 LEU 121 146 146 LEU LEU A . n 
A 1 122 ILE 122 147 147 ILE ILE A . n 
A 1 123 ARG 123 148 148 ARG ARG A . n 
A 1 124 GLU 124 149 149 GLU GLU A . n 
A 1 125 ASP 125 150 150 ASP ASP A . n 
A 1 126 ILE 126 151 151 ILE ILE A . n 
A 1 127 GLN 127 152 152 GLN GLN A . n 
A 1 128 GLY 128 153 153 GLY GLY A . n 
A 1 129 ALA 129 154 154 ALA ALA A . n 
A 1 130 LEU 130 155 155 LEU LEU A . n 
A 1 131 GLN 131 156 156 GLN GLN A . n 
A 1 132 ASN 132 157 157 ASN ASN A . n 
A 1 133 TYR 133 158 158 TYR TYR A . n 
A 1 134 ARG 134 159 159 ARG ARG A . n 
A 1 135 SER 135 160 ?   ?   ?   A . n 
A 1 136 GLY 136 161 ?   ?   ?   A . n 
A 1 137 ARG 137 162 ?   ?   ?   A . n 
A 1 138 GLY 138 163 ?   ?   ?   A . n 
A 1 139 GLU 139 164 ?   ?   ?   A . n 
A 1 140 ARG 140 165 ?   ?   ?   A . n 
# 
loop_
_pdbx_nonpoly_scheme.asym_id 
_pdbx_nonpoly_scheme.entity_id 
_pdbx_nonpoly_scheme.mon_id 
_pdbx_nonpoly_scheme.ndb_seq_num 
_pdbx_nonpoly_scheme.pdb_seq_num 
_pdbx_nonpoly_scheme.auth_seq_num 
_pdbx_nonpoly_scheme.pdb_mon_id 
_pdbx_nonpoly_scheme.auth_mon_id 
_pdbx_nonpoly_scheme.pdb_strand_id 
_pdbx_nonpoly_scheme.pdb_ins_code 
B 2 CA  1  1500 1500 CA  CA  A . 
C 3 HOH 1  1    1    HOH HOH A . 
C 3 HOH 2  2    2    HOH HOH A . 
C 3 HOH 3  3    3    HOH HOH A . 
C 3 HOH 4  4    4    HOH HOH A . 
C 3 HOH 5  5    5    HOH HOH A . 
C 3 HOH 6  6    6    HOH HOH A . 
C 3 HOH 7  7    7    HOH HOH A . 
C 3 HOH 8  8    8    HOH HOH A . 
C 3 HOH 9  9    9    HOH HOH A . 
C 3 HOH 10 10   10   HOH HOH A . 
C 3 HOH 11 11   11   HOH HOH A . 
C 3 HOH 12 12   12   HOH HOH A . 
C 3 HOH 13 13   13   HOH HOH A . 
C 3 HOH 14 14   14   HOH HOH A . 
C 3 HOH 15 15   15   HOH HOH A . 
C 3 HOH 16 16   16   HOH HOH A . 
C 3 HOH 17 17   17   HOH HOH A . 
C 3 HOH 18 18   18   HOH HOH A . 
C 3 HOH 19 19   19   HOH HOH A . 
C 3 HOH 20 20   20   HOH HOH A . 
C 3 HOH 21 22   22   HOH HOH A . 
C 3 HOH 22 23   23   HOH HOH A . 
C 3 HOH 23 200  200  HOH HOH A . 
C 3 HOH 24 201  201  HOH HOH A . 
C 3 HOH 25 202  202  HOH HOH A . 
C 3 HOH 26 203  203  HOH HOH A . 
C 3 HOH 27 204  204  HOH HOH A . 
C 3 HOH 28 205  205  HOH HOH A . 
C 3 HOH 29 206  206  HOH HOH A . 
C 3 HOH 30 207  207  HOH HOH A . 
C 3 HOH 31 208  208  HOH HOH A . 
C 3 HOH 32 209  209  HOH HOH A . 
C 3 HOH 33 211  211  HOH HOH A . 
C 3 HOH 34 212  212  HOH HOH A . 
C 3 HOH 35 213  213  HOH HOH A . 
C 3 HOH 36 216  216  HOH HOH A . 
C 3 HOH 37 217  217  HOH HOH A . 
C 3 HOH 38 300  300  HOH HOH A . 
C 3 HOH 39 301  301  HOH HOH A . 
C 3 HOH 40 303  303  HOH HOH A . 
C 3 HOH 41 304  304  HOH HOH A . 
C 3 HOH 42 305  305  HOH HOH A . 
C 3 HOH 43 306  306  HOH HOH A . 
C 3 HOH 44 307  307  HOH HOH A . 
C 3 HOH 45 308  308  HOH HOH A . 
C 3 HOH 46 309  309  HOH HOH A . 
C 3 HOH 47 310  310  HOH HOH A . 
C 3 HOH 48 311  311  HOH HOH A . 
C 3 HOH 49 312  312  HOH HOH A . 
C 3 HOH 50 313  313  HOH HOH A . 
C 3 HOH 51 315  315  HOH HOH A . 
C 3 HOH 52 316  316  HOH HOH A . 
C 3 HOH 53 317  317  HOH HOH A . 
C 3 HOH 54 318  318  HOH HOH A . 
C 3 HOH 55 319  319  HOH HOH A . 
C 3 HOH 56 321  321  HOH HOH A . 
C 3 HOH 57 500  500  HOH HOH A . 
C 3 HOH 58 501  501  HOH HOH A . 
C 3 HOH 59 502  502  HOH HOH A . 
C 3 HOH 60 503  503  HOH HOH A . 
C 3 HOH 61 504  504  HOH HOH A . 
C 3 HOH 62 505  505  HOH HOH A . 
C 3 HOH 63 506  506  HOH HOH A . 
C 3 HOH 64 507  507  HOH HOH A . 
C 3 HOH 65 508  508  HOH HOH A . 
C 3 HOH 66 509  509  HOH HOH A . 
C 3 HOH 67 510  510  HOH HOH A . 
C 3 HOH 68 511  511  HOH HOH A . 
C 3 HOH 69 512  512  HOH HOH A . 
C 3 HOH 70 513  513  HOH HOH A . 
C 3 HOH 71 514  514  HOH HOH A . 
C 3 HOH 72 515  515  HOH HOH A . 
C 3 HOH 73 516  516  HOH HOH A . 
C 3 HOH 74 517  517  HOH HOH A . 
C 3 HOH 75 800  800  HOH HOH A . 
C 3 HOH 76 801  801  HOH HOH A . 
C 3 HOH 77 802  802  HOH HOH A . 
C 3 HOH 78 803  803  HOH HOH A . 
C 3 HOH 79 804  804  HOH HOH A . 
C 3 HOH 80 805  805  HOH HOH A . 
C 3 HOH 81 806  806  HOH HOH A . 
C 3 HOH 82 808  808  HOH HOH A . 
C 3 HOH 83 809  809  HOH HOH A . 
C 3 HOH 84 810  810  HOH HOH A . 
C 3 HOH 85 811  811  HOH HOH A . 
C 3 HOH 86 814  814  HOH HOH A . 
C 3 HOH 87 1000 1000 HOH HOH A . 
C 3 HOH 88 1001 1001 HOH HOH A . 
C 3 HOH 89 1002 1002 HOH HOH A . 
C 3 HOH 90 1003 1003 HOH HOH A . 
C 3 HOH 91 1006 1006 HOH HOH A . 
C 3 HOH 92 1008 1008 HOH HOH A . 
C 3 HOH 93 1009 1009 HOH HOH A . 
C 3 HOH 94 1010 1010 HOH HOH A . 
# 
loop_
_software.name 
_software.classification 
_software.version 
_software.citation_id 
_software.pdbx_ordinal 
CNS       refinement       1.1 ? 1 
HKL-2000  'data reduction' .   ? 2 
SCALEPACK 'data scaling'   .   ? 3 
MOLREP    phasing          .   ? 4 
# 
_cell.entry_id           2CY5 
_cell.length_a           73.385 
_cell.length_b           73.385 
_cell.length_c           59.889 
_cell.angle_alpha        90.00 
_cell.angle_beta         90.00 
_cell.angle_gamma        120.00 
_cell.Z_PDB              6 
_cell.pdbx_unique_axis   ? 
_cell.length_a_esd       ? 
_cell.length_b_esd       ? 
_cell.length_c_esd       ? 
_cell.angle_alpha_esd    ? 
_cell.angle_beta_esd     ? 
_cell.angle_gamma_esd    ? 
# 
_symmetry.entry_id                         2CY5 
_symmetry.space_group_name_H-M             'P 31 2 1' 
_symmetry.pdbx_full_space_group_name_H-M   ? 
_symmetry.cell_setting                     ? 
_symmetry.Int_Tables_number                152 
_symmetry.space_group_name_Hall            ? 
# 
_exptl.entry_id          2CY5 
_exptl.method            'X-RAY DIFFRACTION' 
_exptl.crystals_number   1 
# 
_exptl_crystal.id                    1 
_exptl_crystal.density_meas          ? 
_exptl_crystal.density_Matthews      2.97 
_exptl_crystal.density_percent_sol   57.8 
_exptl_crystal.description           ? 
_exptl_crystal.F_000                 ? 
_exptl_crystal.preparation           ? 
# 
_exptl_crystal_grow.crystal_id      1 
_exptl_crystal_grow.method          'VAPOR DIFFUSION, HANGING DROP' 
_exptl_crystal_grow.temp            293 
_exptl_crystal_grow.temp_details    ? 
_exptl_crystal_grow.pH              7.5 
_exptl_crystal_grow.pdbx_details    
'PEG400, HEPES, Tris, calcium chloride, sodium chloride, pH 7.5, VAPOR DIFFUSION, HANGING DROP, temperature 293K' 
_exptl_crystal_grow.pdbx_pH_range   . 
# 
_diffrn.id                     1 
_diffrn.ambient_temp           100 
_diffrn.ambient_temp_details   ? 
_diffrn.crystal_id             1 
# 
_diffrn_detector.diffrn_id              1 
_diffrn_detector.detector               CCD 
_diffrn_detector.type                   'RIGAKU JUPITER 210' 
_diffrn_detector.pdbx_collection_date   2004-11-07 
_diffrn_detector.details                ? 
# 
_diffrn_radiation.diffrn_id                        1 
_diffrn_radiation.wavelength_id                    1 
_diffrn_radiation.pdbx_monochromatic_or_laue_m_l   M 
_diffrn_radiation.monochromator                    ? 
_diffrn_radiation.pdbx_diffrn_protocol             'SINGLE WAVELENGTH' 
_diffrn_radiation.pdbx_scattering_type             x-ray 
# 
_diffrn_radiation_wavelength.id           1 
_diffrn_radiation_wavelength.wavelength   1.00000 
_diffrn_radiation_wavelength.wt           1.0 
# 
_diffrn_source.diffrn_id                   1 
_diffrn_source.source                      SYNCHROTRON 
_diffrn_source.type                        'SPRING-8 BEAMLINE BL26B1' 
_diffrn_source.pdbx_synchrotron_site       SPring-8 
_diffrn_source.pdbx_synchrotron_beamline   BL26B1 
_diffrn_source.pdbx_wavelength             ? 
_diffrn_source.pdbx_wavelength_list        1.00000 
# 
_reflns.entry_id                     2CY5 
_reflns.observed_criterion_sigma_I   ? 
_reflns.observed_criterion_sigma_F   ? 
_reflns.d_resolution_low             50 
_reflns.d_resolution_high            1.9 
_reflns.number_obs                   14823 
_reflns.number_all                   ? 
_reflns.percent_possible_obs         ? 
_reflns.pdbx_Rmerge_I_obs            ? 
_reflns.pdbx_Rsym_value              ? 
_reflns.pdbx_netI_over_sigmaI        ? 
_reflns.B_iso_Wilson_estimate        27.5 
_reflns.pdbx_redundancy              ? 
_reflns.R_free_details               ? 
_reflns.limit_h_max                  ? 
_reflns.limit_h_min                  ? 
_reflns.limit_k_max                  ? 
_reflns.limit_k_min                  ? 
_reflns.limit_l_max                  ? 
_reflns.limit_l_min                  ? 
_reflns.observed_criterion_F_max     ? 
_reflns.observed_criterion_F_min     ? 
_reflns.pdbx_chi_squared             ? 
_reflns.pdbx_scaling_rejects         ? 
_reflns.pdbx_diffrn_id               1 
_reflns.pdbx_ordinal                 1 
# 
_refine.entry_id                                 2CY5 
_refine.ls_number_reflns_obs                     14817 
_refine.ls_number_reflns_all                     ? 
_refine.pdbx_ls_sigma_I                          ? 
_refine.pdbx_ls_sigma_F                          0.0 
_refine.pdbx_data_cutoff_high_absF               1538987.58 
_refine.pdbx_data_cutoff_low_absF                0.000000 
_refine.pdbx_data_cutoff_high_rms_absF           ? 
_refine.ls_d_res_low                             19.97 
_refine.ls_d_res_high                            1.90 
_refine.ls_percent_reflns_obs                    98.7 
_refine.ls_R_factor_obs                          0.206 
_refine.ls_R_factor_all                          ? 
_refine.ls_R_factor_R_work                       0.206 
_refine.ls_R_factor_R_free                       0.234 
_refine.ls_R_factor_R_free_error                 0.009 
_refine.ls_R_factor_R_free_error_details         ? 
_refine.ls_percent_reflns_R_free                 5.0 
_refine.ls_number_reflns_R_free                  737 
_refine.ls_number_parameters                     ? 
_refine.ls_number_restraints                     ? 
_refine.occupancy_min                            ? 
_refine.occupancy_max                            ? 
_refine.correlation_coeff_Fo_to_Fc               ? 
_refine.correlation_coeff_Fo_to_Fc_free          ? 
_refine.B_iso_mean                               50.8 
_refine.aniso_B[1][1]                            0.91 
_refine.aniso_B[2][2]                            0.91 
_refine.aniso_B[3][3]                            -1.82 
_refine.aniso_B[1][2]                            2.10 
_refine.aniso_B[1][3]                            0.00 
_refine.aniso_B[2][3]                            0.00 
_refine.solvent_model_details                    'FLAT MODEL' 
_refine.solvent_model_param_ksol                 0.404066 
_refine.solvent_model_param_bsol                 71.2109 
_refine.pdbx_solvent_vdw_probe_radii             ? 
_refine.pdbx_solvent_ion_probe_radii             ? 
_refine.pdbx_solvent_shrinkage_radii             ? 
_refine.pdbx_ls_cross_valid_method               THROUGHOUT 
_refine.details                                  ? 
_refine.pdbx_starting_model                      ? 
_refine.pdbx_method_to_determine_struct          'MOLECULAR REPLACEMENT' 
_refine.pdbx_isotropic_thermal_model             RESTRAINED 
_refine.pdbx_stereochemistry_target_values       ? 
_refine.pdbx_stereochem_target_val_spec_case     ? 
_refine.pdbx_R_Free_selection_details            RANDOM 
_refine.pdbx_overall_ESU_R                       ? 
_refine.pdbx_overall_ESU_R_Free                  ? 
_refine.overall_SU_ML                            ? 
_refine.overall_SU_B                             ? 
_refine.ls_redundancy_reflns_obs                 ? 
_refine.B_iso_min                                ? 
_refine.B_iso_max                                ? 
_refine.overall_SU_R_Cruickshank_DPI             ? 
_refine.overall_SU_R_free                        ? 
_refine.ls_wR_factor_R_free                      ? 
_refine.ls_wR_factor_R_work                      ? 
_refine.overall_FOM_free_R_set                   ? 
_refine.overall_FOM_work_R_set                   ? 
_refine.pdbx_refine_id                           'X-RAY DIFFRACTION' 
_refine.pdbx_diffrn_id                           1 
_refine.pdbx_TLS_residual_ADP_flag               ? 
_refine.pdbx_overall_phase_error                 ? 
_refine.pdbx_overall_SU_R_free_Cruickshank_DPI   ? 
_refine.pdbx_overall_SU_R_Blow_DPI               ? 
_refine.pdbx_overall_SU_R_free_Blow_DPI          ? 
# 
_refine_analyze.entry_id                        2CY5 
_refine_analyze.Luzzati_coordinate_error_obs    0.22 
_refine_analyze.Luzzati_sigma_a_obs             0.16 
_refine_analyze.Luzzati_d_res_low_obs           5.00 
_refine_analyze.Luzzati_coordinate_error_free   0.28 
_refine_analyze.Luzzati_sigma_a_free            0.19 
_refine_analyze.Luzzati_d_res_low_free          ? 
_refine_analyze.number_disordered_residues      ? 
_refine_analyze.occupancy_sum_hydrogen          ? 
_refine_analyze.occupancy_sum_non_hydrogen      ? 
_refine_analyze.pdbx_Luzzati_d_res_high_obs     ? 
_refine_analyze.pdbx_refine_id                  'X-RAY DIFFRACTION' 
# 
_refine_hist.pdbx_refine_id                   'X-RAY DIFFRACTION' 
_refine_hist.cycle_id                         LAST 
_refine_hist.pdbx_number_atoms_protein        1025 
_refine_hist.pdbx_number_atoms_nucleic_acid   0 
_refine_hist.pdbx_number_atoms_ligand         1 
_refine_hist.number_atoms_solvent             94 
_refine_hist.number_atoms_total               1120 
_refine_hist.d_res_high                       1.90 
_refine_hist.d_res_low                        19.97 
# 
loop_
_refine_ls_restr.type 
_refine_ls_restr.dev_ideal 
_refine_ls_restr.dev_ideal_target 
_refine_ls_restr.weight 
_refine_ls_restr.number 
_refine_ls_restr.pdbx_refine_id 
_refine_ls_restr.pdbx_restraint_function 
c_bond_d                0.036 ? ? ? 'X-RAY DIFFRACTION' ? 
c_bond_d_na             ?     ? ? ? 'X-RAY DIFFRACTION' ? 
c_bond_d_prot           ?     ? ? ? 'X-RAY DIFFRACTION' ? 
c_angle_d               ?     ? ? ? 'X-RAY DIFFRACTION' ? 
c_angle_d_na            ?     ? ? ? 'X-RAY DIFFRACTION' ? 
c_angle_d_prot          ?     ? ? ? 'X-RAY DIFFRACTION' ? 
c_angle_deg             2.9   ? ? ? 'X-RAY DIFFRACTION' ? 
c_angle_deg_na          ?     ? ? ? 'X-RAY DIFFRACTION' ? 
c_angle_deg_prot        ?     ? ? ? 'X-RAY DIFFRACTION' ? 
c_dihedral_angle_d      26.0  ? ? ? 'X-RAY DIFFRACTION' ? 
c_dihedral_angle_d_na   ?     ? ? ? 'X-RAY DIFFRACTION' ? 
c_dihedral_angle_d_prot ?     ? ? ? 'X-RAY DIFFRACTION' ? 
c_improper_angle_d      2.00  ? ? ? 'X-RAY DIFFRACTION' ? 
c_improper_angle_d_na   ?     ? ? ? 'X-RAY DIFFRACTION' ? 
c_improper_angle_d_prot ?     ? ? ? 'X-RAY DIFFRACTION' ? 
c_mcbond_it             ?     ? ? ? 'X-RAY DIFFRACTION' ? 
c_mcangle_it            ?     ? ? ? 'X-RAY DIFFRACTION' ? 
c_scbond_it             ?     ? ? ? 'X-RAY DIFFRACTION' ? 
c_scangle_it            ?     ? ? ? 'X-RAY DIFFRACTION' ? 
# 
_refine_ls_shell.pdbx_total_number_of_bins_used   6 
_refine_ls_shell.d_res_high                       1.90 
_refine_ls_shell.d_res_low                        2.02 
_refine_ls_shell.number_reflns_R_work             2292 
_refine_ls_shell.R_factor_R_work                  0.242 
_refine_ls_shell.percent_reflns_obs               98.2 
_refine_ls_shell.R_factor_R_free                  0.284 
_refine_ls_shell.R_factor_R_free_error            0.026 
_refine_ls_shell.percent_reflns_R_free            5.1 
_refine_ls_shell.number_reflns_R_free             122 
_refine_ls_shell.number_reflns_obs                ? 
_refine_ls_shell.redundancy_reflns_obs            ? 
_refine_ls_shell.number_reflns_all                ? 
_refine_ls_shell.R_factor_all                     ? 
_refine_ls_shell.pdbx_refine_id                   'X-RAY DIFFRACTION' 
# 
_struct.entry_id                  2CY5 
_struct.title                     
;Crystal structure of phosphotyrosine binding (PTB) domain of epidermal growth factor receptor pathway substrate-8 (EPS8) related protein 1 from Mus musculus (form-2 crystal)
;
_struct.pdbx_model_details        ? 
_struct.pdbx_CASP_flag            ? 
_struct.pdbx_model_type_details   ? 
# 
_struct_keywords.entry_id        2CY5 
_struct_keywords.pdbx_keywords   'SIGNALING PROTEIN' 
_struct_keywords.text            
;structural genomics, signal transduction, phosphorylation, PTB domain, NPPSFA, National Project on Protein Structural and Functional Analyses, RIKEN Structural Genomics/Proteomics Initiative, RSGI, SIGNALING PROTEIN
;
# 
loop_
_struct_asym.id 
_struct_asym.pdbx_blank_PDB_chainid_flag 
_struct_asym.pdbx_modified 
_struct_asym.entity_id 
_struct_asym.details 
A N N 1 ? 
B N N 2 ? 
C N N 3 ? 
# 
_struct_ref.id                         1 
_struct_ref.db_name                    GB 
_struct_ref.db_code                    NP_080422 
_struct_ref.pdbx_db_accession          18874094 
_struct_ref.entity_id                  1 
_struct_ref.pdbx_seq_one_letter_code   
;STVVMADVSQYHVNHLVTFCLGEEDGVHTVEDASRKLAVMDSQGRVWAQEMLLRVSPSQVTLLDPVSKEELESYPLDAIV
RCDAVMPRGRSRSLLLLVCQEPERAQPDVHFFQGLLLGAELIREDIQGALQNYRSGRGER
;
_struct_ref.pdbx_align_begin           26 
_struct_ref.pdbx_db_isoform            ? 
# 
_struct_ref_seq.align_id                      1 
_struct_ref_seq.ref_id                        1 
_struct_ref_seq.pdbx_PDB_id_code              2CY5 
_struct_ref_seq.pdbx_strand_id                A 
_struct_ref_seq.seq_align_beg                 1 
_struct_ref_seq.pdbx_seq_align_beg_ins_code   ? 
_struct_ref_seq.seq_align_end                 140 
_struct_ref_seq.pdbx_seq_align_end_ins_code   ? 
_struct_ref_seq.pdbx_db_accession             18874094 
_struct_ref_seq.db_align_beg                  26 
_struct_ref_seq.pdbx_db_align_beg_ins_code    ? 
_struct_ref_seq.db_align_end                  165 
_struct_ref_seq.pdbx_db_align_end_ins_code    ? 
_struct_ref_seq.pdbx_auth_seq_align_beg       26 
_struct_ref_seq.pdbx_auth_seq_align_end       165 
# 
loop_
_struct_ref_seq_dif.align_id 
_struct_ref_seq_dif.pdbx_pdb_id_code 
_struct_ref_seq_dif.mon_id 
_struct_ref_seq_dif.pdbx_pdb_strand_id 
_struct_ref_seq_dif.seq_num 
_struct_ref_seq_dif.pdbx_pdb_ins_code 
_struct_ref_seq_dif.pdbx_seq_db_name 
_struct_ref_seq_dif.pdbx_seq_db_accession_code 
_struct_ref_seq_dif.db_mon_id 
_struct_ref_seq_dif.pdbx_seq_db_seq_num 
_struct_ref_seq_dif.details 
_struct_ref_seq_dif.pdbx_auth_seq_num 
_struct_ref_seq_dif.pdbx_ordinal 
1 2CY5 MSE A 5  ? GB 18874094 MET 30  'modified residue' 30  1 
1 2CY5 MSE A 40 ? GB 18874094 MET 65  'modified residue' 65  2 
1 2CY5 MSE A 51 ? GB 18874094 MET 76  'modified residue' 76  3 
1 2CY5 MSE A 86 ? GB 18874094 MET 111 'modified residue' 111 4 
# 
_pdbx_struct_assembly.id                   1 
_pdbx_struct_assembly.details              author_defined_assembly 
_pdbx_struct_assembly.method_details       ? 
_pdbx_struct_assembly.oligomeric_details   dimeric 
_pdbx_struct_assembly.oligomeric_count     2 
# 
_pdbx_struct_assembly_gen.assembly_id       1 
_pdbx_struct_assembly_gen.oper_expression   1,2 
_pdbx_struct_assembly_gen.asym_id_list      A,B,C 
# 
loop_
_pdbx_struct_oper_list.id 
_pdbx_struct_oper_list.type 
_pdbx_struct_oper_list.name 
_pdbx_struct_oper_list.symmetry_operation 
_pdbx_struct_oper_list.matrix[1][1] 
_pdbx_struct_oper_list.matrix[1][2] 
_pdbx_struct_oper_list.matrix[1][3] 
_pdbx_struct_oper_list.vector[1] 
_pdbx_struct_oper_list.matrix[2][1] 
_pdbx_struct_oper_list.matrix[2][2] 
_pdbx_struct_oper_list.matrix[2][3] 
_pdbx_struct_oper_list.vector[2] 
_pdbx_struct_oper_list.matrix[3][1] 
_pdbx_struct_oper_list.matrix[3][2] 
_pdbx_struct_oper_list.matrix[3][3] 
_pdbx_struct_oper_list.vector[3] 
1 'identity operation'         1_555 x,y,z         1.0000000000 0.0000000000  0.0000000000 0.0000000000   0.0000000000  1.0000000000  0.0000000000  0.0000000000   0.0000000000 0.0000000000  1.0000000000  0.0000000000  
2 'crystal symmetry operation' 5_555 x-y,-y,-z+2/3 0.3815293916 -0.0207805154 0.9241230943 -13.3125431881 -0.0207805154 -0.9996874263 -0.0139003588 -10.9092030429 0.9241230943 -0.0139003588 -0.3818419654 19.6564407287 
# 
loop_
_struct_conf.conf_type_id 
_struct_conf.id 
_struct_conf.pdbx_PDB_helix_id 
_struct_conf.beg_label_comp_id 
_struct_conf.beg_label_asym_id 
_struct_conf.beg_label_seq_id 
_struct_conf.pdbx_beg_PDB_ins_code 
_struct_conf.end_label_comp_id 
_struct_conf.end_label_asym_id 
_struct_conf.end_label_seq_id 
_struct_conf.pdbx_end_PDB_ins_code 
_struct_conf.beg_auth_comp_id 
_struct_conf.beg_auth_asym_id 
_struct_conf.beg_auth_seq_id 
_struct_conf.end_auth_comp_id 
_struct_conf.end_auth_asym_id 
_struct_conf.end_auth_seq_id 
_struct_conf.pdbx_PDB_helix_class 
_struct_conf.details 
_struct_conf.pdbx_PDB_helix_length 
HELX_P HELX_P1 1 THR A 29  ? GLN A 43  ? THR A 54  GLN A 68  1 ? 15 
HELX_P HELX_P2 2 LEU A 117 ? ARG A 134 ? LEU A 142 ARG A 159 1 ? 18 
# 
_struct_conf_type.id          HELX_P 
_struct_conf_type.criteria    ? 
_struct_conf_type.reference   ? 
# 
loop_
_struct_conn.id 
_struct_conn.conn_type_id 
_struct_conn.pdbx_leaving_atom_flag 
_struct_conn.pdbx_PDB_id 
_struct_conn.ptnr1_label_asym_id 
_struct_conn.ptnr1_label_comp_id 
_struct_conn.ptnr1_label_seq_id 
_struct_conn.ptnr1_label_atom_id 
_struct_conn.pdbx_ptnr1_label_alt_id 
_struct_conn.pdbx_ptnr1_PDB_ins_code 
_struct_conn.pdbx_ptnr1_standard_comp_id 
_struct_conn.ptnr1_symmetry 
_struct_conn.ptnr2_label_asym_id 
_struct_conn.ptnr2_label_comp_id 
_struct_conn.ptnr2_label_seq_id 
_struct_conn.ptnr2_label_atom_id 
_struct_conn.pdbx_ptnr2_label_alt_id 
_struct_conn.pdbx_ptnr2_PDB_ins_code 
_struct_conn.ptnr1_auth_asym_id 
_struct_conn.ptnr1_auth_comp_id 
_struct_conn.ptnr1_auth_seq_id 
_struct_conn.ptnr2_auth_asym_id 
_struct_conn.ptnr2_auth_comp_id 
_struct_conn.ptnr2_auth_seq_id 
_struct_conn.ptnr2_symmetry 
_struct_conn.pdbx_ptnr3_label_atom_id 
_struct_conn.pdbx_ptnr3_label_seq_id 
_struct_conn.pdbx_ptnr3_label_comp_id 
_struct_conn.pdbx_ptnr3_label_asym_id 
_struct_conn.pdbx_ptnr3_label_alt_id 
_struct_conn.pdbx_ptnr3_PDB_ins_code 
_struct_conn.details 
_struct_conn.pdbx_dist_value 
_struct_conn.pdbx_value_order 
_struct_conn.pdbx_role 
covale1 covale both ? A MSE 5   C   ? ? ? 1_555 A ALA 6  N  ? ? A MSE 30  A ALA 31   1_555 ? ? ? ? ? ? ? 1.356 ? ? 
covale2 covale both ? A VAL 39  C   ? ? ? 1_555 A MSE 40 N  ? ? A VAL 64  A MSE 65   1_555 ? ? ? ? ? ? ? 1.350 ? ? 
covale3 covale both ? A MSE 40  C   ? ? ? 1_555 A ASP 41 N  ? ? A MSE 65  A ASP 66   1_555 ? ? ? ? ? ? ? 1.309 ? ? 
covale4 covale both ? A GLU 50  C   ? ? ? 1_555 A MSE 51 N  ? ? A GLU 75  A MSE 76   1_555 ? ? ? ? ? ? ? 1.337 ? ? 
covale5 covale both ? A MSE 51  C   ? ? ? 1_555 A LEU 52 N  ? ? A MSE 76  A LEU 77   1_555 ? ? ? ? ? ? ? 1.288 ? ? 
covale6 covale both ? A VAL 85  C   ? ? ? 1_555 A MSE 86 N  ? ? A VAL 110 A MSE 111  1_555 ? ? ? ? ? ? ? 1.354 ? ? 
covale7 covale both ? A MSE 86  C   ? ? ? 1_555 A PRO 87 N  ? ? A MSE 111 A PRO 112  1_555 ? ? ? ? ? ? ? 1.315 ? ? 
metalc1 metalc ?    ? C HOH .   O   ? ? ? 1_555 B CA  .  CA ? ? A HOH 2   A CA  1500 1_555 ? ? ? ? ? ? ? 2.281 ? ? 
metalc2 metalc ?    ? C HOH .   O   ? ? ? 1_555 B CA  .  CA ? ? A HOH 3   A CA  1500 1_555 ? ? ? ? ? ? ? 2.392 ? ? 
metalc3 metalc ?    ? A ALA 6   O   ? ? ? 1_555 B CA  .  CA ? ? A ALA 31  A CA  1500 1_555 ? ? ? ? ? ? ? 2.394 ? ? 
metalc4 metalc ?    ? A ASP 125 OD1 ? ? ? 1_555 B CA  .  CA ? ? A ASP 150 A CA  1500 1_555 ? ? ? ? ? ? ? 2.375 ? ? 
metalc5 metalc ?    ? C HOH .   O   ? ? ? 1_555 B CA  .  CA ? ? A HOH 200 A CA  1500 1_555 ? ? ? ? ? ? ? 2.432 ? ? 
metalc6 metalc ?    ? C HOH .   O   ? ? ? 1_555 B CA  .  CA ? ? A HOH 201 A CA  1500 1_555 ? ? ? ? ? ? ? 2.425 ? ? 
metalc7 metalc ?    ? C HOH .   O   ? ? ? 1_555 B CA  .  CA ? ? A HOH 216 A CA  1500 1_555 ? ? ? ? ? ? ? 2.347 ? ? 
# 
loop_
_struct_conn_type.id 
_struct_conn_type.criteria 
_struct_conn_type.reference 
covale ? ? 
metalc ? ? 
# 
loop_
_pdbx_struct_conn_angle.id 
_pdbx_struct_conn_angle.ptnr1_label_atom_id 
_pdbx_struct_conn_angle.ptnr1_label_alt_id 
_pdbx_struct_conn_angle.ptnr1_label_asym_id 
_pdbx_struct_conn_angle.ptnr1_label_comp_id 
_pdbx_struct_conn_angle.ptnr1_label_seq_id 
_pdbx_struct_conn_angle.ptnr1_auth_atom_id 
_pdbx_struct_conn_angle.ptnr1_auth_asym_id 
_pdbx_struct_conn_angle.ptnr1_auth_comp_id 
_pdbx_struct_conn_angle.ptnr1_auth_seq_id 
_pdbx_struct_conn_angle.ptnr1_PDB_ins_code 
_pdbx_struct_conn_angle.ptnr1_symmetry 
_pdbx_struct_conn_angle.ptnr2_label_atom_id 
_pdbx_struct_conn_angle.ptnr2_label_alt_id 
_pdbx_struct_conn_angle.ptnr2_label_asym_id 
_pdbx_struct_conn_angle.ptnr2_label_comp_id 
_pdbx_struct_conn_angle.ptnr2_label_seq_id 
_pdbx_struct_conn_angle.ptnr2_auth_atom_id 
_pdbx_struct_conn_angle.ptnr2_auth_asym_id 
_pdbx_struct_conn_angle.ptnr2_auth_comp_id 
_pdbx_struct_conn_angle.ptnr2_auth_seq_id 
_pdbx_struct_conn_angle.ptnr2_PDB_ins_code 
_pdbx_struct_conn_angle.ptnr2_symmetry 
_pdbx_struct_conn_angle.ptnr3_label_atom_id 
_pdbx_struct_conn_angle.ptnr3_label_alt_id 
_pdbx_struct_conn_angle.ptnr3_label_asym_id 
_pdbx_struct_conn_angle.ptnr3_label_comp_id 
_pdbx_struct_conn_angle.ptnr3_label_seq_id 
_pdbx_struct_conn_angle.ptnr3_auth_atom_id 
_pdbx_struct_conn_angle.ptnr3_auth_asym_id 
_pdbx_struct_conn_angle.ptnr3_auth_comp_id 
_pdbx_struct_conn_angle.ptnr3_auth_seq_id 
_pdbx_struct_conn_angle.ptnr3_PDB_ins_code 
_pdbx_struct_conn_angle.ptnr3_symmetry 
_pdbx_struct_conn_angle.value 
_pdbx_struct_conn_angle.value_esd 
1  O   ? C HOH .   ? A HOH 2   ? 1_555 CA ? B CA . ? A CA 1500 ? 1_555 O   ? C HOH .   ? A HOH 3   ? 1_555 135.1 ? 
2  O   ? C HOH .   ? A HOH 2   ? 1_555 CA ? B CA . ? A CA 1500 ? 1_555 O   ? A ALA 6   ? A ALA 31  ? 1_555 144.8 ? 
3  O   ? C HOH .   ? A HOH 3   ? 1_555 CA ? B CA . ? A CA 1500 ? 1_555 O   ? A ALA 6   ? A ALA 31  ? 1_555 75.9  ? 
4  O   ? C HOH .   ? A HOH 2   ? 1_555 CA ? B CA . ? A CA 1500 ? 1_555 OD1 ? A ASP 125 ? A ASP 150 ? 1_555 70.8  ? 
5  O   ? C HOH .   ? A HOH 3   ? 1_555 CA ? B CA . ? A CA 1500 ? 1_555 OD1 ? A ASP 125 ? A ASP 150 ? 1_555 76.8  ? 
6  O   ? A ALA 6   ? A ALA 31  ? 1_555 CA ? B CA . ? A CA 1500 ? 1_555 OD1 ? A ASP 125 ? A ASP 150 ? 1_555 143.4 ? 
7  O   ? C HOH .   ? A HOH 2   ? 1_555 CA ? B CA . ? A CA 1500 ? 1_555 O   ? C HOH .   ? A HOH 200 ? 1_555 87.8  ? 
8  O   ? C HOH .   ? A HOH 3   ? 1_555 CA ? B CA . ? A CA 1500 ? 1_555 O   ? C HOH .   ? A HOH 200 ? 1_555 77.5  ? 
9  O   ? A ALA 6   ? A ALA 31  ? 1_555 CA ? B CA . ? A CA 1500 ? 1_555 O   ? C HOH .   ? A HOH 200 ? 1_555 83.4  ? 
10 OD1 ? A ASP 125 ? A ASP 150 ? 1_555 CA ? B CA . ? A CA 1500 ? 1_555 O   ? C HOH .   ? A HOH 200 ? 1_555 113.6 ? 
11 O   ? C HOH .   ? A HOH 2   ? 1_555 CA ? B CA . ? A CA 1500 ? 1_555 O   ? C HOH .   ? A HOH 201 ? 1_555 73.3  ? 
12 O   ? C HOH .   ? A HOH 3   ? 1_555 CA ? B CA . ? A CA 1500 ? 1_555 O   ? C HOH .   ? A HOH 201 ? 1_555 148.0 ? 
13 O   ? A ALA 6   ? A ALA 31  ? 1_555 CA ? B CA . ? A CA 1500 ? 1_555 O   ? C HOH .   ? A HOH 201 ? 1_555 73.0  ? 
14 OD1 ? A ASP 125 ? A ASP 150 ? 1_555 CA ? B CA . ? A CA 1500 ? 1_555 O   ? C HOH .   ? A HOH 201 ? 1_555 134.5 ? 
15 O   ? C HOH .   ? A HOH 200 ? 1_555 CA ? B CA . ? A CA 1500 ? 1_555 O   ? C HOH .   ? A HOH 201 ? 1_555 91.8  ? 
16 O   ? C HOH .   ? A HOH 2   ? 1_555 CA ? B CA . ? A CA 1500 ? 1_555 O   ? C HOH .   ? A HOH 216 ? 1_555 96.1  ? 
17 O   ? C HOH .   ? A HOH 3   ? 1_555 CA ? B CA . ? A CA 1500 ? 1_555 O   ? C HOH .   ? A HOH 216 ? 1_555 107.6 ? 
18 O   ? A ALA 6   ? A ALA 31  ? 1_555 CA ? B CA . ? A CA 1500 ? 1_555 O   ? C HOH .   ? A HOH 216 ? 1_555 86.3  ? 
19 OD1 ? A ASP 125 ? A ASP 150 ? 1_555 CA ? B CA . ? A CA 1500 ? 1_555 O   ? C HOH .   ? A HOH 216 ? 1_555 79.5  ? 
20 O   ? C HOH .   ? A HOH 200 ? 1_555 CA ? B CA . ? A CA 1500 ? 1_555 O   ? C HOH .   ? A HOH 216 ? 1_555 167.0 ? 
21 O   ? C HOH .   ? A HOH 201 ? 1_555 CA ? B CA . ? A CA 1500 ? 1_555 O   ? C HOH .   ? A HOH 216 ? 1_555 77.6  ? 
# 
loop_
_pdbx_modification_feature.ordinal 
_pdbx_modification_feature.label_comp_id 
_pdbx_modification_feature.label_asym_id 
_pdbx_modification_feature.label_seq_id 
_pdbx_modification_feature.label_alt_id 
_pdbx_modification_feature.modified_residue_label_comp_id 
_pdbx_modification_feature.modified_residue_label_asym_id 
_pdbx_modification_feature.modified_residue_label_seq_id 
_pdbx_modification_feature.modified_residue_label_alt_id 
_pdbx_modification_feature.auth_comp_id 
_pdbx_modification_feature.auth_asym_id 
_pdbx_modification_feature.auth_seq_id 
_pdbx_modification_feature.PDB_ins_code 
_pdbx_modification_feature.symmetry 
_pdbx_modification_feature.modified_residue_auth_comp_id 
_pdbx_modification_feature.modified_residue_auth_asym_id 
_pdbx_modification_feature.modified_residue_auth_seq_id 
_pdbx_modification_feature.modified_residue_PDB_ins_code 
_pdbx_modification_feature.modified_residue_symmetry 
_pdbx_modification_feature.comp_id_linking_atom 
_pdbx_modification_feature.modified_residue_id_linking_atom 
_pdbx_modification_feature.modified_residue_id 
_pdbx_modification_feature.ref_pcm_id 
_pdbx_modification_feature.ref_comp_id 
_pdbx_modification_feature.type 
_pdbx_modification_feature.category 
1 MSE A 5  ? . . . . MSE A 30  ? 1_555 . . . . . . . MET 1 MSE Selenomethionine 'Named protein modification' 
2 MSE A 40 ? . . . . MSE A 65  ? 1_555 . . . . . . . MET 1 MSE Selenomethionine 'Named protein modification' 
3 MSE A 51 ? . . . . MSE A 76  ? 1_555 . . . . . . . MET 1 MSE Selenomethionine 'Named protein modification' 
4 MSE A 86 ? . . . . MSE A 111 ? 1_555 . . . . . . . MET 1 MSE Selenomethionine 'Named protein modification' 
# 
_struct_sheet.id               A 
_struct_sheet.type             ? 
_struct_sheet.number_strands   7 
_struct_sheet.details          ? 
# 
loop_
_struct_sheet_order.sheet_id 
_struct_sheet_order.range_id_1 
_struct_sheet_order.range_id_2 
_struct_sheet_order.offset 
_struct_sheet_order.sense 
A 1 2 ? anti-parallel 
A 2 3 ? anti-parallel 
A 3 4 ? anti-parallel 
A 4 5 ? anti-parallel 
A 5 6 ? anti-parallel 
A 6 7 ? anti-parallel 
# 
loop_
_struct_sheet_range.sheet_id 
_struct_sheet_range.id 
_struct_sheet_range.beg_label_comp_id 
_struct_sheet_range.beg_label_asym_id 
_struct_sheet_range.beg_label_seq_id 
_struct_sheet_range.pdbx_beg_PDB_ins_code 
_struct_sheet_range.end_label_comp_id 
_struct_sheet_range.end_label_asym_id 
_struct_sheet_range.end_label_seq_id 
_struct_sheet_range.pdbx_end_PDB_ins_code 
_struct_sheet_range.beg_auth_comp_id 
_struct_sheet_range.beg_auth_asym_id 
_struct_sheet_range.beg_auth_seq_id 
_struct_sheet_range.end_auth_comp_id 
_struct_sheet_range.end_auth_asym_id 
_struct_sheet_range.end_auth_seq_id 
A 1 GLU A 70  ? PRO A 75  ? GLU A 95  PRO A 100 
A 2 GLN A 59  ? LEU A 63  ? GLN A 84  LEU A 88  
A 3 GLN A 49  ? VAL A 55  ? GLN A 74  VAL A 80  
A 4 SER A 9   ? CYS A 20  ? SER A 34  CYS A 45  
A 5 ASP A 108 ? GLY A 114 ? ASP A 133 GLY A 139 
A 6 LEU A 94  ? CYS A 99  ? LEU A 119 CYS A 124 
A 7 ILE A 79  ? VAL A 85  ? ILE A 104 VAL A 110 
# 
loop_
_pdbx_struct_sheet_hbond.sheet_id 
_pdbx_struct_sheet_hbond.range_id_1 
_pdbx_struct_sheet_hbond.range_id_2 
_pdbx_struct_sheet_hbond.range_1_label_atom_id 
_pdbx_struct_sheet_hbond.range_1_label_comp_id 
_pdbx_struct_sheet_hbond.range_1_label_asym_id 
_pdbx_struct_sheet_hbond.range_1_label_seq_id 
_pdbx_struct_sheet_hbond.range_1_PDB_ins_code 
_pdbx_struct_sheet_hbond.range_1_auth_atom_id 
_pdbx_struct_sheet_hbond.range_1_auth_comp_id 
_pdbx_struct_sheet_hbond.range_1_auth_asym_id 
_pdbx_struct_sheet_hbond.range_1_auth_seq_id 
_pdbx_struct_sheet_hbond.range_2_label_atom_id 
_pdbx_struct_sheet_hbond.range_2_label_comp_id 
_pdbx_struct_sheet_hbond.range_2_label_asym_id 
_pdbx_struct_sheet_hbond.range_2_label_seq_id 
_pdbx_struct_sheet_hbond.range_2_PDB_ins_code 
_pdbx_struct_sheet_hbond.range_2_auth_atom_id 
_pdbx_struct_sheet_hbond.range_2_auth_comp_id 
_pdbx_struct_sheet_hbond.range_2_auth_asym_id 
_pdbx_struct_sheet_hbond.range_2_auth_seq_id 
A 1 2 O LEU A 71  ? O LEU A 96  N LEU A 62  ? N LEU A 87  
A 2 3 O THR A 61  ? O THR A 86  N ARG A 54  ? N ARG A 79  
A 3 4 O LEU A 53  ? O LEU A 78  N TYR A 11  ? N TYR A 36  
A 4 5 N LEU A 16  ? N LEU A 41  O PHE A 111 ? O PHE A 136 
A 5 6 O HIS A 110 ? O HIS A 135 N LEU A 97  ? N LEU A 122 
A 6 7 O LEU A 94  ? O LEU A 119 N VAL A 85  ? N VAL A 110 
# 
_struct_site.id                   AC1 
_struct_site.pdbx_evidence_code   Software 
_struct_site.pdbx_auth_asym_id    A 
_struct_site.pdbx_auth_comp_id    CA 
_struct_site.pdbx_auth_seq_id     1500 
_struct_site.pdbx_auth_ins_code   ? 
_struct_site.pdbx_num_residues    7 
_struct_site.details              'BINDING SITE FOR RESIDUE CA A 1500' 
# 
loop_
_struct_site_gen.id 
_struct_site_gen.site_id 
_struct_site_gen.pdbx_num_res 
_struct_site_gen.label_comp_id 
_struct_site_gen.label_asym_id 
_struct_site_gen.label_seq_id 
_struct_site_gen.pdbx_auth_ins_code 
_struct_site_gen.auth_comp_id 
_struct_site_gen.auth_asym_id 
_struct_site_gen.auth_seq_id 
_struct_site_gen.label_atom_id 
_struct_site_gen.label_alt_id 
_struct_site_gen.symmetry 
_struct_site_gen.details 
1 AC1 7 HOH C .   ? HOH A 2   . ? 1_555 ? 
2 AC1 7 HOH C .   ? HOH A 3   . ? 1_555 ? 
3 AC1 7 ALA A 6   ? ALA A 31  . ? 1_555 ? 
4 AC1 7 ASP A 125 ? ASP A 150 . ? 1_555 ? 
5 AC1 7 HOH C .   ? HOH A 200 . ? 1_555 ? 
6 AC1 7 HOH C .   ? HOH A 201 . ? 1_555 ? 
7 AC1 7 HOH C .   ? HOH A 216 . ? 1_555 ? 
# 
_pdbx_entry_details.entry_id                   2CY5 
_pdbx_entry_details.compound_details           ? 
_pdbx_entry_details.source_details             ? 
_pdbx_entry_details.nonpolymer_details         ? 
_pdbx_entry_details.sequence_details           ? 
_pdbx_entry_details.has_ligand_of_interest     ? 
_pdbx_entry_details.has_protein_modification   Y 
# 
loop_
_pdbx_validate_close_contact.id 
_pdbx_validate_close_contact.PDB_model_num 
_pdbx_validate_close_contact.auth_atom_id_1 
_pdbx_validate_close_contact.auth_asym_id_1 
_pdbx_validate_close_contact.auth_comp_id_1 
_pdbx_validate_close_contact.auth_seq_id_1 
_pdbx_validate_close_contact.PDB_ins_code_1 
_pdbx_validate_close_contact.label_alt_id_1 
_pdbx_validate_close_contact.auth_atom_id_2 
_pdbx_validate_close_contact.auth_asym_id_2 
_pdbx_validate_close_contact.auth_comp_id_2 
_pdbx_validate_close_contact.auth_seq_id_2 
_pdbx_validate_close_contact.PDB_ins_code_2 
_pdbx_validate_close_contact.label_alt_id_2 
_pdbx_validate_close_contact.dist 
1 1 O   A HOH 301 ? ? O   A HOH 321 ? ? 2.16 
2 1 NH1 A ARG 117 ? ? O   A GLY 139 ? ? 2.16 
3 1 OD1 A ASP 57  ? ? NH2 A ARG 60  ? ? 2.18 
# 
_pdbx_validate_symm_contact.id                1 
_pdbx_validate_symm_contact.PDB_model_num     1 
_pdbx_validate_symm_contact.auth_atom_id_1    SG 
_pdbx_validate_symm_contact.auth_asym_id_1    A 
_pdbx_validate_symm_contact.auth_comp_id_1    CYS 
_pdbx_validate_symm_contact.auth_seq_id_1     45 
_pdbx_validate_symm_contact.PDB_ins_code_1    ? 
_pdbx_validate_symm_contact.label_alt_id_1    ? 
_pdbx_validate_symm_contact.site_symmetry_1   1_555 
_pdbx_validate_symm_contact.auth_atom_id_2    SG 
_pdbx_validate_symm_contact.auth_asym_id_2    A 
_pdbx_validate_symm_contact.auth_comp_id_2    CYS 
_pdbx_validate_symm_contact.auth_seq_id_2     45 
_pdbx_validate_symm_contact.PDB_ins_code_2    ? 
_pdbx_validate_symm_contact.label_alt_id_2    ? 
_pdbx_validate_symm_contact.site_symmetry_2   5_555 
_pdbx_validate_symm_contact.dist              2.12 
# 
loop_
_pdbx_validate_rmsd_bond.id 
_pdbx_validate_rmsd_bond.PDB_model_num 
_pdbx_validate_rmsd_bond.auth_atom_id_1 
_pdbx_validate_rmsd_bond.auth_asym_id_1 
_pdbx_validate_rmsd_bond.auth_comp_id_1 
_pdbx_validate_rmsd_bond.auth_seq_id_1 
_pdbx_validate_rmsd_bond.PDB_ins_code_1 
_pdbx_validate_rmsd_bond.label_alt_id_1 
_pdbx_validate_rmsd_bond.auth_atom_id_2 
_pdbx_validate_rmsd_bond.auth_asym_id_2 
_pdbx_validate_rmsd_bond.auth_comp_id_2 
_pdbx_validate_rmsd_bond.auth_seq_id_2 
_pdbx_validate_rmsd_bond.PDB_ins_code_2 
_pdbx_validate_rmsd_bond.label_alt_id_2 
_pdbx_validate_rmsd_bond.bond_value 
_pdbx_validate_rmsd_bond.bond_target_value 
_pdbx_validate_rmsd_bond.bond_deviation 
_pdbx_validate_rmsd_bond.bond_standard_deviation 
_pdbx_validate_rmsd_bond.linker_flag 
1 1 CB A VAL 123 ? ? CG1 A VAL 123 ? ? 1.679 1.524 0.155 0.021 N 
2 1 CA A ALA 144 ? ? CB  A ALA 144 ? ? 1.658 1.520 0.138 0.021 N 
3 1 CG A GLU 149 ? ? CD  A GLU 149 ? ? 1.607 1.515 0.092 0.015 N 
# 
loop_
_pdbx_validate_rmsd_angle.id 
_pdbx_validate_rmsd_angle.PDB_model_num 
_pdbx_validate_rmsd_angle.auth_atom_id_1 
_pdbx_validate_rmsd_angle.auth_asym_id_1 
_pdbx_validate_rmsd_angle.auth_comp_id_1 
_pdbx_validate_rmsd_angle.auth_seq_id_1 
_pdbx_validate_rmsd_angle.PDB_ins_code_1 
_pdbx_validate_rmsd_angle.label_alt_id_1 
_pdbx_validate_rmsd_angle.auth_atom_id_2 
_pdbx_validate_rmsd_angle.auth_asym_id_2 
_pdbx_validate_rmsd_angle.auth_comp_id_2 
_pdbx_validate_rmsd_angle.auth_seq_id_2 
_pdbx_validate_rmsd_angle.PDB_ins_code_2 
_pdbx_validate_rmsd_angle.label_alt_id_2 
_pdbx_validate_rmsd_angle.auth_atom_id_3 
_pdbx_validate_rmsd_angle.auth_asym_id_3 
_pdbx_validate_rmsd_angle.auth_comp_id_3 
_pdbx_validate_rmsd_angle.auth_seq_id_3 
_pdbx_validate_rmsd_angle.PDB_ins_code_3 
_pdbx_validate_rmsd_angle.label_alt_id_3 
_pdbx_validate_rmsd_angle.angle_value 
_pdbx_validate_rmsd_angle.angle_target_value 
_pdbx_validate_rmsd_angle.angle_deviation 
_pdbx_validate_rmsd_angle.angle_standard_deviation 
_pdbx_validate_rmsd_angle.linker_flag 
1 1 CB  A ASP 32  ? ? CG A ASP 32  ? ? OD2 A ASP 32  ? ? 110.69 118.30 -7.61  0.90 N 
2 1 CA  A CYS 45  ? ? CB A CYS 45  ? ? SG  A CYS 45  ? ? 98.94  114.00 -15.06 1.80 N 
3 1 CB  A ASP 66  ? ? CG A ASP 66  ? ? OD1 A ASP 66  ? ? 125.18 118.30 6.88   0.90 N 
4 1 CB  A ASP 66  ? ? CG A ASP 66  ? ? OD2 A ASP 66  ? ? 108.49 118.30 -9.81  0.90 N 
5 1 CG1 A VAL 105 ? ? CB A VAL 105 ? ? CG2 A VAL 105 ? ? 99.90  110.90 -11.00 1.60 N 
6 1 NE  A ARG 129 ? ? CZ A ARG 129 ? ? NH1 A ARG 129 ? ? 123.41 120.30 3.11   0.50 N 
7 1 CB  A ASP 133 ? ? CG A ASP 133 ? ? OD1 A ASP 133 ? ? 109.29 118.30 -9.01  0.90 N 
8 1 CB  A LEU 141 ? ? CG A LEU 141 ? ? CD2 A LEU 141 ? ? 99.54  111.00 -11.46 1.70 N 
# 
loop_
_pdbx_validate_torsion.id 
_pdbx_validate_torsion.PDB_model_num 
_pdbx_validate_torsion.auth_comp_id 
_pdbx_validate_torsion.auth_asym_id 
_pdbx_validate_torsion.auth_seq_id 
_pdbx_validate_torsion.PDB_ins_code 
_pdbx_validate_torsion.label_alt_id 
_pdbx_validate_torsion.phi 
_pdbx_validate_torsion.psi 
1 1 VAL A 91  ? ? -109.71 -61.24  
2 1 LEU A 140 ? ? -103.21 -116.65 
# 
_pdbx_SG_project.id                    1 
_pdbx_SG_project.project_name          'NPPSFA, National Project on Protein Structural and Functional Analyses' 
_pdbx_SG_project.full_name_of_center   'RIKEN Structural Genomics/Proteomics Initiative' 
_pdbx_SG_project.initial_of_center     RSGI 
# 
loop_
_pdbx_struct_mod_residue.id 
_pdbx_struct_mod_residue.label_asym_id 
_pdbx_struct_mod_residue.label_comp_id 
_pdbx_struct_mod_residue.label_seq_id 
_pdbx_struct_mod_residue.auth_asym_id 
_pdbx_struct_mod_residue.auth_comp_id 
_pdbx_struct_mod_residue.auth_seq_id 
_pdbx_struct_mod_residue.PDB_ins_code 
_pdbx_struct_mod_residue.parent_comp_id 
_pdbx_struct_mod_residue.details 
1 A MSE 5  A MSE 30  ? MET SELENOMETHIONINE 
2 A MSE 40 A MSE 65  ? MET SELENOMETHIONINE 
3 A MSE 51 A MSE 76  ? MET SELENOMETHIONINE 
4 A MSE 86 A MSE 111 ? MET SELENOMETHIONINE 
# 
loop_
_pdbx_unobs_or_zero_occ_residues.id 
_pdbx_unobs_or_zero_occ_residues.PDB_model_num 
_pdbx_unobs_or_zero_occ_residues.polymer_flag 
_pdbx_unobs_or_zero_occ_residues.occupancy_flag 
_pdbx_unobs_or_zero_occ_residues.auth_asym_id 
_pdbx_unobs_or_zero_occ_residues.auth_comp_id 
_pdbx_unobs_or_zero_occ_residues.auth_seq_id 
_pdbx_unobs_or_zero_occ_residues.PDB_ins_code 
_pdbx_unobs_or_zero_occ_residues.label_asym_id 
_pdbx_unobs_or_zero_occ_residues.label_comp_id 
_pdbx_unobs_or_zero_occ_residues.label_seq_id 
1  1 Y 1 A SER 26  ? A SER 1   
2  1 Y 1 A THR 27  ? A THR 2   
3  1 Y 1 A VAL 28  ? A VAL 3   
4  1 Y 1 A VAL 29  ? A VAL 4   
5  1 Y 1 A SER 160 ? A SER 135 
6  1 Y 1 A GLY 161 ? A GLY 136 
7  1 Y 1 A ARG 162 ? A ARG 137 
8  1 Y 1 A GLY 163 ? A GLY 138 
9  1 Y 1 A GLU 164 ? A GLU 139 
10 1 Y 1 A ARG 165 ? A ARG 140 
# 
loop_
_chem_comp_atom.comp_id 
_chem_comp_atom.atom_id 
_chem_comp_atom.type_symbol 
_chem_comp_atom.pdbx_aromatic_flag 
_chem_comp_atom.pdbx_stereo_config 
_chem_comp_atom.pdbx_ordinal 
ALA N    N  N N 1   
ALA CA   C  N S 2   
ALA C    C  N N 3   
ALA O    O  N N 4   
ALA CB   C  N N 5   
ALA OXT  O  N N 6   
ALA H    H  N N 7   
ALA H2   H  N N 8   
ALA HA   H  N N 9   
ALA HB1  H  N N 10  
ALA HB2  H  N N 11  
ALA HB3  H  N N 12  
ALA HXT  H  N N 13  
ARG N    N  N N 14  
ARG CA   C  N S 15  
ARG C    C  N N 16  
ARG O    O  N N 17  
ARG CB   C  N N 18  
ARG CG   C  N N 19  
ARG CD   C  N N 20  
ARG NE   N  N N 21  
ARG CZ   C  N N 22  
ARG NH1  N  N N 23  
ARG NH2  N  N N 24  
ARG OXT  O  N N 25  
ARG H    H  N N 26  
ARG H2   H  N N 27  
ARG HA   H  N N 28  
ARG HB2  H  N N 29  
ARG HB3  H  N N 30  
ARG HG2  H  N N 31  
ARG HG3  H  N N 32  
ARG HD2  H  N N 33  
ARG HD3  H  N N 34  
ARG HE   H  N N 35  
ARG HH11 H  N N 36  
ARG HH12 H  N N 37  
ARG HH21 H  N N 38  
ARG HH22 H  N N 39  
ARG HXT  H  N N 40  
ASN N    N  N N 41  
ASN CA   C  N S 42  
ASN C    C  N N 43  
ASN O    O  N N 44  
ASN CB   C  N N 45  
ASN CG   C  N N 46  
ASN OD1  O  N N 47  
ASN ND2  N  N N 48  
ASN OXT  O  N N 49  
ASN H    H  N N 50  
ASN H2   H  N N 51  
ASN HA   H  N N 52  
ASN HB2  H  N N 53  
ASN HB3  H  N N 54  
ASN HD21 H  N N 55  
ASN HD22 H  N N 56  
ASN HXT  H  N N 57  
ASP N    N  N N 58  
ASP CA   C  N S 59  
ASP C    C  N N 60  
ASP O    O  N N 61  
ASP CB   C  N N 62  
ASP CG   C  N N 63  
ASP OD1  O  N N 64  
ASP OD2  O  N N 65  
ASP OXT  O  N N 66  
ASP H    H  N N 67  
ASP H2   H  N N 68  
ASP HA   H  N N 69  
ASP HB2  H  N N 70  
ASP HB3  H  N N 71  
ASP HD2  H  N N 72  
ASP HXT  H  N N 73  
CA  CA   CA N N 74  
CYS N    N  N N 75  
CYS CA   C  N R 76  
CYS C    C  N N 77  
CYS O    O  N N 78  
CYS CB   C  N N 79  
CYS SG   S  N N 80  
CYS OXT  O  N N 81  
CYS H    H  N N 82  
CYS H2   H  N N 83  
CYS HA   H  N N 84  
CYS HB2  H  N N 85  
CYS HB3  H  N N 86  
CYS HG   H  N N 87  
CYS HXT  H  N N 88  
GLN N    N  N N 89  
GLN CA   C  N S 90  
GLN C    C  N N 91  
GLN O    O  N N 92  
GLN CB   C  N N 93  
GLN CG   C  N N 94  
GLN CD   C  N N 95  
GLN OE1  O  N N 96  
GLN NE2  N  N N 97  
GLN OXT  O  N N 98  
GLN H    H  N N 99  
GLN H2   H  N N 100 
GLN HA   H  N N 101 
GLN HB2  H  N N 102 
GLN HB3  H  N N 103 
GLN HG2  H  N N 104 
GLN HG3  H  N N 105 
GLN HE21 H  N N 106 
GLN HE22 H  N N 107 
GLN HXT  H  N N 108 
GLU N    N  N N 109 
GLU CA   C  N S 110 
GLU C    C  N N 111 
GLU O    O  N N 112 
GLU CB   C  N N 113 
GLU CG   C  N N 114 
GLU CD   C  N N 115 
GLU OE1  O  N N 116 
GLU OE2  O  N N 117 
GLU OXT  O  N N 118 
GLU H    H  N N 119 
GLU H2   H  N N 120 
GLU HA   H  N N 121 
GLU HB2  H  N N 122 
GLU HB3  H  N N 123 
GLU HG2  H  N N 124 
GLU HG3  H  N N 125 
GLU HE2  H  N N 126 
GLU HXT  H  N N 127 
GLY N    N  N N 128 
GLY CA   C  N N 129 
GLY C    C  N N 130 
GLY O    O  N N 131 
GLY OXT  O  N N 132 
GLY H    H  N N 133 
GLY H2   H  N N 134 
GLY HA2  H  N N 135 
GLY HA3  H  N N 136 
GLY HXT  H  N N 137 
HIS N    N  N N 138 
HIS CA   C  N S 139 
HIS C    C  N N 140 
HIS O    O  N N 141 
HIS CB   C  N N 142 
HIS CG   C  Y N 143 
HIS ND1  N  Y N 144 
HIS CD2  C  Y N 145 
HIS CE1  C  Y N 146 
HIS NE2  N  Y N 147 
HIS OXT  O  N N 148 
HIS H    H  N N 149 
HIS H2   H  N N 150 
HIS HA   H  N N 151 
HIS HB2  H  N N 152 
HIS HB3  H  N N 153 
HIS HD1  H  N N 154 
HIS HD2  H  N N 155 
HIS HE1  H  N N 156 
HIS HE2  H  N N 157 
HIS HXT  H  N N 158 
HOH O    O  N N 159 
HOH H1   H  N N 160 
HOH H2   H  N N 161 
ILE N    N  N N 162 
ILE CA   C  N S 163 
ILE C    C  N N 164 
ILE O    O  N N 165 
ILE CB   C  N S 166 
ILE CG1  C  N N 167 
ILE CG2  C  N N 168 
ILE CD1  C  N N 169 
ILE OXT  O  N N 170 
ILE H    H  N N 171 
ILE H2   H  N N 172 
ILE HA   H  N N 173 
ILE HB   H  N N 174 
ILE HG12 H  N N 175 
ILE HG13 H  N N 176 
ILE HG21 H  N N 177 
ILE HG22 H  N N 178 
ILE HG23 H  N N 179 
ILE HD11 H  N N 180 
ILE HD12 H  N N 181 
ILE HD13 H  N N 182 
ILE HXT  H  N N 183 
LEU N    N  N N 184 
LEU CA   C  N S 185 
LEU C    C  N N 186 
LEU O    O  N N 187 
LEU CB   C  N N 188 
LEU CG   C  N N 189 
LEU CD1  C  N N 190 
LEU CD2  C  N N 191 
LEU OXT  O  N N 192 
LEU H    H  N N 193 
LEU H2   H  N N 194 
LEU HA   H  N N 195 
LEU HB2  H  N N 196 
LEU HB3  H  N N 197 
LEU HG   H  N N 198 
LEU HD11 H  N N 199 
LEU HD12 H  N N 200 
LEU HD13 H  N N 201 
LEU HD21 H  N N 202 
LEU HD22 H  N N 203 
LEU HD23 H  N N 204 
LEU HXT  H  N N 205 
LYS N    N  N N 206 
LYS CA   C  N S 207 
LYS C    C  N N 208 
LYS O    O  N N 209 
LYS CB   C  N N 210 
LYS CG   C  N N 211 
LYS CD   C  N N 212 
LYS CE   C  N N 213 
LYS NZ   N  N N 214 
LYS OXT  O  N N 215 
LYS H    H  N N 216 
LYS H2   H  N N 217 
LYS HA   H  N N 218 
LYS HB2  H  N N 219 
LYS HB3  H  N N 220 
LYS HG2  H  N N 221 
LYS HG3  H  N N 222 
LYS HD2  H  N N 223 
LYS HD3  H  N N 224 
LYS HE2  H  N N 225 
LYS HE3  H  N N 226 
LYS HZ1  H  N N 227 
LYS HZ2  H  N N 228 
LYS HZ3  H  N N 229 
LYS HXT  H  N N 230 
MET N    N  N N 231 
MET CA   C  N S 232 
MET C    C  N N 233 
MET O    O  N N 234 
MET CB   C  N N 235 
MET CG   C  N N 236 
MET SD   S  N N 237 
MET CE   C  N N 238 
MET OXT  O  N N 239 
MET H    H  N N 240 
MET H2   H  N N 241 
MET HA   H  N N 242 
MET HB2  H  N N 243 
MET HB3  H  N N 244 
MET HG2  H  N N 245 
MET HG3  H  N N 246 
MET HE1  H  N N 247 
MET HE2  H  N N 248 
MET HE3  H  N N 249 
MET HXT  H  N N 250 
MSE N    N  N N 251 
MSE CA   C  N S 252 
MSE C    C  N N 253 
MSE O    O  N N 254 
MSE OXT  O  N N 255 
MSE CB   C  N N 256 
MSE CG   C  N N 257 
MSE SE   SE N N 258 
MSE CE   C  N N 259 
MSE H    H  N N 260 
MSE H2   H  N N 261 
MSE HA   H  N N 262 
MSE HXT  H  N N 263 
MSE HB2  H  N N 264 
MSE HB3  H  N N 265 
MSE HG2  H  N N 266 
MSE HG3  H  N N 267 
MSE HE1  H  N N 268 
MSE HE2  H  N N 269 
MSE HE3  H  N N 270 
PHE N    N  N N 271 
PHE CA   C  N S 272 
PHE C    C  N N 273 
PHE O    O  N N 274 
PHE CB   C  N N 275 
PHE CG   C  Y N 276 
PHE CD1  C  Y N 277 
PHE CD2  C  Y N 278 
PHE CE1  C  Y N 279 
PHE CE2  C  Y N 280 
PHE CZ   C  Y N 281 
PHE OXT  O  N N 282 
PHE H    H  N N 283 
PHE H2   H  N N 284 
PHE HA   H  N N 285 
PHE HB2  H  N N 286 
PHE HB3  H  N N 287 
PHE HD1  H  N N 288 
PHE HD2  H  N N 289 
PHE HE1  H  N N 290 
PHE HE2  H  N N 291 
PHE HZ   H  N N 292 
PHE HXT  H  N N 293 
PRO N    N  N N 294 
PRO CA   C  N S 295 
PRO C    C  N N 296 
PRO O    O  N N 297 
PRO CB   C  N N 298 
PRO CG   C  N N 299 
PRO CD   C  N N 300 
PRO OXT  O  N N 301 
PRO H    H  N N 302 
PRO HA   H  N N 303 
PRO HB2  H  N N 304 
PRO HB3  H  N N 305 
PRO HG2  H  N N 306 
PRO HG3  H  N N 307 
PRO HD2  H  N N 308 
PRO HD3  H  N N 309 
PRO HXT  H  N N 310 
SER N    N  N N 311 
SER CA   C  N S 312 
SER C    C  N N 313 
SER O    O  N N 314 
SER CB   C  N N 315 
SER OG   O  N N 316 
SER OXT  O  N N 317 
SER H    H  N N 318 
SER H2   H  N N 319 
SER HA   H  N N 320 
SER HB2  H  N N 321 
SER HB3  H  N N 322 
SER HG   H  N N 323 
SER HXT  H  N N 324 
THR N    N  N N 325 
THR CA   C  N S 326 
THR C    C  N N 327 
THR O    O  N N 328 
THR CB   C  N R 329 
THR OG1  O  N N 330 
THR CG2  C  N N 331 
THR OXT  O  N N 332 
THR H    H  N N 333 
THR H2   H  N N 334 
THR HA   H  N N 335 
THR HB   H  N N 336 
THR HG1  H  N N 337 
THR HG21 H  N N 338 
THR HG22 H  N N 339 
THR HG23 H  N N 340 
THR HXT  H  N N 341 
TRP N    N  N N 342 
TRP CA   C  N S 343 
TRP C    C  N N 344 
TRP O    O  N N 345 
TRP CB   C  N N 346 
TRP CG   C  Y N 347 
TRP CD1  C  Y N 348 
TRP CD2  C  Y N 349 
TRP NE1  N  Y N 350 
TRP CE2  C  Y N 351 
TRP CE3  C  Y N 352 
TRP CZ2  C  Y N 353 
TRP CZ3  C  Y N 354 
TRP CH2  C  Y N 355 
TRP OXT  O  N N 356 
TRP H    H  N N 357 
TRP H2   H  N N 358 
TRP HA   H  N N 359 
TRP HB2  H  N N 360 
TRP HB3  H  N N 361 
TRP HD1  H  N N 362 
TRP HE1  H  N N 363 
TRP HE3  H  N N 364 
TRP HZ2  H  N N 365 
TRP HZ3  H  N N 366 
TRP HH2  H  N N 367 
TRP HXT  H  N N 368 
TYR N    N  N N 369 
TYR CA   C  N S 370 
TYR C    C  N N 371 
TYR O    O  N N 372 
TYR CB   C  N N 373 
TYR CG   C  Y N 374 
TYR CD1  C  Y N 375 
TYR CD2  C  Y N 376 
TYR CE1  C  Y N 377 
TYR CE2  C  Y N 378 
TYR CZ   C  Y N 379 
TYR OH   O  N N 380 
TYR OXT  O  N N 381 
TYR H    H  N N 382 
TYR H2   H  N N 383 
TYR HA   H  N N 384 
TYR HB2  H  N N 385 
TYR HB3  H  N N 386 
TYR HD1  H  N N 387 
TYR HD2  H  N N 388 
TYR HE1  H  N N 389 
TYR HE2  H  N N 390 
TYR HH   H  N N 391 
TYR HXT  H  N N 392 
VAL N    N  N N 393 
VAL CA   C  N S 394 
VAL C    C  N N 395 
VAL O    O  N N 396 
VAL CB   C  N N 397 
VAL CG1  C  N N 398 
VAL CG2  C  N N 399 
VAL OXT  O  N N 400 
VAL H    H  N N 401 
VAL H2   H  N N 402 
VAL HA   H  N N 403 
VAL HB   H  N N 404 
VAL HG11 H  N N 405 
VAL HG12 H  N N 406 
VAL HG13 H  N N 407 
VAL HG21 H  N N 408 
VAL HG22 H  N N 409 
VAL HG23 H  N N 410 
VAL HXT  H  N N 411 
# 
loop_
_chem_comp_bond.comp_id 
_chem_comp_bond.atom_id_1 
_chem_comp_bond.atom_id_2 
_chem_comp_bond.value_order 
_chem_comp_bond.pdbx_aromatic_flag 
_chem_comp_bond.pdbx_stereo_config 
_chem_comp_bond.pdbx_ordinal 
ALA N   CA   sing N N 1   
ALA N   H    sing N N 2   
ALA N   H2   sing N N 3   
ALA CA  C    sing N N 4   
ALA CA  CB   sing N N 5   
ALA CA  HA   sing N N 6   
ALA C   O    doub N N 7   
ALA C   OXT  sing N N 8   
ALA CB  HB1  sing N N 9   
ALA CB  HB2  sing N N 10  
ALA CB  HB3  sing N N 11  
ALA OXT HXT  sing N N 12  
ARG N   CA   sing N N 13  
ARG N   H    sing N N 14  
ARG N   H2   sing N N 15  
ARG CA  C    sing N N 16  
ARG CA  CB   sing N N 17  
ARG CA  HA   sing N N 18  
ARG C   O    doub N N 19  
ARG C   OXT  sing N N 20  
ARG CB  CG   sing N N 21  
ARG CB  HB2  sing N N 22  
ARG CB  HB3  sing N N 23  
ARG CG  CD   sing N N 24  
ARG CG  HG2  sing N N 25  
ARG CG  HG3  sing N N 26  
ARG CD  NE   sing N N 27  
ARG CD  HD2  sing N N 28  
ARG CD  HD3  sing N N 29  
ARG NE  CZ   sing N N 30  
ARG NE  HE   sing N N 31  
ARG CZ  NH1  sing N N 32  
ARG CZ  NH2  doub N N 33  
ARG NH1 HH11 sing N N 34  
ARG NH1 HH12 sing N N 35  
ARG NH2 HH21 sing N N 36  
ARG NH2 HH22 sing N N 37  
ARG OXT HXT  sing N N 38  
ASN N   CA   sing N N 39  
ASN N   H    sing N N 40  
ASN N   H2   sing N N 41  
ASN CA  C    sing N N 42  
ASN CA  CB   sing N N 43  
ASN CA  HA   sing N N 44  
ASN C   O    doub N N 45  
ASN C   OXT  sing N N 46  
ASN CB  CG   sing N N 47  
ASN CB  HB2  sing N N 48  
ASN CB  HB3  sing N N 49  
ASN CG  OD1  doub N N 50  
ASN CG  ND2  sing N N 51  
ASN ND2 HD21 sing N N 52  
ASN ND2 HD22 sing N N 53  
ASN OXT HXT  sing N N 54  
ASP N   CA   sing N N 55  
ASP N   H    sing N N 56  
ASP N   H2   sing N N 57  
ASP CA  C    sing N N 58  
ASP CA  CB   sing N N 59  
ASP CA  HA   sing N N 60  
ASP C   O    doub N N 61  
ASP C   OXT  sing N N 62  
ASP CB  CG   sing N N 63  
ASP CB  HB2  sing N N 64  
ASP CB  HB3  sing N N 65  
ASP CG  OD1  doub N N 66  
ASP CG  OD2  sing N N 67  
ASP OD2 HD2  sing N N 68  
ASP OXT HXT  sing N N 69  
CYS N   CA   sing N N 70  
CYS N   H    sing N N 71  
CYS N   H2   sing N N 72  
CYS CA  C    sing N N 73  
CYS CA  CB   sing N N 74  
CYS CA  HA   sing N N 75  
CYS C   O    doub N N 76  
CYS C   OXT  sing N N 77  
CYS CB  SG   sing N N 78  
CYS CB  HB2  sing N N 79  
CYS CB  HB3  sing N N 80  
CYS SG  HG   sing N N 81  
CYS OXT HXT  sing N N 82  
GLN N   CA   sing N N 83  
GLN N   H    sing N N 84  
GLN N   H2   sing N N 85  
GLN CA  C    sing N N 86  
GLN CA  CB   sing N N 87  
GLN CA  HA   sing N N 88  
GLN C   O    doub N N 89  
GLN C   OXT  sing N N 90  
GLN CB  CG   sing N N 91  
GLN CB  HB2  sing N N 92  
GLN CB  HB3  sing N N 93  
GLN CG  CD   sing N N 94  
GLN CG  HG2  sing N N 95  
GLN CG  HG3  sing N N 96  
GLN CD  OE1  doub N N 97  
GLN CD  NE2  sing N N 98  
GLN NE2 HE21 sing N N 99  
GLN NE2 HE22 sing N N 100 
GLN OXT HXT  sing N N 101 
GLU N   CA   sing N N 102 
GLU N   H    sing N N 103 
GLU N   H2   sing N N 104 
GLU CA  C    sing N N 105 
GLU CA  CB   sing N N 106 
GLU CA  HA   sing N N 107 
GLU C   O    doub N N 108 
GLU C   OXT  sing N N 109 
GLU CB  CG   sing N N 110 
GLU CB  HB2  sing N N 111 
GLU CB  HB3  sing N N 112 
GLU CG  CD   sing N N 113 
GLU CG  HG2  sing N N 114 
GLU CG  HG3  sing N N 115 
GLU CD  OE1  doub N N 116 
GLU CD  OE2  sing N N 117 
GLU OE2 HE2  sing N N 118 
GLU OXT HXT  sing N N 119 
GLY N   CA   sing N N 120 
GLY N   H    sing N N 121 
GLY N   H2   sing N N 122 
GLY CA  C    sing N N 123 
GLY CA  HA2  sing N N 124 
GLY CA  HA3  sing N N 125 
GLY C   O    doub N N 126 
GLY C   OXT  sing N N 127 
GLY OXT HXT  sing N N 128 
HIS N   CA   sing N N 129 
HIS N   H    sing N N 130 
HIS N   H2   sing N N 131 
HIS CA  C    sing N N 132 
HIS CA  CB   sing N N 133 
HIS CA  HA   sing N N 134 
HIS C   O    doub N N 135 
HIS C   OXT  sing N N 136 
HIS CB  CG   sing N N 137 
HIS CB  HB2  sing N N 138 
HIS CB  HB3  sing N N 139 
HIS CG  ND1  sing Y N 140 
HIS CG  CD2  doub Y N 141 
HIS ND1 CE1  doub Y N 142 
HIS ND1 HD1  sing N N 143 
HIS CD2 NE2  sing Y N 144 
HIS CD2 HD2  sing N N 145 
HIS CE1 NE2  sing Y N 146 
HIS CE1 HE1  sing N N 147 
HIS NE2 HE2  sing N N 148 
HIS OXT HXT  sing N N 149 
HOH O   H1   sing N N 150 
HOH O   H2   sing N N 151 
ILE N   CA   sing N N 152 
ILE N   H    sing N N 153 
ILE N   H2   sing N N 154 
ILE CA  C    sing N N 155 
ILE CA  CB   sing N N 156 
ILE CA  HA   sing N N 157 
ILE C   O    doub N N 158 
ILE C   OXT  sing N N 159 
ILE CB  CG1  sing N N 160 
ILE CB  CG2  sing N N 161 
ILE CB  HB   sing N N 162 
ILE CG1 CD1  sing N N 163 
ILE CG1 HG12 sing N N 164 
ILE CG1 HG13 sing N N 165 
ILE CG2 HG21 sing N N 166 
ILE CG2 HG22 sing N N 167 
ILE CG2 HG23 sing N N 168 
ILE CD1 HD11 sing N N 169 
ILE CD1 HD12 sing N N 170 
ILE CD1 HD13 sing N N 171 
ILE OXT HXT  sing N N 172 
LEU N   CA   sing N N 173 
LEU N   H    sing N N 174 
LEU N   H2   sing N N 175 
LEU CA  C    sing N N 176 
LEU CA  CB   sing N N 177 
LEU CA  HA   sing N N 178 
LEU C   O    doub N N 179 
LEU C   OXT  sing N N 180 
LEU CB  CG   sing N N 181 
LEU CB  HB2  sing N N 182 
LEU CB  HB3  sing N N 183 
LEU CG  CD1  sing N N 184 
LEU CG  CD2  sing N N 185 
LEU CG  HG   sing N N 186 
LEU CD1 HD11 sing N N 187 
LEU CD1 HD12 sing N N 188 
LEU CD1 HD13 sing N N 189 
LEU CD2 HD21 sing N N 190 
LEU CD2 HD22 sing N N 191 
LEU CD2 HD23 sing N N 192 
LEU OXT HXT  sing N N 193 
LYS N   CA   sing N N 194 
LYS N   H    sing N N 195 
LYS N   H2   sing N N 196 
LYS CA  C    sing N N 197 
LYS CA  CB   sing N N 198 
LYS CA  HA   sing N N 199 
LYS C   O    doub N N 200 
LYS C   OXT  sing N N 201 
LYS CB  CG   sing N N 202 
LYS CB  HB2  sing N N 203 
LYS CB  HB3  sing N N 204 
LYS CG  CD   sing N N 205 
LYS CG  HG2  sing N N 206 
LYS CG  HG3  sing N N 207 
LYS CD  CE   sing N N 208 
LYS CD  HD2  sing N N 209 
LYS CD  HD3  sing N N 210 
LYS CE  NZ   sing N N 211 
LYS CE  HE2  sing N N 212 
LYS CE  HE3  sing N N 213 
LYS NZ  HZ1  sing N N 214 
LYS NZ  HZ2  sing N N 215 
LYS NZ  HZ3  sing N N 216 
LYS OXT HXT  sing N N 217 
MET N   CA   sing N N 218 
MET N   H    sing N N 219 
MET N   H2   sing N N 220 
MET CA  C    sing N N 221 
MET CA  CB   sing N N 222 
MET CA  HA   sing N N 223 
MET C   O    doub N N 224 
MET C   OXT  sing N N 225 
MET CB  CG   sing N N 226 
MET CB  HB2  sing N N 227 
MET CB  HB3  sing N N 228 
MET CG  SD   sing N N 229 
MET CG  HG2  sing N N 230 
MET CG  HG3  sing N N 231 
MET SD  CE   sing N N 232 
MET CE  HE1  sing N N 233 
MET CE  HE2  sing N N 234 
MET CE  HE3  sing N N 235 
MET OXT HXT  sing N N 236 
MSE N   CA   sing N N 237 
MSE N   H    sing N N 238 
MSE N   H2   sing N N 239 
MSE CA  C    sing N N 240 
MSE CA  CB   sing N N 241 
MSE CA  HA   sing N N 242 
MSE C   O    doub N N 243 
MSE C   OXT  sing N N 244 
MSE OXT HXT  sing N N 245 
MSE CB  CG   sing N N 246 
MSE CB  HB2  sing N N 247 
MSE CB  HB3  sing N N 248 
MSE CG  SE   sing N N 249 
MSE CG  HG2  sing N N 250 
MSE CG  HG3  sing N N 251 
MSE SE  CE   sing N N 252 
MSE CE  HE1  sing N N 253 
MSE CE  HE2  sing N N 254 
MSE CE  HE3  sing N N 255 
PHE N   CA   sing N N 256 
PHE N   H    sing N N 257 
PHE N   H2   sing N N 258 
PHE CA  C    sing N N 259 
PHE CA  CB   sing N N 260 
PHE CA  HA   sing N N 261 
PHE C   O    doub N N 262 
PHE C   OXT  sing N N 263 
PHE CB  CG   sing N N 264 
PHE CB  HB2  sing N N 265 
PHE CB  HB3  sing N N 266 
PHE CG  CD1  doub Y N 267 
PHE CG  CD2  sing Y N 268 
PHE CD1 CE1  sing Y N 269 
PHE CD1 HD1  sing N N 270 
PHE CD2 CE2  doub Y N 271 
PHE CD2 HD2  sing N N 272 
PHE CE1 CZ   doub Y N 273 
PHE CE1 HE1  sing N N 274 
PHE CE2 CZ   sing Y N 275 
PHE CE2 HE2  sing N N 276 
PHE CZ  HZ   sing N N 277 
PHE OXT HXT  sing N N 278 
PRO N   CA   sing N N 279 
PRO N   CD   sing N N 280 
PRO N   H    sing N N 281 
PRO CA  C    sing N N 282 
PRO CA  CB   sing N N 283 
PRO CA  HA   sing N N 284 
PRO C   O    doub N N 285 
PRO C   OXT  sing N N 286 
PRO CB  CG   sing N N 287 
PRO CB  HB2  sing N N 288 
PRO CB  HB3  sing N N 289 
PRO CG  CD   sing N N 290 
PRO CG  HG2  sing N N 291 
PRO CG  HG3  sing N N 292 
PRO CD  HD2  sing N N 293 
PRO CD  HD3  sing N N 294 
PRO OXT HXT  sing N N 295 
SER N   CA   sing N N 296 
SER N   H    sing N N 297 
SER N   H2   sing N N 298 
SER CA  C    sing N N 299 
SER CA  CB   sing N N 300 
SER CA  HA   sing N N 301 
SER C   O    doub N N 302 
SER C   OXT  sing N N 303 
SER CB  OG   sing N N 304 
SER CB  HB2  sing N N 305 
SER CB  HB3  sing N N 306 
SER OG  HG   sing N N 307 
SER OXT HXT  sing N N 308 
THR N   CA   sing N N 309 
THR N   H    sing N N 310 
THR N   H2   sing N N 311 
THR CA  C    sing N N 312 
THR CA  CB   sing N N 313 
THR CA  HA   sing N N 314 
THR C   O    doub N N 315 
THR C   OXT  sing N N 316 
THR CB  OG1  sing N N 317 
THR CB  CG2  sing N N 318 
THR CB  HB   sing N N 319 
THR OG1 HG1  sing N N 320 
THR CG2 HG21 sing N N 321 
THR CG2 HG22 sing N N 322 
THR CG2 HG23 sing N N 323 
THR OXT HXT  sing N N 324 
TRP N   CA   sing N N 325 
TRP N   H    sing N N 326 
TRP N   H2   sing N N 327 
TRP CA  C    sing N N 328 
TRP CA  CB   sing N N 329 
TRP CA  HA   sing N N 330 
TRP C   O    doub N N 331 
TRP C   OXT  sing N N 332 
TRP CB  CG   sing N N 333 
TRP CB  HB2  sing N N 334 
TRP CB  HB3  sing N N 335 
TRP CG  CD1  doub Y N 336 
TRP CG  CD2  sing Y N 337 
TRP CD1 NE1  sing Y N 338 
TRP CD1 HD1  sing N N 339 
TRP CD2 CE2  doub Y N 340 
TRP CD2 CE3  sing Y N 341 
TRP NE1 CE2  sing Y N 342 
TRP NE1 HE1  sing N N 343 
TRP CE2 CZ2  sing Y N 344 
TRP CE3 CZ3  doub Y N 345 
TRP CE3 HE3  sing N N 346 
TRP CZ2 CH2  doub Y N 347 
TRP CZ2 HZ2  sing N N 348 
TRP CZ3 CH2  sing Y N 349 
TRP CZ3 HZ3  sing N N 350 
TRP CH2 HH2  sing N N 351 
TRP OXT HXT  sing N N 352 
TYR N   CA   sing N N 353 
TYR N   H    sing N N 354 
TYR N   H2   sing N N 355 
TYR CA  C    sing N N 356 
TYR CA  CB   sing N N 357 
TYR CA  HA   sing N N 358 
TYR C   O    doub N N 359 
TYR C   OXT  sing N N 360 
TYR CB  CG   sing N N 361 
TYR CB  HB2  sing N N 362 
TYR CB  HB3  sing N N 363 
TYR CG  CD1  doub Y N 364 
TYR CG  CD2  sing Y N 365 
TYR CD1 CE1  sing Y N 366 
TYR CD1 HD1  sing N N 367 
TYR CD2 CE2  doub Y N 368 
TYR CD2 HD2  sing N N 369 
TYR CE1 CZ   doub Y N 370 
TYR CE1 HE1  sing N N 371 
TYR CE2 CZ   sing Y N 372 
TYR CE2 HE2  sing N N 373 
TYR CZ  OH   sing N N 374 
TYR OH  HH   sing N N 375 
TYR OXT HXT  sing N N 376 
VAL N   CA   sing N N 377 
VAL N   H    sing N N 378 
VAL N   H2   sing N N 379 
VAL CA  C    sing N N 380 
VAL CA  CB   sing N N 381 
VAL CA  HA   sing N N 382 
VAL C   O    doub N N 383 
VAL C   OXT  sing N N 384 
VAL CB  CG1  sing N N 385 
VAL CB  CG2  sing N N 386 
VAL CB  HB   sing N N 387 
VAL CG1 HG11 sing N N 388 
VAL CG1 HG12 sing N N 389 
VAL CG1 HG13 sing N N 390 
VAL CG2 HG21 sing N N 391 
VAL CG2 HG22 sing N N 392 
VAL CG2 HG23 sing N N 393 
VAL OXT HXT  sing N N 394 
# 
_atom_sites.entry_id                    2CY5 
_atom_sites.fract_transf_matrix[1][1]   -0.00880317 
_atom_sites.fract_transf_matrix[1][2]   0.00668097 
_atom_sites.fract_transf_matrix[1][3]   -0.01120061 
_atom_sites.fract_transf_matrix[2][1]   0.00504539 
_atom_sites.fract_transf_matrix[2][2]   0.01302206 
_atom_sites.fract_transf_matrix[2][3]   -0.00724985 
_atom_sites.fract_transf_matrix[3][1]   0.00758649 
_atom_sites.fract_transf_matrix[3][2]   -0.00937092 
_atom_sites.fract_transf_matrix[3][3]   -0.01155224 
_atom_sites.fract_transf_vector[1]      0.618487 
_atom_sites.fract_transf_vector[2]      0.175867 
_atom_sites.fract_transf_vector[3]      0.446263 
# 
loop_
_atom_type.symbol 
C  
CA 
N  
O  
S  
SE 
# 
loop_
_atom_site.group_PDB 
_atom_site.id 
_atom_site.type_symbol 
_atom_site.label_atom_id 
_atom_site.label_alt_id 
_atom_site.label_comp_id 
_atom_site.label_asym_id 
_atom_site.label_entity_id 
_atom_site.label_seq_id 
_atom_site.pdbx_PDB_ins_code 
_atom_site.Cartn_x 
_atom_site.Cartn_y 
_atom_site.Cartn_z 
_atom_site.occupancy 
_atom_site.B_iso_or_equiv 
_atom_site.pdbx_formal_charge 
_atom_site.auth_seq_id 
_atom_site.auth_comp_id 
_atom_site.auth_asym_id 
_atom_site.auth_atom_id 
_atom_site.pdbx_PDB_model_num 
HETATM 1    N  N   . MSE A 1 5   ? -5.882  12.861  -13.991 1.00 70.44  ? 30   MSE A N   1 
HETATM 2    C  CA  . MSE A 1 5   ? -7.248  13.001  -13.308 1.00 73.09  ? 30   MSE A CA  1 
HETATM 3    C  C   . MSE A 1 5   ? -8.401  12.036  -13.676 1.00 67.14  ? 30   MSE A C   1 
HETATM 4    O  O   . MSE A 1 5   ? -8.711  11.884  -14.867 1.00 61.93  ? 30   MSE A O   1 
HETATM 5    C  CB  . MSE A 1 5   ? -7.803  14.408  -13.494 1.00 79.44  ? 30   MSE A CB  1 
HETATM 6    C  CG  . MSE A 1 5   ? -8.328  14.943  -12.185 1.00 94.57  ? 30   MSE A CG  1 
HETATM 7    SE SE  . MSE A 1 5   ? -7.011  15.877  -11.049 1.00 114.17 ? 30   MSE A SE  1 
HETATM 8    C  CE  . MSE A 1 5   ? -7.570  17.721  -11.422 1.00 102.71 ? 30   MSE A CE  1 
ATOM   9    N  N   . ALA A 1 6   ? -9.031  11.404  -12.656 1.00 59.46  ? 31   ALA A N   1 
ATOM   10   C  CA  . ALA A 1 6   ? -10.186 10.474  -12.816 1.00 51.92  ? 31   ALA A CA  1 
ATOM   11   C  C   . ALA A 1 6   ? -10.741 10.277  -11.439 1.00 51.52  ? 31   ALA A C   1 
ATOM   12   O  O   . ALA A 1 6   ? -9.932  10.084  -10.514 1.00 41.94  ? 31   ALA A O   1 
ATOM   13   C  CB  . ALA A 1 6   ? -9.756  9.116   -13.367 1.00 48.81  ? 31   ALA A CB  1 
ATOM   14   N  N   . ASP A 1 7   ? -12.058 10.389  -11.251 1.00 42.97  ? 32   ASP A N   1 
ATOM   15   C  CA  . ASP A 1 7   ? -12.480 10.210  -9.900  1.00 48.40  ? 32   ASP A CA  1 
ATOM   16   C  C   . ASP A 1 7   ? -12.249 8.797   -9.409  1.00 43.92  ? 32   ASP A C   1 
ATOM   17   O  O   . ASP A 1 7   ? -11.909 8.651   -8.288  1.00 42.13  ? 32   ASP A O   1 
ATOM   18   C  CB  . ASP A 1 7   ? -13.935 10.522  -9.692  1.00 45.44  ? 32   ASP A CB  1 
ATOM   19   C  CG  . ASP A 1 7   ? -14.189 11.991  -9.819  1.00 49.28  ? 32   ASP A CG  1 
ATOM   20   O  OD1 . ASP A 1 7   ? -13.256 12.883  -9.696  1.00 48.19  ? 32   ASP A OD1 1 
ATOM   21   O  OD2 . ASP A 1 7   ? -15.351 12.203  -10.091 1.00 55.20  ? 32   ASP A OD2 1 
ATOM   22   N  N   . VAL A 1 8   ? -12.549 7.795   -10.213 1.00 40.97  ? 33   VAL A N   1 
ATOM   23   C  CA  . VAL A 1 8   ? -12.362 6.372   -9.792  1.00 41.37  ? 33   VAL A CA  1 
ATOM   24   C  C   . VAL A 1 8   ? -11.441 5.717   -10.759 1.00 46.01  ? 33   VAL A C   1 
ATOM   25   O  O   . VAL A 1 8   ? -11.678 5.805   -12.053 1.00 38.65  ? 33   VAL A O   1 
ATOM   26   C  CB  . VAL A 1 8   ? -13.685 5.649   -9.885  1.00 43.19  ? 33   VAL A CB  1 
ATOM   27   C  CG1 . VAL A 1 8   ? -13.492 4.193   -9.532  1.00 43.96  ? 33   VAL A CG1 1 
ATOM   28   C  CG2 . VAL A 1 8   ? -14.684 6.360   -9.003  1.00 42.87  ? 33   VAL A CG2 1 
ATOM   29   N  N   . SER A 1 9   ? -10.328 5.145   -10.268 1.00 35.28  ? 34   SER A N   1 
ATOM   30   C  CA  . SER A 1 9   ? -9.490  4.464   -11.205 1.00 37.07  ? 34   SER A CA  1 
ATOM   31   C  C   . SER A 1 9   ? -9.146  3.142   -10.508 1.00 42.87  ? 34   SER A C   1 
ATOM   32   O  O   . SER A 1 9   ? -9.184  3.059   -9.216  1.00 37.69  ? 34   SER A O   1 
ATOM   33   C  CB  . SER A 1 9   ? -8.176  5.231   -11.394 1.00 35.94  ? 34   SER A CB  1 
ATOM   34   O  OG  . SER A 1 9   ? -8.333  6.593   -11.767 1.00 44.45  ? 34   SER A OG  1 
ATOM   35   N  N   . GLN A 1 10  ? -8.766  2.164   -11.294 1.00 36.77  ? 35   GLN A N   1 
ATOM   36   C  CA  . GLN A 1 10  ? -8.231  0.841   -10.763 1.00 42.23  ? 35   GLN A CA  1 
ATOM   37   C  C   . GLN A 1 10  ? -6.953  0.432   -11.345 1.00 41.16  ? 35   GLN A C   1 
ATOM   38   O  O   . GLN A 1 10  ? -6.601  0.756   -12.499 1.00 41.62  ? 35   GLN A O   1 
ATOM   39   C  CB  . GLN A 1 10  ? -9.095  -0.355  -10.964 1.00 49.99  ? 35   GLN A CB  1 
ATOM   40   C  CG  . GLN A 1 10  ? -10.228 -0.092  -11.852 1.00 65.43  ? 35   GLN A CG  1 
ATOM   41   C  CD  . GLN A 1 10  ? -11.082 -1.341  -11.977 1.00 66.53  ? 35   GLN A CD  1 
ATOM   42   O  OE1 . GLN A 1 10  ? -12.027 -1.549  -11.189 1.00 72.65  ? 35   GLN A OE1 1 
ATOM   43   N  NE2 . GLN A 1 10  ? -10.684 -2.222  -12.909 1.00 65.02  ? 35   GLN A NE2 1 
ATOM   44   N  N   . TYR A 1 11  ? -6.210  -0.321  -10.568 1.00 37.62  ? 36   TYR A N   1 
ATOM   45   C  CA  . TYR A 1 11  ? -4.910  -0.792  -10.957 1.00 39.09  ? 36   TYR A CA  1 
ATOM   46   C  C   . TYR A 1 11  ? -4.746  -2.260  -10.483 1.00 41.63  ? 36   TYR A C   1 
ATOM   47   O  O   . TYR A 1 11  ? -5.333  -2.677  -9.411  1.00 41.84  ? 36   TYR A O   1 
ATOM   48   C  CB  . TYR A 1 11  ? -3.859  -0.001  -10.213 1.00 37.01  ? 36   TYR A CB  1 
ATOM   49   C  CG  . TYR A 1 11  ? -4.069  1.450   -10.430 1.00 39.58  ? 36   TYR A CG  1 
ATOM   50   C  CD1 . TYR A 1 11  ? -4.811  2.221   -9.498  1.00 39.60  ? 36   TYR A CD1 1 
ATOM   51   C  CD2 . TYR A 1 11  ? -3.525  2.083   -11.569 1.00 35.34  ? 36   TYR A CD2 1 
ATOM   52   C  CE1 . TYR A 1 11  ? -5.006  3.615   -9.665  1.00 35.49  ? 36   TYR A CE1 1 
ATOM   53   C  CE2 . TYR A 1 11  ? -3.680  3.516   -11.735 1.00 38.61  ? 36   TYR A CE2 1 
ATOM   54   C  CZ  . TYR A 1 11  ? -4.388  4.253   -10.800 1.00 38.69  ? 36   TYR A CZ  1 
ATOM   55   O  OH  . TYR A 1 11  ? -4.539  5.576   -10.867 1.00 35.46  ? 36   TYR A OH  1 
ATOM   56   N  N   . HIS A 1 12  ? -4.138  -3.074  -11.317 1.00 37.12  ? 37   HIS A N   1 
ATOM   57   C  CA  . HIS A 1 12  ? -3.846  -4.408  -10.820 1.00 38.61  ? 37   HIS A CA  1 
ATOM   58   C  C   . HIS A 1 12  ? -2.495  -4.301  -10.083 1.00 40.16  ? 37   HIS A C   1 
ATOM   59   O  O   . HIS A 1 12  ? -1.549  -3.652  -10.585 1.00 33.54  ? 37   HIS A O   1 
ATOM   60   C  CB  . HIS A 1 12  ? -3.707  -5.391  -11.929 1.00 44.97  ? 37   HIS A CB  1 
ATOM   61   C  CG  . HIS A 1 12  ? -5.013  -5.694  -12.595 1.00 48.17  ? 37   HIS A CG  1 
ATOM   62   N  ND1 . HIS A 1 12  ? -5.650  -6.909  -12.449 1.00 54.61  ? 37   HIS A ND1 1 
ATOM   63   C  CD2 . HIS A 1 12  ? -5.839  -4.907  -13.320 1.00 44.15  ? 37   HIS A CD2 1 
ATOM   64   C  CE1 . HIS A 1 12  ? -6.809  -6.846  -13.064 1.00 54.08  ? 37   HIS A CE1 1 
ATOM   65   N  NE2 . HIS A 1 12  ? -6.946  -5.642  -13.599 1.00 50.97  ? 37   HIS A NE2 1 
ATOM   66   N  N   . VAL A 1 13  ? -2.419  -4.910  -8.872  1.00 35.71  ? 38   VAL A N   1 
ATOM   67   C  CA  . VAL A 1 13  ? -1.150  -4.889  -8.183  1.00 37.38  ? 38   VAL A CA  1 
ATOM   68   C  C   . VAL A 1 13  ? -0.986  -6.276  -7.545  1.00 33.24  ? 38   VAL A C   1 
ATOM   69   O  O   . VAL A 1 13  ? -1.958  -7.016  -7.481  1.00 36.01  ? 38   VAL A O   1 
ATOM   70   C  CB  . VAL A 1 13  ? -1.189  -3.830  -6.980  1.00 33.46  ? 38   VAL A CB  1 
ATOM   71   C  CG1 . VAL A 1 13  ? -1.446  -2.431  -7.543  1.00 35.94  ? 38   VAL A CG1 1 
ATOM   72   C  CG2 . VAL A 1 13  ? -2.262  -4.243  -6.025  1.00 35.10  ? 38   VAL A CG2 1 
ATOM   73   N  N   . ASN A 1 14  ? 0.179   -6.498  -6.969  1.00 33.38  ? 39   ASN A N   1 
ATOM   74   C  CA  . ASN A 1 14  ? 0.407   -7.710  -6.154  1.00 32.25  ? 39   ASN A CA  1 
ATOM   75   C  C   . ASN A 1 14  ? 0.595   -7.222  -4.724  1.00 34.04  ? 39   ASN A C   1 
ATOM   76   O  O   . ASN A 1 14  ? 1.545   -6.487  -4.405  1.00 33.90  ? 39   ASN A O   1 
ATOM   77   C  CB  . ASN A 1 14  ? 1.770   -8.345  -6.584  1.00 33.25  ? 39   ASN A CB  1 
ATOM   78   C  CG  . ASN A 1 14  ? 1.617   -9.159  -7.916  1.00 39.00  ? 39   ASN A CG  1 
ATOM   79   O  OD1 . ASN A 1 14  ? 0.606   -9.568  -8.217  1.00 41.50  ? 39   ASN A OD1 1 
ATOM   80   N  ND2 . ASN A 1 14  ? 2.635   -9.293  -8.642  1.00 39.92  ? 39   ASN A ND2 1 
ATOM   81   N  N   . HIS A 1 15  ? -0.226  -7.701  -3.839  1.00 32.85  ? 40   HIS A N   1 
ATOM   82   C  CA  . HIS A 1 15  ? 0.042   -7.310  -2.434  1.00 30.92  ? 40   HIS A CA  1 
ATOM   83   C  C   . HIS A 1 15  ? 1.242   -8.124  -1.972  1.00 33.33  ? 40   HIS A C   1 
ATOM   84   O  O   . HIS A 1 15  ? 1.318   -9.357  -2.261  1.00 37.34  ? 40   HIS A O   1 
ATOM   85   C  CB  . HIS A 1 15  ? -1.239  -7.695  -1.660  1.00 29.26  ? 40   HIS A CB  1 
ATOM   86   C  CG  . HIS A 1 15  ? -0.998  -7.620  -0.180  1.00 39.28  ? 40   HIS A CG  1 
ATOM   87   N  ND1 . HIS A 1 15  ? -0.615  -8.724  0.600   1.00 34.89  ? 40   HIS A ND1 1 
ATOM   88   C  CD2 . HIS A 1 15  ? -1.016  -6.555  0.667   1.00 36.73  ? 40   HIS A CD2 1 
ATOM   89   C  CE1 . HIS A 1 15  ? -0.409  -8.324  1.851   1.00 41.68  ? 40   HIS A CE1 1 
ATOM   90   N  NE2 . HIS A 1 15  ? -0.650  -7.014  1.927   1.00 38.39  ? 40   HIS A NE2 1 
ATOM   91   N  N   . LEU A 1 16  ? 2.203   -7.558  -1.301  1.00 31.27  ? 41   LEU A N   1 
ATOM   92   C  CA  . LEU A 1 16  ? 3.345   -8.335  -0.863  1.00 28.34  ? 41   LEU A CA  1 
ATOM   93   C  C   . LEU A 1 16  ? 3.230   -8.638  0.655   1.00 39.61  ? 41   LEU A C   1 
ATOM   94   O  O   . LEU A 1 16  ? 3.431   -9.763  0.996   1.00 35.62  ? 41   LEU A O   1 
ATOM   95   C  CB  . LEU A 1 16  ? 4.623   -7.569  -1.038  1.00 32.61  ? 41   LEU A CB  1 
ATOM   96   C  CG  . LEU A 1 16  ? 4.828   -7.228  -2.563  1.00 31.65  ? 41   LEU A CG  1 
ATOM   97   C  CD1 . LEU A 1 16  ? 6.250   -6.529  -2.664  1.00 36.85  ? 41   LEU A CD1 1 
ATOM   98   C  CD2 . LEU A 1 16  ? 4.909   -8.566  -3.332  1.00 34.72  ? 41   LEU A CD2 1 
ATOM   99   N  N   . VAL A 1 17  ? 2.982   -7.652  1.527   1.00 31.47  ? 42   VAL A N   1 
ATOM   100  C  CA  . VAL A 1 17  ? 2.942   -7.930  2.999   1.00 32.76  ? 42   VAL A CA  1 
ATOM   101  C  C   . VAL A 1 17  ? 2.234   -6.722  3.701   1.00 33.54  ? 42   VAL A C   1 
ATOM   102  O  O   . VAL A 1 17  ? 2.161   -5.599  3.116   1.00 31.15  ? 42   VAL A O   1 
ATOM   103  C  CB  . VAL A 1 17  ? 4.480   -7.969  3.535   1.00 27.89  ? 42   VAL A CB  1 
ATOM   104  C  CG1 . VAL A 1 17  ? 5.073   -6.572  3.789   1.00 33.78  ? 42   VAL A CG1 1 
ATOM   105  C  CG2 . VAL A 1 17  ? 4.453   -8.716  4.878   1.00 43.79  ? 42   VAL A CG2 1 
ATOM   106  N  N   . THR A 1 18  ? 1.581   -6.974  4.849   1.00 27.81  ? 43   THR A N   1 
ATOM   107  C  CA  . THR A 1 18  ? 1.033   -5.954  5.699   1.00 29.34  ? 43   THR A CA  1 
ATOM   108  C  C   . THR A 1 18  ? 1.629   -6.283  7.091   1.00 32.35  ? 43   THR A C   1 
ATOM   109  O  O   . THR A 1 18  ? 1.582   -7.503  7.520   1.00 32.04  ? 43   THR A O   1 
ATOM   110  C  CB  . THR A 1 18  ? -0.410  -6.088  5.739   1.00 32.21  ? 43   THR A CB  1 
ATOM   111  O  OG1 . THR A 1 18  ? -0.998  -5.746  4.466   1.00 37.62  ? 43   THR A OG1 1 
ATOM   112  C  CG2 . THR A 1 18  ? -0.978  -5.137  6.854   1.00 34.97  ? 43   THR A CG2 1 
ATOM   113  N  N   . PHE A 1 19  ? 2.190   -5.340  7.815   1.00 30.47  ? 44   PHE A N   1 
ATOM   114  C  CA  . PHE A 1 19  ? 2.703   -5.626  9.140   1.00 32.56  ? 44   PHE A CA  1 
ATOM   115  C  C   . PHE A 1 19  ? 2.445   -4.437  10.041  1.00 34.99  ? 44   PHE A C   1 
ATOM   116  O  O   . PHE A 1 19  ? 2.298   -3.300  9.534   1.00 31.99  ? 44   PHE A O   1 
ATOM   117  C  CB  . PHE A 1 19  ? 4.211   -6.048  9.060   1.00 37.88  ? 44   PHE A CB  1 
ATOM   118  C  CG  . PHE A 1 19  ? 5.171   -4.951  8.613   1.00 37.80  ? 44   PHE A CG  1 
ATOM   119  C  CD1 . PHE A 1 19  ? 5.485   -3.919  9.428   1.00 34.79  ? 44   PHE A CD1 1 
ATOM   120  C  CD2 . PHE A 1 19  ? 5.737   -5.039  7.309   1.00 41.24  ? 44   PHE A CD2 1 
ATOM   121  C  CE1 . PHE A 1 19  ? 6.400   -2.883  8.982   1.00 37.46  ? 44   PHE A CE1 1 
ATOM   122  C  CE2 . PHE A 1 19  ? 6.645   -4.038  6.832   1.00 39.27  ? 44   PHE A CE2 1 
ATOM   123  C  CZ  . PHE A 1 19  ? 6.969   -2.977  7.646   1.00 36.04  ? 44   PHE A CZ  1 
ATOM   124  N  N   . CYS A 1 20  ? 2.322   -4.652  11.356  1.00 30.68  ? 45   CYS A N   1 
ATOM   125  C  CA  . CYS A 1 20  ? 1.923   -3.570  12.295  1.00 30.94  ? 45   CYS A CA  1 
ATOM   126  C  C   . CYS A 1 20  ? 3.181   -2.788  12.595  1.00 31.82  ? 45   CYS A C   1 
ATOM   127  O  O   . CYS A 1 20  ? 4.324   -3.327  12.619  1.00 33.19  ? 45   CYS A O   1 
ATOM   128  C  CB  . CYS A 1 20  ? 1.403   -4.194  13.727  1.00 39.30  ? 45   CYS A CB  1 
ATOM   129  S  SG  . CYS A 1 20  ? 0.066   -5.350  13.073  1.00 56.44  ? 45   CYS A SG  1 
ATOM   130  N  N   . LEU A 1 21  ? 2.958   -1.553  12.871  1.00 30.31  ? 46   LEU A N   1 
ATOM   131  C  CA  . LEU A 1 21  ? 4.101   -0.638  13.249  1.00 36.71  ? 46   LEU A CA  1 
ATOM   132  C  C   . LEU A 1 21  ? 4.001   -0.287  14.709  1.00 42.58  ? 46   LEU A C   1 
ATOM   133  O  O   . LEU A 1 21  ? 3.076   0.361   15.071  1.00 45.09  ? 46   LEU A O   1 
ATOM   134  C  CB  . LEU A 1 21  ? 4.078   0.751   12.626  1.00 41.21  ? 46   LEU A CB  1 
ATOM   135  C  CG  . LEU A 1 21  ? 4.499   0.885   11.241  1.00 48.95  ? 46   LEU A CG  1 
ATOM   136  C  CD1 . LEU A 1 21  ? 4.490   2.316   10.832  1.00 35.88  ? 46   LEU A CD1 1 
ATOM   137  C  CD2 . LEU A 1 21  ? 5.959   0.381   11.163  1.00 49.32  ? 46   LEU A CD2 1 
ATOM   138  N  N   . GLY A 1 22  ? 4.969   -0.644  15.505  1.00 45.98  ? 47   GLY A N   1 
ATOM   139  C  CA  . GLY A 1 22  ? 4.936   -0.293  16.929  1.00 50.09  ? 47   GLY A CA  1 
ATOM   140  C  C   . GLY A 1 22  ? 6.002   0.782   17.223  1.00 52.59  ? 47   GLY A C   1 
ATOM   141  O  O   . GLY A 1 22  ? 7.040   0.798   16.556  1.00 48.25  ? 47   GLY A O   1 
ATOM   142  N  N   . GLU A 1 23  ? 5.788   1.591   18.274  1.00 53.78  ? 48   GLU A N   1 
ATOM   143  C  CA  . GLU A 1 23  ? 6.700   2.704   18.630  1.00 60.30  ? 48   GLU A CA  1 
ATOM   144  C  C   . GLU A 1 23  ? 8.069   2.239   19.049  1.00 61.45  ? 48   GLU A C   1 
ATOM   145  O  O   . GLU A 1 23  ? 8.969   3.055   19.128  1.00 65.20  ? 48   GLU A O   1 
ATOM   146  C  CB  . GLU A 1 23  ? 6.132   3.534   19.760  1.00 56.10  ? 48   GLU A CB  1 
ATOM   147  C  CG  . GLU A 1 23  ? 4.709   4.010   19.469  1.00 62.29  ? 48   GLU A CG  1 
ATOM   148  C  CD  . GLU A 1 23  ? 4.299   5.061   20.447  1.00 62.42  ? 48   GLU A CD  1 
ATOM   149  O  OE1 . GLU A 1 23  ? 4.772   4.944   21.581  1.00 62.10  ? 48   GLU A OE1 1 
ATOM   150  O  OE2 . GLU A 1 23  ? 3.511   5.961   20.109  1.00 57.96  ? 48   GLU A OE2 1 
ATOM   151  N  N   . GLU A 1 24  ? 8.226   0.955   19.331  1.00 63.74  ? 49   GLU A N   1 
ATOM   152  C  CA  . GLU A 1 24  ? 9.549   0.435   19.726  1.00 68.42  ? 49   GLU A CA  1 
ATOM   153  C  C   . GLU A 1 24  ? 10.133  -0.583  18.748  1.00 65.33  ? 49   GLU A C   1 
ATOM   154  O  O   . GLU A 1 24  ? 11.005  -1.402  19.126  1.00 65.26  ? 49   GLU A O   1 
ATOM   155  C  CB  . GLU A 1 24  ? 9.476   -0.198  21.148  1.00 73.82  ? 49   GLU A CB  1 
ATOM   156  C  CG  . GLU A 1 24  ? 8.989   0.812   22.241  1.00 82.51  ? 49   GLU A CG  1 
ATOM   157  C  CD  . GLU A 1 24  ? 8.962   0.209   23.665  1.00 89.78  ? 49   GLU A CD  1 
ATOM   158  O  OE1 . GLU A 1 24  ? 8.276   -0.852  23.891  1.00 91.12  ? 49   GLU A OE1 1 
ATOM   159  O  OE2 . GLU A 1 24  ? 9.636   0.810   24.552  1.00 88.77  ? 49   GLU A OE2 1 
ATOM   160  N  N   . ASP A 1 25  ? 9.674   -0.584  17.507  1.00 57.17  ? 50   ASP A N   1 
ATOM   161  C  CA  . ASP A 1 25  ? 10.250  -1.582  16.606  1.00 54.96  ? 50   ASP A CA  1 
ATOM   162  C  C   . ASP A 1 25  ? 11.427  -0.971  15.847  1.00 47.99  ? 50   ASP A C   1 
ATOM   163  O  O   . ASP A 1 25  ? 11.984  -1.598  15.028  1.00 46.71  ? 50   ASP A O   1 
ATOM   164  C  CB  . ASP A 1 25  ? 9.230   -2.030  15.564  1.00 65.36  ? 50   ASP A CB  1 
ATOM   165  C  CG  . ASP A 1 25  ? 7.889   -2.467  16.177  1.00 78.32  ? 50   ASP A CG  1 
ATOM   166  O  OD1 . ASP A 1 25  ? 7.863   -2.858  17.427  1.00 82.29  ? 50   ASP A OD1 1 
ATOM   167  O  OD2 . ASP A 1 25  ? 6.887   -2.441  15.356  1.00 75.64  ? 50   ASP A OD2 1 
ATOM   168  N  N   . GLY A 1 26  ? 11.741  0.297   16.039  1.00 51.44  ? 51   GLY A N   1 
ATOM   169  C  CA  . GLY A 1 26  ? 12.859  0.896   15.249  1.00 51.16  ? 51   GLY A CA  1 
ATOM   170  C  C   . GLY A 1 26  ? 12.502  1.144   13.783  1.00 49.87  ? 51   GLY A C   1 
ATOM   171  O  O   . GLY A 1 26  ? 13.405  1.286   12.915  1.00 52.43  ? 51   GLY A O   1 
ATOM   172  N  N   . VAL A 1 27  ? 11.204  1.115   13.425  1.00 42.99  ? 52   VAL A N   1 
ATOM   173  C  CA  . VAL A 1 27  ? 10.914  1.287   12.040  1.00 41.64  ? 52   VAL A CA  1 
ATOM   174  C  C   . VAL A 1 27  ? 10.274  2.704   11.976  1.00 43.20  ? 52   VAL A C   1 
ATOM   175  O  O   . VAL A 1 27  ? 9.064   2.894   12.309  1.00 43.89  ? 52   VAL A O   1 
ATOM   176  C  CB  . VAL A 1 27  ? 9.914   0.194   11.482  1.00 43.96  ? 52   VAL A CB  1 
ATOM   177  C  CG1 . VAL A 1 27  ? 9.608   0.499   9.952   1.00 41.85  ? 52   VAL A CG1 1 
ATOM   178  C  CG2 . VAL A 1 27  ? 10.531  -1.149  11.628  1.00 45.99  ? 52   VAL A CG2 1 
ATOM   179  N  N   . HIS A 1 28  ? 11.030  3.653   11.457  1.00 38.27  ? 53   HIS A N   1 
ATOM   180  C  CA  . HIS A 1 28  ? 10.556  5.077   11.517  1.00 39.61  ? 53   HIS A CA  1 
ATOM   181  C  C   . HIS A 1 28  ? 10.440  5.707   10.205  1.00 37.81  ? 53   HIS A C   1 
ATOM   182  O  O   . HIS A 1 28  ? 9.764   6.760   10.098  1.00 40.82  ? 53   HIS A O   1 
ATOM   183  C  CB  . HIS A 1 28  ? 11.546  5.891   12.409  1.00 44.76  ? 53   HIS A CB  1 
ATOM   184  C  CG  . HIS A 1 28  ? 11.780  5.285   13.763  1.00 51.25  ? 53   HIS A CG  1 
ATOM   185  N  ND1 . HIS A 1 28  ? 13.025  5.226   14.353  1.00 55.29  ? 53   HIS A ND1 1 
ATOM   186  C  CD2 . HIS A 1 28  ? 10.939  4.611   14.600  1.00 52.44  ? 53   HIS A CD2 1 
ATOM   187  C  CE1 . HIS A 1 28  ? 12.943  4.534   15.491  1.00 52.44  ? 53   HIS A CE1 1 
ATOM   188  N  NE2 . HIS A 1 28  ? 11.692  4.149   15.660  1.00 51.11  ? 53   HIS A NE2 1 
ATOM   189  N  N   . THR A 1 29  ? 11.178  5.190   9.221   1.00 37.33  ? 54   THR A N   1 
ATOM   190  C  CA  . THR A 1 29  ? 11.173  5.782   7.895   1.00 38.84  ? 54   THR A CA  1 
ATOM   191  C  C   . THR A 1 29  ? 10.799  4.776   6.800   1.00 38.75  ? 54   THR A C   1 
ATOM   192  O  O   . THR A 1 29  ? 10.802  3.613   7.076   1.00 34.73  ? 54   THR A O   1 
ATOM   193  C  CB  . THR A 1 29  ? 12.561  6.254   7.420   1.00 39.52  ? 54   THR A CB  1 
ATOM   194  O  OG1 . THR A 1 29  ? 13.471  5.135   7.388   1.00 37.78  ? 54   THR A OG1 1 
ATOM   195  C  CG2 . THR A 1 29  ? 13.042  7.316   8.428   1.00 42.34  ? 54   THR A CG2 1 
ATOM   196  N  N   . VAL A 1 30  ? 10.420  5.282   5.605   1.00 37.25  ? 55   VAL A N   1 
ATOM   197  C  CA  . VAL A 1 30  ? 10.166  4.444   4.464   1.00 39.12  ? 55   VAL A CA  1 
ATOM   198  C  C   . VAL A 1 30  ? 11.325  3.504   4.223   1.00 44.02  ? 55   VAL A C   1 
ATOM   199  O  O   . VAL A 1 30  ? 11.134  2.328   3.850   1.00 41.98  ? 55   VAL A O   1 
ATOM   200  C  CB  . VAL A 1 30  ? 9.923   5.312   3.199   1.00 39.27  ? 55   VAL A CB  1 
ATOM   201  C  CG1 . VAL A 1 30  ? 9.759   4.340   1.903   1.00 39.15  ? 55   VAL A CG1 1 
ATOM   202  C  CG2 . VAL A 1 30  ? 8.611   6.008   3.379   1.00 40.91  ? 55   VAL A CG2 1 
ATOM   203  N  N   . GLU A 1 31  ? 12.565  4.007   4.349   1.00 43.40  ? 56   GLU A N   1 
ATOM   204  C  CA  . GLU A 1 31  ? 13.719  3.181   4.152   1.00 43.19  ? 56   GLU A CA  1 
ATOM   205  C  C   . GLU A 1 31  ? 13.770  2.006   5.199   1.00 43.26  ? 56   GLU A C   1 
ATOM   206  O  O   . GLU A 1 31  ? 14.087  0.834   4.788   1.00 41.22  ? 56   GLU A O   1 
ATOM   207  C  CB  . GLU A 1 31  ? 14.982  4.001   4.315   1.00 52.04  ? 56   GLU A CB  1 
ATOM   208  C  CG  . GLU A 1 31  ? 15.560  4.513   3.098   1.00 68.17  ? 56   GLU A CG  1 
ATOM   209  C  CD  . GLU A 1 31  ? 16.431  3.415   2.434   1.00 79.66  ? 56   GLU A CD  1 
ATOM   210  O  OE1 . GLU A 1 31  ? 15.855  2.312   2.149   1.00 84.86  ? 56   GLU A OE1 1 
ATOM   211  O  OE2 . GLU A 1 31  ? 17.675  3.641   2.195   1.00 82.48  ? 56   GLU A OE2 1 
ATOM   212  N  N   . ASP A 1 32  ? 13.511  2.334   6.492   1.00 38.09  ? 57   ASP A N   1 
ATOM   213  C  CA  . ASP A 1 32  ? 13.485  1.267   7.524   1.00 40.40  ? 57   ASP A CA  1 
ATOM   214  C  C   . ASP A 1 32  ? 12.411  0.200   7.105   1.00 36.74  ? 57   ASP A C   1 
ATOM   215  O  O   . ASP A 1 32  ? 12.625  -1.035  7.205   1.00 38.62  ? 57   ASP A O   1 
ATOM   216  C  CB  . ASP A 1 32  ? 13.042  1.723   8.878   1.00 35.80  ? 57   ASP A CB  1 
ATOM   217  C  CG  . ASP A 1 32  ? 14.041  2.746   9.572   1.00 50.79  ? 57   ASP A CG  1 
ATOM   218  O  OD1 . ASP A 1 32  ? 15.298  2.649   9.346   1.00 48.82  ? 57   ASP A OD1 1 
ATOM   219  O  OD2 . ASP A 1 32  ? 13.586  3.577   10.428  1.00 46.30  ? 57   ASP A OD2 1 
ATOM   220  N  N   . ALA A 1 33  ? 11.287  0.684   6.601   1.00 33.29  ? 58   ALA A N   1 
ATOM   221  C  CA  . ALA A 1 33  ? 10.215  -0.231  6.217   1.00 36.56  ? 58   ALA A CA  1 
ATOM   222  C  C   . ALA A 1 33  ? 10.623  -1.090  5.076   1.00 42.04  ? 58   ALA A C   1 
ATOM   223  O  O   . ALA A 1 33  ? 10.264  -2.309  5.074   1.00 32.01  ? 58   ALA A O   1 
ATOM   224  C  CB  . ALA A 1 33  ? 8.938   0.563   5.856   1.00 34.12  ? 58   ALA A CB  1 
ATOM   225  N  N   . SER A 1 34  ? 11.312  -0.500  4.055   1.00 33.09  ? 59   SER A N   1 
ATOM   226  C  CA  . SER A 1 34  ? 11.757  -1.344  2.918   1.00 38.65  ? 59   SER A CA  1 
ATOM   227  C  C   . SER A 1 34  ? 12.776  -2.387  3.423   1.00 38.61  ? 59   SER A C   1 
ATOM   228  O  O   . SER A 1 34  ? 12.792  -3.537  2.941   1.00 37.25  ? 59   SER A O   1 
ATOM   229  C  CB  . SER A 1 34  ? 12.482  -0.531  1.763   1.00 39.25  ? 59   SER A CB  1 
ATOM   230  O  OG  . SER A 1 34  ? 11.702  0.482   1.337   1.00 50.11  ? 59   SER A OG  1 
ATOM   231  N  N   . ARG A 1 35  ? 13.608  -1.973  4.369   1.00 37.04  ? 60   ARG A N   1 
ATOM   232  C  CA  . ARG A 1 35  ? 14.607  -2.930  4.890   1.00 42.80  ? 60   ARG A CA  1 
ATOM   233  C  C   . ARG A 1 35  ? 13.867  -4.079  5.634   1.00 44.72  ? 60   ARG A C   1 
ATOM   234  O  O   . ARG A 1 35  ? 14.251  -5.257  5.532   1.00 39.36  ? 60   ARG A O   1 
ATOM   235  C  CB  . ARG A 1 35  ? 15.622  -2.341  5.919   1.00 45.23  ? 60   ARG A CB  1 
ATOM   236  C  CG  . ARG A 1 35  ? 16.609  -1.364  5.273   1.00 53.22  ? 60   ARG A CG  1 
ATOM   237  C  CD  . ARG A 1 35  ? 17.852  -1.089  6.126   1.00 54.34  ? 60   ARG A CD  1 
ATOM   238  N  NE  . ARG A 1 35  ? 17.529  -0.296  7.285   1.00 67.82  ? 60   ARG A NE  1 
ATOM   239  C  CZ  . ARG A 1 35  ? 17.261  1.023   7.284   1.00 71.91  ? 60   ARG A CZ  1 
ATOM   240  N  NH1 . ARG A 1 35  ? 17.274  1.747   6.172   1.00 68.69  ? 60   ARG A NH1 1 
ATOM   241  N  NH2 . ARG A 1 35  ? 16.988  1.625   8.437   1.00 75.83  ? 60   ARG A NH2 1 
ATOM   242  N  N   . LYS A 1 36  ? 12.847  -3.733  6.415   1.00 40.96  ? 61   LYS A N   1 
ATOM   243  C  CA  . LYS A 1 36  ? 12.149  -4.825  7.142   1.00 39.29  ? 61   LYS A CA  1 
ATOM   244  C  C   . LYS A 1 36  ? 11.442  -5.674  6.083   1.00 33.32  ? 61   LYS A C   1 
ATOM   245  O  O   . LYS A 1 36  ? 11.421  -6.889  6.224   1.00 34.88  ? 61   LYS A O   1 
ATOM   246  C  CB  . LYS A 1 36  ? 11.187  -4.208  8.113   1.00 35.11  ? 61   LYS A CB  1 
ATOM   247  C  CG  . LYS A 1 36  ? 10.232  -5.232  8.769   1.00 36.60  ? 61   LYS A CG  1 
ATOM   248  C  CD  . LYS A 1 36  ? 9.562   -4.594  10.020  1.00 41.48  ? 61   LYS A CD  1 
ATOM   249  C  CE  . LYS A 1 36  ? 8.513   -5.713  10.639  1.00 46.49  ? 61   LYS A CE  1 
ATOM   250  N  NZ  . LYS A 1 36  ? 8.250   -5.325  12.088  1.00 49.27  ? 61   LYS A NZ  1 
ATOM   251  N  N   . LEU A 1 37  ? 10.885  -5.081  4.973   1.00 31.48  ? 62   LEU A N   1 
ATOM   252  C  CA  . LEU A 1 37  ? 10.343  -5.936  3.930   1.00 33.68  ? 62   LEU A CA  1 
ATOM   253  C  C   . LEU A 1 37  ? 11.357  -6.963  3.356   1.00 38.45  ? 62   LEU A C   1 
ATOM   254  O  O   . LEU A 1 37  ? 11.004  -8.113  3.148   1.00 35.06  ? 62   LEU A O   1 
ATOM   255  C  CB  . LEU A 1 37  ? 9.808   -5.121  2.698   1.00 37.68  ? 62   LEU A CB  1 
ATOM   256  C  CG  . LEU A 1 37  ? 9.428   -5.871  1.455   1.00 41.83  ? 62   LEU A CG  1 
ATOM   257  C  CD1 . LEU A 1 37  ? 8.070   -6.536  1.670   1.00 38.99  ? 62   LEU A CD1 1 
ATOM   258  C  CD2 . LEU A 1 37  ? 9.369   -4.773  0.267   1.00 43.16  ? 62   LEU A CD2 1 
ATOM   259  N  N   . ALA A 1 38  ? 12.595  -6.546  3.101   1.00 33.55  ? 63   ALA A N   1 
ATOM   260  C  CA  . ALA A 1 38  ? 13.608  -7.448  2.563   1.00 40.70  ? 63   ALA A CA  1 
ATOM   261  C  C   . ALA A 1 38  ? 13.888  -8.513  3.673   1.00 38.44  ? 63   ALA A C   1 
ATOM   262  O  O   . ALA A 1 38  ? 14.023  -9.688  3.290   1.00 44.29  ? 63   ALA A O   1 
ATOM   263  C  CB  . ALA A 1 38  ? 14.953  -6.752  2.273   1.00 41.94  ? 63   ALA A CB  1 
ATOM   264  N  N   . VAL A 1 39  ? 13.985  -8.125  4.954   1.00 38.76  ? 64   VAL A N   1 
ATOM   265  C  CA  . VAL A 1 39  ? 14.249  -9.190  6.020   1.00 39.58  ? 64   VAL A CA  1 
ATOM   266  C  C   . VAL A 1 39  ? 13.112  -10.218 5.964   1.00 41.99  ? 64   VAL A C   1 
ATOM   267  O  O   . VAL A 1 39  ? 13.328  -11.438 5.928   1.00 40.20  ? 64   VAL A O   1 
ATOM   268  C  CB  . VAL A 1 39  ? 14.367  -8.549  7.378   1.00 40.34  ? 64   VAL A CB  1 
ATOM   269  C  CG1 . VAL A 1 39  ? 14.472  -9.592  8.500   1.00 41.95  ? 64   VAL A CG1 1 
ATOM   270  C  CG2 . VAL A 1 39  ? 15.653  -7.750  7.427   1.00 48.29  ? 64   VAL A CG2 1 
HETATM 271  N  N   . MSE A 1 40  ? 11.858  -9.721  5.923   1.00 37.20  ? 65   MSE A N   1 
HETATM 272  C  CA  . MSE A 1 40  ? 10.702  -10.607 5.893   1.00 33.94  ? 65   MSE A CA  1 
HETATM 273  C  C   . MSE A 1 40  ? 10.747  -11.489 4.739   1.00 40.91  ? 65   MSE A C   1 
HETATM 274  O  O   . MSE A 1 40  ? 10.356  -12.691 4.774   1.00 39.35  ? 65   MSE A O   1 
HETATM 275  C  CB  . MSE A 1 40  ? 9.302   -9.811  5.949   1.00 26.79  ? 65   MSE A CB  1 
HETATM 276  C  CG  . MSE A 1 40  ? 9.285   -9.234  7.304   1.00 39.73  ? 65   MSE A CG  1 
HETATM 277  SE SE  . MSE A 1 40  ? 7.675   -8.029  7.334   1.00 50.98  ? 65   MSE A SE  1 
HETATM 278  C  CE  . MSE A 1 40  ? 6.371   -9.585  7.424   1.00 46.79  ? 65   MSE A CE  1 
ATOM   279  N  N   . ASP A 1 41  ? 11.202  -10.920 3.651   1.00 39.45  ? 66   ASP A N   1 
ATOM   280  C  CA  . ASP A 1 41  ? 11.199  -11.738 2.454   1.00 38.59  ? 66   ASP A CA  1 
ATOM   281  C  C   . ASP A 1 41  ? 12.284  -12.816 2.633   1.00 37.90  ? 66   ASP A C   1 
ATOM   282  O  O   . ASP A 1 41  ? 12.044  -14.007 2.272   1.00 43.93  ? 66   ASP A O   1 
ATOM   283  C  CB  . ASP A 1 41  ? 11.571  -10.874 1.236   1.00 42.94  ? 66   ASP A CB  1 
ATOM   284  C  CG  . ASP A 1 41  ? 11.476  -11.602 -0.056  1.00 55.90  ? 66   ASP A CG  1 
ATOM   285  O  OD1 . ASP A 1 41  ? 10.656  -12.626 -0.304  1.00 50.45  ? 66   ASP A OD1 1 
ATOM   286  O  OD2 . ASP A 1 41  ? 12.301  -11.097 -0.860  1.00 57.80  ? 66   ASP A OD2 1 
ATOM   287  N  N   . SER A 1 42  ? 13.389  -12.456 3.236   1.00 40.08  ? 67   SER A N   1 
ATOM   288  C  CA  . SER A 1 42  ? 14.396  -13.507 3.357   1.00 48.06  ? 67   SER A CA  1 
ATOM   289  C  C   . SER A 1 42  ? 13.935  -14.598 4.425   1.00 51.34  ? 67   SER A C   1 
ATOM   290  O  O   . SER A 1 42  ? 14.517  -15.716 4.493   1.00 50.78  ? 67   SER A O   1 
ATOM   291  C  CB  . SER A 1 42  ? 15.703  -12.875 3.762   1.00 42.17  ? 67   SER A CB  1 
ATOM   292  O  OG  . SER A 1 42  ? 15.603  -12.560 5.149   1.00 54.28  ? 67   SER A OG  1 
ATOM   293  N  N   . GLN A 1 43  ? 12.913  -14.306 5.245   1.00 46.39  ? 68   GLN A N   1 
ATOM   294  C  CA  . GLN A 1 43  ? 12.435  -15.291 6.215   1.00 47.63  ? 68   GLN A CA  1 
ATOM   295  C  C   . GLN A 1 43  ? 11.253  -16.082 5.587   1.00 44.07  ? 68   GLN A C   1 
ATOM   296  O  O   . GLN A 1 43  ? 10.546  -16.790 6.291   1.00 47.43  ? 68   GLN A O   1 
ATOM   297  C  CB  . GLN A 1 43  ? 11.970  -14.580 7.455   1.00 40.92  ? 68   GLN A CB  1 
ATOM   298  C  CG  . GLN A 1 43  ? 13.076  -13.920 8.275   1.00 51.67  ? 68   GLN A CG  1 
ATOM   299  C  CD  . GLN A 1 43  ? 12.546  -12.987 9.413   1.00 56.78  ? 68   GLN A CD  1 
ATOM   300  O  OE1 . GLN A 1 43  ? 11.412  -12.353 9.355   1.00 61.53  ? 68   GLN A OE1 1 
ATOM   301  N  NE2 . GLN A 1 43  ? 13.354  -12.868 10.439  1.00 56.79  ? 68   GLN A NE2 1 
ATOM   302  N  N   . GLY A 1 44  ? 10.928  -15.851 4.332   1.00 38.26  ? 69   GLY A N   1 
ATOM   303  C  CA  . GLY A 1 44  ? 9.853   -16.602 3.675   1.00 35.04  ? 69   GLY A CA  1 
ATOM   304  C  C   . GLY A 1 44  ? 8.466   -16.107 4.052   1.00 40.55  ? 69   GLY A C   1 
ATOM   305  O  O   . GLY A 1 44  ? 7.433   -16.855 3.952   1.00 40.91  ? 69   GLY A O   1 
ATOM   306  N  N   . ARG A 1 45  ? 8.385   -14.836 4.479   1.00 39.47  ? 70   ARG A N   1 
ATOM   307  C  CA  . ARG A 1 45  ? 7.061   -14.240 4.828   1.00 38.68  ? 70   ARG A CA  1 
ATOM   308  C  C   . ARG A 1 45  ? 6.414   -13.426 3.766   1.00 42.28  ? 70   ARG A C   1 
ATOM   309  O  O   . ARG A 1 45  ? 5.357   -12.887 3.998   1.00 44.33  ? 70   ARG A O   1 
ATOM   310  C  CB  . ARG A 1 45  ? 7.196   -13.315 6.063   1.00 37.99  ? 70   ARG A CB  1 
ATOM   311  C  CG  . ARG A 1 45  ? 7.899   -14.087 7.220   1.00 48.60  ? 70   ARG A CG  1 
ATOM   312  C  CD  . ARG A 1 45  ? 7.339   -13.710 8.503   1.00 58.02  ? 70   ARG A CD  1 
ATOM   313  N  NE  . ARG A 1 45  ? 8.141   -12.793 9.179   1.00 63.27  ? 70   ARG A NE  1 
ATOM   314  C  CZ  . ARG A 1 45  ? 7.690   -12.030 10.190  1.00 71.38  ? 70   ARG A CZ  1 
ATOM   315  N  NH1 . ARG A 1 45  ? 6.417   -12.125 10.628  1.00 70.48  ? 70   ARG A NH1 1 
ATOM   316  N  NH2 . ARG A 1 45  ? 8.491   -11.098 10.717  1.00 68.51  ? 70   ARG A NH2 1 
ATOM   317  N  N   . VAL A 1 46  ? 6.998   -13.315 2.588   1.00 39.68  ? 71   VAL A N   1 
ATOM   318  C  CA  . VAL A 1 46  ? 6.386   -12.444 1.588   1.00 40.52  ? 71   VAL A CA  1 
ATOM   319  C  C   . VAL A 1 46  ? 5.921   -13.271 0.439   1.00 47.03  ? 71   VAL A C   1 
ATOM   320  O  O   . VAL A 1 46  ? 6.750   -13.934 -0.165  1.00 54.23  ? 71   VAL A O   1 
ATOM   321  C  CB  . VAL A 1 46  ? 7.453   -11.418 1.146   1.00 37.32  ? 71   VAL A CB  1 
ATOM   322  C  CG1 . VAL A 1 46  ? 6.944   -10.520 -0.001  1.00 43.17  ? 71   VAL A CG1 1 
ATOM   323  C  CG2 . VAL A 1 46  ? 7.852   -10.526 2.356   1.00 32.67  ? 71   VAL A CG2 1 
ATOM   324  N  N   . TRP A 1 47  ? 4.652   -13.249 0.095   1.00 44.68  ? 72   TRP A N   1 
ATOM   325  C  CA  . TRP A 1 47  ? 4.183   -14.007 -1.064  1.00 51.10  ? 72   TRP A CA  1 
ATOM   326  C  C   . TRP A 1 47  ? 3.176   -13.102 -1.818  1.00 51.30  ? 72   TRP A C   1 
ATOM   327  O  O   . TRP A 1 47  ? 2.189   -12.679 -1.257  1.00 52.79  ? 72   TRP A O   1 
ATOM   328  C  CB  . TRP A 1 47  ? 3.468   -15.344 -0.664  1.00 56.06  ? 72   TRP A CB  1 
ATOM   329  C  CG  . TRP A 1 47  ? 4.451   -16.280 0.051   1.00 68.66  ? 72   TRP A CG  1 
ATOM   330  C  CD1 . TRP A 1 47  ? 4.837   -16.210 1.414   1.00 68.66  ? 72   TRP A CD1 1 
ATOM   331  C  CD2 . TRP A 1 47  ? 5.353   -17.248 -0.555  1.00 70.38  ? 72   TRP A CD2 1 
ATOM   332  N  NE1 . TRP A 1 47  ? 5.927   -17.058 1.656   1.00 72.43  ? 72   TRP A NE1 1 
ATOM   333  C  CE2 . TRP A 1 47  ? 6.259   -17.699 0.502   1.00 73.77  ? 72   TRP A CE2 1 
ATOM   334  C  CE3 . TRP A 1 47  ? 5.489   -17.776 -1.850  1.00 71.09  ? 72   TRP A CE3 1 
ATOM   335  C  CZ2 . TRP A 1 47  ? 7.285   -18.657 0.257   1.00 72.95  ? 72   TRP A CZ2 1 
ATOM   336  C  CZ3 . TRP A 1 47  ? 6.523   -18.739 -2.082  1.00 72.66  ? 72   TRP A CZ3 1 
ATOM   337  C  CH2 . TRP A 1 47  ? 7.396   -19.166 -1.024  1.00 73.41  ? 72   TRP A CH2 1 
ATOM   338  N  N   . ALA A 1 48  ? 3.505   -12.819 -3.074  1.00 49.25  ? 73   ALA A N   1 
ATOM   339  C  CA  . ALA A 1 48  ? 2.748   -11.958 -3.978  1.00 44.42  ? 73   ALA A CA  1 
ATOM   340  C  C   . ALA A 1 48  ? 1.380   -12.463 -4.266  1.00 48.44  ? 73   ALA A C   1 
ATOM   341  O  O   . ALA A 1 48  ? 1.132   -13.628 -4.687  1.00 51.08  ? 73   ALA A O   1 
ATOM   342  C  CB  . ALA A 1 48  ? 3.592   -11.729 -5.290  1.00 45.46  ? 73   ALA A CB  1 
ATOM   343  N  N   . GLN A 1 49  ? 0.421   -11.627 -4.020  1.00 40.17  ? 74   GLN A N   1 
ATOM   344  C  CA  . GLN A 1 49  ? -0.966  -12.028 -4.274  1.00 42.60  ? 74   GLN A CA  1 
ATOM   345  C  C   . GLN A 1 49  ? -1.575  -11.013 -5.134  1.00 42.49  ? 74   GLN A C   1 
ATOM   346  O  O   . GLN A 1 49  ? -1.629  -9.847  -4.733  1.00 34.59  ? 74   GLN A O   1 
ATOM   347  C  CB  . GLN A 1 49  ? -1.719  -12.126 -2.974  1.00 47.88  ? 74   GLN A CB  1 
ATOM   348  C  CG  . GLN A 1 49  ? -3.192  -12.428 -3.144  1.00 59.45  ? 74   GLN A CG  1 
ATOM   349  C  CD  . GLN A 1 49  ? -3.875  -12.743 -1.773  1.00 70.46  ? 74   GLN A CD  1 
ATOM   350  O  OE1 . GLN A 1 49  ? -3.311  -13.488 -0.945  1.00 75.81  ? 74   GLN A OE1 1 
ATOM   351  N  NE2 . GLN A 1 49  ? -5.093  -12.199 -1.543  1.00 72.67  ? 74   GLN A NE2 1 
ATOM   352  N  N   . GLU A 1 50  ? -2.171  -11.402 -6.284  1.00 41.92  ? 75   GLU A N   1 
ATOM   353  C  CA  . GLU A 1 50  ? -2.682  -10.391 -7.201  1.00 43.34  ? 75   GLU A CA  1 
ATOM   354  C  C   . GLU A 1 50  ? -3.967  -9.813  -6.718  1.00 44.18  ? 75   GLU A C   1 
ATOM   355  O  O   . GLU A 1 50  ? -4.813  -10.474 -6.200  1.00 44.66  ? 75   GLU A O   1 
ATOM   356  C  CB  . GLU A 1 50  ? -2.815  -10.951 -8.666  1.00 48.84  ? 75   GLU A CB  1 
ATOM   357  C  CG  . GLU A 1 50  ? -3.116  -9.731  -9.636  1.00 59.87  ? 75   GLU A CG  1 
ATOM   358  C  CD  . GLU A 1 50  ? -3.224  -10.189 -11.130 1.00 68.47  ? 75   GLU A CD  1 
ATOM   359  O  OE1 . GLU A 1 50  ? -2.225  -10.799 -11.561 1.00 70.70  ? 75   GLU A OE1 1 
ATOM   360  O  OE2 . GLU A 1 50  ? -4.260  -9.947  -11.814 1.00 67.69  ? 75   GLU A OE2 1 
HETATM 361  N  N   . MSE A 1 51  ? -4.122  -8.490  -6.837  1.00 41.34  ? 76   MSE A N   1 
HETATM 362  C  CA  . MSE A 1 51  ? -5.335  -7.859  -6.367  1.00 41.94  ? 76   MSE A CA  1 
HETATM 363  C  C   . MSE A 1 51  ? -5.615  -6.636  -7.239  1.00 40.83  ? 76   MSE A C   1 
HETATM 364  O  O   . MSE A 1 51  ? -4.743  -6.082  -7.912  1.00 43.49  ? 76   MSE A O   1 
HETATM 365  C  CB  . MSE A 1 51  ? -5.119  -7.273  -4.926  1.00 42.44  ? 76   MSE A CB  1 
HETATM 366  C  CG  . MSE A 1 51  ? -5.294  -8.202  -3.813  1.00 52.78  ? 76   MSE A CG  1 
HETATM 367  SE SE  . MSE A 1 51  ? -4.950  -7.228  -2.126  1.00 54.96  ? 76   MSE A SE  1 
HETATM 368  C  CE  . MSE A 1 51  ? -5.060  -9.010  -1.183  1.00 53.48  ? 76   MSE A CE  1 
ATOM   369  N  N   . LEU A 1 52  ? -6.824  -6.200  -7.148  1.00 38.96  ? 77   LEU A N   1 
ATOM   370  C  CA  . LEU A 1 52  ? -7.329  -4.963  -7.811  1.00 43.64  ? 77   LEU A CA  1 
ATOM   371  C  C   . LEU A 1 52  ? -7.395  -3.832  -6.814  1.00 42.70  ? 77   LEU A C   1 
ATOM   372  O  O   . LEU A 1 52  ? -8.194  -3.875  -5.881  1.00 40.16  ? 77   LEU A O   1 
ATOM   373  C  CB  . LEU A 1 52  ? -8.769  -5.159  -8.228  1.00 45.03  ? 77   LEU A CB  1 
ATOM   374  C  CG  . LEU A 1 52  ? -9.220  -4.440  -9.493  1.00 56.41  ? 77   LEU A CG  1 
ATOM   375  C  CD1 . LEU A 1 52  ? -8.074  -3.976  -10.404 1.00 58.32  ? 77   LEU A CD1 1 
ATOM   376  C  CD2 . LEU A 1 52  ? -10.103 -5.482  -10.222 1.00 56.71  ? 77   LEU A CD2 1 
ATOM   377  N  N   . LEU A 1 53  ? -6.598  -2.784  -7.029  1.00 36.30  ? 78   LEU A N   1 
ATOM   378  C  CA  . LEU A 1 53  ? -6.589  -1.640  -6.114  1.00 32.99  ? 78   LEU A CA  1 
ATOM   379  C  C   . LEU A 1 53  ? -7.385  -0.467  -6.767  1.00 38.13  ? 78   LEU A C   1 
ATOM   380  O  O   . LEU A 1 53  ? -7.102  -0.017  -7.942  1.00 42.10  ? 78   LEU A O   1 
ATOM   381  C  CB  . LEU A 1 53  ? -5.115  -1.259  -5.763  1.00 33.31  ? 78   LEU A CB  1 
ATOM   382  C  CG  . LEU A 1 53  ? -4.993  -0.151  -4.688  1.00 34.75  ? 78   LEU A CG  1 
ATOM   383  C  CD1 . LEU A 1 53  ? -3.518  0.085   -4.185  1.00 36.46  ? 78   LEU A CD1 1 
ATOM   384  C  CD2 . LEU A 1 53  ? -5.355  1.227   -5.306  1.00 34.83  ? 78   LEU A CD2 1 
ATOM   385  N  N   . ARG A 1 54  ? -8.471  -0.096  -6.118  1.00 35.60  ? 79   ARG A N   1 
ATOM   386  C  CA  . ARG A 1 54  ? -9.338  0.947   -6.602  1.00 40.15  ? 79   ARG A CA  1 
ATOM   387  C  C   . ARG A 1 54  ? -9.295  2.247   -5.830  1.00 39.76  ? 79   ARG A C   1 
ATOM   388  O  O   . ARG A 1 54  ? -9.349  2.273   -4.610  1.00 39.14  ? 79   ARG A O   1 
ATOM   389  C  CB  . ARG A 1 54  ? -10.725 0.354   -6.763  1.00 42.98  ? 79   ARG A CB  1 
ATOM   390  C  CG  . ARG A 1 54  ? -11.738 1.359   -7.343  1.00 55.27  ? 79   ARG A CG  1 
ATOM   391  C  CD  . ARG A 1 54  ? -13.222 0.829   -7.461  1.00 63.77  ? 79   ARG A CD  1 
ATOM   392  N  NE  . ARG A 1 54  ? -13.314 -0.331  -8.365  1.00 72.26  ? 79   ARG A NE  1 
ATOM   393  C  CZ  . ARG A 1 54  ? -14.380 -1.156  -8.390  1.00 77.65  ? 79   ARG A CZ  1 
ATOM   394  N  NH1 . ARG A 1 54  ? -15.441 -0.966  -7.584  1.00 76.79  ? 79   ARG A NH1 1 
ATOM   395  N  NH2 . ARG A 1 54  ? -14.395 -2.187  -9.209  1.00 77.63  ? 79   ARG A NH2 1 
ATOM   396  N  N   . VAL A 1 55  ? -8.980  3.391   -6.507  1.00 36.77  ? 80   VAL A N   1 
ATOM   397  C  CA  . VAL A 1 55  ? -8.954  4.676   -5.774  1.00 32.69  ? 80   VAL A CA  1 
ATOM   398  C  C   . VAL A 1 55  ? -10.220 5.452   -6.141  1.00 39.98  ? 80   VAL A C   1 
ATOM   399  O  O   . VAL A 1 55  ? -10.487 5.631   -7.356  1.00 39.20  ? 80   VAL A O   1 
ATOM   400  C  CB  . VAL A 1 55  ? -7.778  5.414   -6.235  1.00 29.71  ? 80   VAL A CB  1 
ATOM   401  C  CG1 . VAL A 1 55  ? -7.603  6.657   -5.488  1.00 30.14  ? 80   VAL A CG1 1 
ATOM   402  C  CG2 . VAL A 1 55  ? -6.456  4.454   -6.057  1.00 30.47  ? 80   VAL A CG2 1 
ATOM   403  N  N   . SER A 1 56  ? -11.012 5.846   -5.161  1.00 38.72  ? 81   SER A N   1 
ATOM   404  C  CA  . SER A 1 56  ? -12.231 6.634   -5.379  1.00 37.70  ? 81   SER A CA  1 
ATOM   405  C  C   . SER A 1 56  ? -12.091 7.831   -4.596  1.00 36.74  ? 81   SER A C   1 
ATOM   406  O  O   . SER A 1 56  ? -11.161 7.973   -3.793  1.00 39.54  ? 81   SER A O   1 
ATOM   407  C  CB  . SER A 1 56  ? -13.428 5.819   -4.998  1.00 41.77  ? 81   SER A CB  1 
ATOM   408  O  OG  . SER A 1 56  ? -13.582 5.862   -3.629  1.00 48.57  ? 81   SER A OG  1 
ATOM   409  N  N   . PRO A 1 57  ? -12.976 8.824   -4.745  1.00 42.66  ? 82   PRO A N   1 
ATOM   410  C  CA  . PRO A 1 57  ? -12.691 10.009  -3.938  1.00 38.31  ? 82   PRO A CA  1 
ATOM   411  C  C   . PRO A 1 57  ? -12.920 9.868   -2.422  1.00 41.66  ? 82   PRO A C   1 
ATOM   412  O  O   . PRO A 1 57  ? -12.640 10.777  -1.742  1.00 44.19  ? 82   PRO A O   1 
ATOM   413  C  CB  . PRO A 1 57  ? -13.692 11.081  -4.458  1.00 45.94  ? 82   PRO A CB  1 
ATOM   414  C  CG  . PRO A 1 57  ? -13.854 10.563  -5.949  1.00 40.10  ? 82   PRO A CG  1 
ATOM   415  C  CD  . PRO A 1 57  ? -14.049 9.060   -5.741  1.00 42.26  ? 82   PRO A CD  1 
ATOM   416  N  N   . SER A 1 58  ? -13.545 8.810   -1.972  1.00 42.57  ? 83   SER A N   1 
ATOM   417  C  CA  . SER A 1 58  ? -13.744 8.623   -0.500  1.00 46.55  ? 83   SER A CA  1 
ATOM   418  C  C   . SER A 1 58  ? -12.908 7.515   0.129   1.00 42.71  ? 83   SER A C   1 
ATOM   419  O  O   . SER A 1 58  ? -12.841 7.469   1.344   1.00 46.54  ? 83   SER A O   1 
ATOM   420  C  CB  . SER A 1 58  ? -15.175 8.288   -0.223  1.00 41.14  ? 83   SER A CB  1 
ATOM   421  O  OG  . SER A 1 58  ? -15.512 7.067   -0.867  1.00 53.19  ? 83   SER A OG  1 
ATOM   422  N  N   . GLN A 1 59  ? -12.323 6.603   -0.675  1.00 41.06  ? 84   GLN A N   1 
ATOM   423  C  CA  . GLN A 1 59  ? -11.569 5.436   -0.152  1.00 39.45  ? 84   GLN A CA  1 
ATOM   424  C  C   . GLN A 1 59  ? -10.720 4.722   -1.115  1.00 42.73  ? 84   GLN A C   1 
ATOM   425  O  O   . GLN A 1 59  ? -10.862 4.908   -2.350  1.00 41.29  ? 84   GLN A O   1 
ATOM   426  C  CB  . GLN A 1 59  ? -12.489 4.408   0.432   1.00 42.41  ? 84   GLN A CB  1 
ATOM   427  C  CG  . GLN A 1 59  ? -13.487 3.798   -0.492  1.00 50.58  ? 84   GLN A CG  1 
ATOM   428  C  CD  . GLN A 1 59  ? -14.432 2.742   0.257   1.00 60.75  ? 84   GLN A CD  1 
ATOM   429  O  OE1 . GLN A 1 59  ? -14.761 1.714   -0.299  1.00 62.10  ? 84   GLN A OE1 1 
ATOM   430  N  NE2 . GLN A 1 59  ? -14.817 3.023   1.502   1.00 63.23  ? 84   GLN A NE2 1 
ATOM   431  N  N   . VAL A 1 60  ? -9.813  3.911   -0.577  1.00 34.05  ? 85   VAL A N   1 
ATOM   432  C  CA  . VAL A 1 60  ? -8.989  3.024   -1.385  1.00 36.43  ? 85   VAL A CA  1 
ATOM   433  C  C   . VAL A 1 60  ? -9.580  1.647   -1.099  1.00 38.78  ? 85   VAL A C   1 
ATOM   434  O  O   . VAL A 1 60  ? -9.783  1.276   0.087   1.00 41.48  ? 85   VAL A O   1 
ATOM   435  C  CB  . VAL A 1 60  ? -7.482  3.043   -0.992  1.00 36.84  ? 85   VAL A CB  1 
ATOM   436  C  CG1 . VAL A 1 60  ? -6.715  1.953   -1.704  1.00 35.96  ? 85   VAL A CG1 1 
ATOM   437  C  CG2 . VAL A 1 60  ? -6.939  4.362   -1.362  1.00 41.90  ? 85   VAL A CG2 1 
ATOM   438  N  N   . THR A 1 61  ? -9.903  0.925   -2.146  1.00 40.85  ? 86   THR A N   1 
ATOM   439  C  CA  . THR A 1 61  ? -10.482 -0.445  -2.016  1.00 41.58  ? 86   THR A CA  1 
ATOM   440  C  C   . THR A 1 61  ? -9.622  -1.514  -2.654  1.00 40.31  ? 86   THR A C   1 
ATOM   441  O  O   . THR A 1 61  ? -8.997  -1.244  -3.704  1.00 40.31  ? 86   THR A O   1 
ATOM   442  C  CB  . THR A 1 61  ? -11.855 -0.449  -2.691  1.00 49.15  ? 86   THR A CB  1 
ATOM   443  O  OG1 . THR A 1 61  ? -12.668 0.589   -2.087  1.00 54.81  ? 86   THR A OG1 1 
ATOM   444  C  CG2 . THR A 1 61  ? -12.501 -1.747  -2.476  1.00 58.83  ? 86   THR A CG2 1 
ATOM   445  N  N   . LEU A 1 62  ? -9.522  -2.719  -2.067  1.00 34.88  ? 87   LEU A N   1 
ATOM   446  C  CA  . LEU A 1 62  ? -8.785  -3.814  -2.646  1.00 35.59  ? 87   LEU A CA  1 
ATOM   447  C  C   . LEU A 1 62  ? -9.802  -4.921  -3.037  1.00 44.54  ? 87   LEU A C   1 
ATOM   448  O  O   . LEU A 1 62  ? -10.556 -5.419  -2.134  1.00 47.64  ? 87   LEU A O   1 
ATOM   449  C  CB  . LEU A 1 62  ? -7.800  -4.440  -1.644  1.00 42.45  ? 87   LEU A CB  1 
ATOM   450  C  CG  . LEU A 1 62  ? -6.810  -3.355  -1.190  1.00 45.31  ? 87   LEU A CG  1 
ATOM   451  C  CD1 . LEU A 1 62  ? -5.997  -3.891  -0.072  1.00 48.24  ? 87   LEU A CD1 1 
ATOM   452  C  CD2 . LEU A 1 62  ? -5.755  -3.211  -2.482  1.00 46.88  ? 87   LEU A CD2 1 
ATOM   453  N  N   . LEU A 1 63  ? -9.790  -5.380  -4.292  1.00 43.41  ? 88   LEU A N   1 
ATOM   454  C  CA  . LEU A 1 63  ? -10.717 -6.438  -4.723  1.00 47.66  ? 88   LEU A CA  1 
ATOM   455  C  C   . LEU A 1 63  ? -10.088 -7.682  -5.313  1.00 52.24  ? 88   LEU A C   1 
ATOM   456  O  O   . LEU A 1 63  ? -8.973  -7.634  -5.844  1.00 50.59  ? 88   LEU A O   1 
ATOM   457  C  CB  . LEU A 1 63  ? -11.739 -5.861  -5.755  1.00 49.41  ? 88   LEU A CB  1 
ATOM   458  C  CG  . LEU A 1 63  ? -12.189 -4.380  -5.507  1.00 51.67  ? 88   LEU A CG  1 
ATOM   459  C  CD1 . LEU A 1 63  ? -12.473 -3.598  -6.840  1.00 56.82  ? 88   LEU A CD1 1 
ATOM   460  C  CD2 . LEU A 1 63  ? -13.406 -4.440  -4.785  1.00 51.82  ? 88   LEU A CD2 1 
ATOM   461  N  N   . ASP A 1 64  ? -10.815 -8.820  -5.309  1.00 54.57  ? 89   ASP A N   1 
ATOM   462  C  CA  . ASP A 1 64  ? -10.298 -10.021 -5.952  1.00 56.02  ? 89   ASP A CA  1 
ATOM   463  C  C   . ASP A 1 64  ? -10.416 -9.742  -7.453  1.00 55.59  ? 89   ASP A C   1 
ATOM   464  O  O   . ASP A 1 64  ? -11.472 -9.349  -7.907  1.00 56.56  ? 89   ASP A O   1 
ATOM   465  C  CB  . ASP A 1 64  ? -11.120 -11.198 -5.594  1.00 63.38  ? 89   ASP A CB  1 
ATOM   466  C  CG  . ASP A 1 64  ? -10.612 -12.451 -6.285  1.00 71.59  ? 89   ASP A CG  1 
ATOM   467  O  OD1 . ASP A 1 64  ? -10.900 -12.669 -7.512  1.00 72.11  ? 89   ASP A OD1 1 
ATOM   468  O  OD2 . ASP A 1 64  ? -9.884  -13.188 -5.593  1.00 74.40  ? 89   ASP A OD2 1 
ATOM   469  N  N   . PRO A 1 65  ? -9.329  -9.850  -8.209  1.00 56.69  ? 90   PRO A N   1 
ATOM   470  C  CA  . PRO A 1 65  ? -9.256  -9.582  -9.645  1.00 66.77  ? 90   PRO A CA  1 
ATOM   471  C  C   . PRO A 1 65  ? -10.263 -10.237 -10.574 1.00 71.05  ? 90   PRO A C   1 
ATOM   472  O  O   . PRO A 1 65  ? -10.446 -9.769  -11.708 1.00 72.57  ? 90   PRO A O   1 
ATOM   473  C  CB  . PRO A 1 65  ? -7.815  -9.950  -9.998  1.00 64.70  ? 90   PRO A CB  1 
ATOM   474  C  CG  . PRO A 1 65  ? -7.469  -10.904 -9.029  1.00 65.93  ? 90   PRO A CG  1 
ATOM   475  C  CD  . PRO A 1 65  ? -8.042  -10.346 -7.751  1.00 62.00  ? 90   PRO A CD  1 
ATOM   476  N  N   . VAL A 1 66  ? -10.876 -11.318 -10.119 1.00 73.11  ? 91   VAL A N   1 
ATOM   477  C  CA  . VAL A 1 66  ? -11.880 -12.025 -10.925 1.00 78.06  ? 91   VAL A CA  1 
ATOM   478  C  C   . VAL A 1 66  ? -13.255 -11.845 -10.359 1.00 78.55  ? 91   VAL A C   1 
ATOM   479  O  O   . VAL A 1 66  ? -14.076 -11.275 -11.048 1.00 79.36  ? 91   VAL A O   1 
ATOM   480  C  CB  . VAL A 1 66  ? -11.586 -13.533 -11.015 1.00 78.99  ? 91   VAL A CB  1 
ATOM   481  C  CG1 . VAL A 1 66  ? -12.673 -14.236 -11.873 1.00 80.42  ? 91   VAL A CG1 1 
ATOM   482  C  CG2 . VAL A 1 66  ? -10.219 -13.696 -11.639 1.00 79.20  ? 91   VAL A CG2 1 
ATOM   483  N  N   . SER A 1 67  ? -13.473 -12.302 -9.115  1.00 76.85  ? 92   SER A N   1 
ATOM   484  C  CA  . SER A 1 67  ? -14.760 -12.216 -8.475  1.00 77.28  ? 92   SER A CA  1 
ATOM   485  C  C   . SER A 1 67  ? -15.219 -10.798 -8.259  1.00 79.96  ? 92   SER A C   1 
ATOM   486  O  O   . SER A 1 67  ? -16.387 -10.517 -8.111  1.00 77.88  ? 92   SER A O   1 
ATOM   487  C  CB  . SER A 1 67  ? -14.709 -12.925 -7.139  1.00 80.36  ? 92   SER A CB  1 
ATOM   488  O  OG  . SER A 1 67  ? -13.864 -12.276 -6.227  1.00 81.82  ? 92   SER A OG  1 
ATOM   489  N  N   . LYS A 1 68  ? -14.273 -9.883  -8.229  1.00 81.34  ? 93   LYS A N   1 
ATOM   490  C  CA  . LYS A 1 68  ? -14.577 -8.486  -7.987  1.00 78.72  ? 93   LYS A CA  1 
ATOM   491  C  C   . LYS A 1 68  ? -15.122 -8.207  -6.594  1.00 75.17  ? 93   LYS A C   1 
ATOM   492  O  O   . LYS A 1 68  ? -15.518 -7.102  -6.288  1.00 76.98  ? 93   LYS A O   1 
ATOM   493  C  CB  . LYS A 1 68  ? -15.492 -7.925  -9.073  1.00 81.66  ? 93   LYS A CB  1 
ATOM   494  C  CG  . LYS A 1 68  ? -14.741 -7.311  -10.299 1.00 84.36  ? 93   LYS A CG  1 
ATOM   495  C  CD  . LYS A 1 68  ? -13.990 -8.346  -11.082 1.00 87.87  ? 93   LYS A CD  1 
ATOM   496  C  CE  . LYS A 1 68  ? -13.195 -7.715  -12.235 1.00 89.72  ? 93   LYS A CE  1 
ATOM   497  N  NZ  . LYS A 1 68  ? -12.613 -8.794  -13.096 1.00 91.72  ? 93   LYS A NZ  1 
ATOM   498  N  N   . GLU A 1 69  ? -15.110 -9.175  -5.709  1.00 72.38  ? 94   GLU A N   1 
ATOM   499  C  CA  . GLU A 1 69  ? -15.598 -8.838  -4.375  1.00 74.71  ? 94   GLU A CA  1 
ATOM   500  C  C   . GLU A 1 69  ? -14.599 -8.090  -3.544  1.00 68.35  ? 94   GLU A C   1 
ATOM   501  O  O   . GLU A 1 69  ? -13.427 -8.311  -3.676  1.00 66.42  ? 94   GLU A O   1 
ATOM   502  C  CB  . GLU A 1 69  ? -15.983 -10.054 -3.616  1.00 81.43  ? 94   GLU A CB  1 
ATOM   503  C  CG  . GLU A 1 69  ? -14.905 -11.016 -3.486  1.00 91.26  ? 94   GLU A CG  1 
ATOM   504  C  CD  . GLU A 1 69  ? -15.368 -12.172 -2.605  1.00 100.75 ? 94   GLU A CD  1 
ATOM   505  O  OE1 . GLU A 1 69  ? -15.782 -11.886 -1.426  1.00 102.04 ? 94   GLU A OE1 1 
ATOM   506  O  OE2 . GLU A 1 69  ? -15.325 -13.350 -3.108  1.00 102.85 ? 94   GLU A OE2 1 
ATOM   507  N  N   . GLU A 1 70  ? -15.074 -7.208  -2.690  1.00 63.82  ? 95   GLU A N   1 
ATOM   508  C  CA  . GLU A 1 70  ? -14.216 -6.406  -1.855  1.00 66.09  ? 95   GLU A CA  1 
ATOM   509  C  C   . GLU A 1 70  ? -13.455 -7.202  -0.824  1.00 66.68  ? 95   GLU A C   1 
ATOM   510  O  O   . GLU A 1 70  ? -14.080 -7.923  -0.059  1.00 67.48  ? 95   GLU A O   1 
ATOM   511  C  CB  . GLU A 1 70  ? -14.998 -5.340  -1.133  1.00 66.62  ? 95   GLU A CB  1 
ATOM   512  C  CG  . GLU A 1 70  ? -14.192 -4.432  -0.271  1.00 68.66  ? 95   GLU A CG  1 
ATOM   513  C  CD  . GLU A 1 70  ? -15.061 -3.279  0.240   1.00 76.84  ? 95   GLU A CD  1 
ATOM   514  O  OE1 . GLU A 1 70  ? -15.869 -2.723  -0.562  1.00 76.72  ? 95   GLU A OE1 1 
ATOM   515  O  OE2 . GLU A 1 70  ? -14.939 -2.921  1.444   1.00 77.89  ? 95   GLU A OE2 1 
ATOM   516  N  N   . LEU A 1 71  ? -12.121 -7.034  -0.799  1.00 59.01  ? 96   LEU A N   1 
ATOM   517  C  CA  . LEU A 1 71  ? -11.283 -7.724  0.140   1.00 56.33  ? 96   LEU A CA  1 
ATOM   518  C  C   . LEU A 1 71  ? -10.976 -6.816  1.279   1.00 56.43  ? 96   LEU A C   1 
ATOM   519  O  O   . LEU A 1 71  ? -10.800 -7.294  2.385   1.00 53.62  ? 96   LEU A O   1 
ATOM   520  C  CB  . LEU A 1 71  ? -9.995  -8.129  -0.482  1.00 57.92  ? 96   LEU A CB  1 
ATOM   521  C  CG  . LEU A 1 71  ? -9.964  -9.130  -1.597  1.00 59.55  ? 96   LEU A CG  1 
ATOM   522  C  CD1 . LEU A 1 71  ? -8.504  -9.363  -2.002  1.00 57.43  ? 96   LEU A CD1 1 
ATOM   523  C  CD2 . LEU A 1 71  ? -10.657 -10.389 -1.055  1.00 60.84  ? 96   LEU A CD2 1 
ATOM   524  N  N   . GLU A 1 72  ? -10.885 -5.497  1.049   1.00 51.50  ? 97   GLU A N   1 
ATOM   525  C  CA  . GLU A 1 72  ? -10.594 -4.608  2.156   1.00 51.26  ? 97   GLU A CA  1 
ATOM   526  C  C   . GLU A 1 72  ? -10.846 -3.183  1.670   1.00 49.40  ? 97   GLU A C   1 
ATOM   527  O  O   . GLU A 1 72  ? -10.782 -2.942  0.446   1.00 48.05  ? 97   GLU A O   1 
ATOM   528  C  CB  . GLU A 1 72  ? -9.111  -4.749  2.539   1.00 57.46  ? 97   GLU A CB  1 
ATOM   529  C  CG  . GLU A 1 72  ? -8.843  -4.068  3.878   1.00 75.60  ? 97   GLU A CG  1 
ATOM   530  C  CD  . GLU A 1 72  ? -9.582  -4.746  5.100   1.00 82.34  ? 97   GLU A CD  1 
ATOM   531  O  OE1 . GLU A 1 72  ? -9.526  -6.001  5.174   1.00 89.66  ? 97   GLU A OE1 1 
ATOM   532  O  OE2 . GLU A 1 72  ? -10.192 -4.042  5.984   1.00 88.12  ? 97   GLU A OE2 1 
ATOM   533  N  N   . SER A 1 73  ? -11.120 -2.245  2.560   1.00 46.21  ? 98   SER A N   1 
ATOM   534  C  CA  . SER A 1 73  ? -11.252 -0.890  2.145   1.00 49.66  ? 98   SER A CA  1 
ATOM   535  C  C   . SER A 1 73  ? -10.708 0.083   3.186   1.00 51.20  ? 98   SER A C   1 
ATOM   536  O  O   . SER A 1 73  ? -10.777 -0.105  4.380   1.00 51.16  ? 98   SER A O   1 
ATOM   537  C  CB  . SER A 1 73  ? -12.681 -0.583  1.871   1.00 57.57  ? 98   SER A CB  1 
ATOM   538  O  OG  . SER A 1 73  ? -13.415 -0.712  3.037   1.00 62.28  ? 98   SER A OG  1 
ATOM   539  N  N   . TYR A 1 74  ? -10.088 1.126   2.750   1.00 37.84  ? 99   TYR A N   1 
ATOM   540  C  CA  . TYR A 1 74  ? -9.573  2.123   3.641   1.00 40.14  ? 99   TYR A CA  1 
ATOM   541  C  C   . TYR A 1 74  ? -10.071 3.517   3.284   1.00 43.79  ? 99   TYR A C   1 
ATOM   542  O  O   . TYR A 1 74  ? -9.654  4.108   2.281   1.00 45.97  ? 99   TYR A O   1 
ATOM   543  C  CB  . TYR A 1 74  ? -8.062  2.120   3.528   1.00 42.47  ? 99   TYR A CB  1 
ATOM   544  C  CG  . TYR A 1 74  ? -7.390  0.756   3.645   1.00 56.05  ? 99   TYR A CG  1 
ATOM   545  C  CD1 . TYR A 1 74  ? -7.122  0.003   2.494   1.00 60.66  ? 99   TYR A CD1 1 
ATOM   546  C  CD2 . TYR A 1 74  ? -7.056  0.193   4.916   1.00 62.06  ? 99   TYR A CD2 1 
ATOM   547  C  CE1 . TYR A 1 74  ? -6.566  -1.264  2.549   1.00 66.20  ? 99   TYR A CE1 1 
ATOM   548  C  CE2 . TYR A 1 74  ? -6.483  -1.086  5.005   1.00 63.37  ? 99   TYR A CE2 1 
ATOM   549  C  CZ  . TYR A 1 74  ? -6.248  -1.823  3.799   1.00 68.87  ? 99   TYR A CZ  1 
ATOM   550  O  OH  . TYR A 1 74  ? -5.772  -3.134  3.771   1.00 70.05  ? 99   TYR A OH  1 
ATOM   551  N  N   . PRO A 1 75  ? -10.965 4.068   4.075   1.00 44.29  ? 100  PRO A N   1 
ATOM   552  C  CA  . PRO A 1 75  ? -11.487 5.410   3.841   1.00 44.72  ? 100  PRO A CA  1 
ATOM   553  C  C   . PRO A 1 75  ? -10.285 6.318   3.891   1.00 49.04  ? 100  PRO A C   1 
ATOM   554  O  O   . PRO A 1 75  ? -9.315  6.028   4.645   1.00 46.21  ? 100  PRO A O   1 
ATOM   555  C  CB  . PRO A 1 75  ? -12.420 5.665   5.045   1.00 50.22  ? 100  PRO A CB  1 
ATOM   556  C  CG  . PRO A 1 75  ? -11.927 4.720   6.073   1.00 51.56  ? 100  PRO A CG  1 
ATOM   557  C  CD  . PRO A 1 75  ? -11.483 3.441   5.340   1.00 47.83  ? 100  PRO A CD  1 
ATOM   558  N  N   . LEU A 1 76  ? -10.332 7.450   3.176   1.00 39.72  ? 101  LEU A N   1 
ATOM   559  C  CA  . LEU A 1 76  ? -9.165  8.255   3.031   1.00 45.44  ? 101  LEU A CA  1 
ATOM   560  C  C   . LEU A 1 76  ? -8.733  8.817   4.339   1.00 46.57  ? 101  LEU A C   1 
ATOM   561  O  O   . LEU A 1 76  ? -7.579  9.071   4.525   1.00 40.38  ? 101  LEU A O   1 
ATOM   562  C  CB  . LEU A 1 76  ? -9.446  9.371   2.022   1.00 43.37  ? 101  LEU A CB  1 
ATOM   563  C  CG  . LEU A 1 76  ? -9.646  8.783   0.575   1.00 50.12  ? 101  LEU A CG  1 
ATOM   564  C  CD1 . LEU A 1 76  ? -9.752  10.047  -0.396  1.00 41.99  ? 101  LEU A CD1 1 
ATOM   565  C  CD2 . LEU A 1 76  ? -8.440  7.894   0.012   1.00 41.00  ? 101  LEU A CD2 1 
ATOM   566  N  N   . ASP A 1 77  ? -9.662  8.960   5.250   1.00 45.28  ? 102  ASP A N   1 
ATOM   567  C  CA  . ASP A 1 77  ? -9.339  9.487   6.610   1.00 52.00  ? 102  ASP A CA  1 
ATOM   568  C  C   . ASP A 1 77  ? -8.343  8.551   7.379   1.00 49.01  ? 102  ASP A C   1 
ATOM   569  O  O   . ASP A 1 77  ? -7.630  8.999   8.212   1.00 49.70  ? 102  ASP A O   1 
ATOM   570  C  CB  . ASP A 1 77  ? -10.658 9.483   7.419   1.00 61.92  ? 102  ASP A CB  1 
ATOM   571  C  CG  . ASP A 1 77  ? -10.562 10.307  8.612   1.00 67.29  ? 102  ASP A CG  1 
ATOM   572  O  OD1 . ASP A 1 77  ? -11.471 10.204  9.470   1.00 76.28  ? 102  ASP A OD1 1 
ATOM   573  O  OD2 . ASP A 1 77  ? -9.550  11.068  8.645   1.00 74.05  ? 102  ASP A OD2 1 
ATOM   574  N  N   . ALA A 1 78  ? -8.400  7.221   7.094   1.00 47.91  ? 103  ALA A N   1 
ATOM   575  C  CA  . ALA A 1 78  ? -7.523  6.184   7.645   1.00 42.49  ? 103  ALA A CA  1 
ATOM   576  C  C   . ALA A 1 78  ? -6.130  6.176   7.013   1.00 42.85  ? 103  ALA A C   1 
ATOM   577  O  O   . ALA A 1 78  ? -5.223  5.617   7.580   1.00 41.20  ? 103  ALA A O   1 
ATOM   578  C  CB  . ALA A 1 78  ? -8.211  4.782   7.415   1.00 39.44  ? 103  ALA A CB  1 
ATOM   579  N  N   . ILE A 1 79  ? -5.880  6.782   5.858   1.00 36.74  ? 104  ILE A N   1 
ATOM   580  C  CA  . ILE A 1 79  ? -4.486  6.720   5.288   1.00 35.23  ? 104  ILE A CA  1 
ATOM   581  C  C   . ILE A 1 79  ? -3.559  7.754   5.863   1.00 40.33  ? 104  ILE A C   1 
ATOM   582  O  O   . ILE A 1 79  ? -3.810  8.920   5.755   1.00 41.79  ? 104  ILE A O   1 
ATOM   583  C  CB  . ILE A 1 79  ? -4.624  6.837   3.695   1.00 35.33  ? 104  ILE A CB  1 
ATOM   584  C  CG1 . ILE A 1 79  ? -5.590  5.734   3.277   1.00 42.44  ? 104  ILE A CG1 1 
ATOM   585  C  CG2 . ILE A 1 79  ? -3.320  6.765   2.990   1.00 36.95  ? 104  ILE A CG2 1 
ATOM   586  C  CD1 . ILE A 1 79  ? -5.823  5.668   1.768   1.00 45.93  ? 104  ILE A CD1 1 
ATOM   587  N  N   . VAL A 1 80  ? -2.434  7.399   6.409   1.00 33.81  ? 105  VAL A N   1 
ATOM   588  C  CA  . VAL A 1 80  ? -1.648  8.387   7.055   1.00 39.66  ? 105  VAL A CA  1 
ATOM   589  C  C   . VAL A 1 80  ? -0.519  8.667   6.160   1.00 44.90  ? 105  VAL A C   1 
ATOM   590  O  O   . VAL A 1 80  ? 0.066   9.697   6.300   1.00 46.94  ? 105  VAL A O   1 
ATOM   591  C  CB  . VAL A 1 80  ? -1.182  7.967   8.525   1.00 43.50  ? 105  VAL A CB  1 
ATOM   592  C  CG1 . VAL A 1 80  ? -1.969  6.785   9.099   1.00 45.80  ? 105  VAL A CG1 1 
ATOM   593  C  CG2 . VAL A 1 80  ? 0.178   7.378   8.497   1.00 46.07  ? 105  VAL A CG2 1 
ATOM   594  N  N   . ARG A 1 81  ? -0.155  7.760   5.257   1.00 38.25  ? 106  ARG A N   1 
ATOM   595  C  CA  . ARG A 1 81  ? 0.956   8.051   4.341   1.00 39.84  ? 106  ARG A CA  1 
ATOM   596  C  C   . ARG A 1 81  ? 0.930   7.188   3.075   1.00 44.80  ? 106  ARG A C   1 
ATOM   597  O  O   . ARG A 1 81  ? 0.612   5.956   3.144   1.00 32.38  ? 106  ARG A O   1 
ATOM   598  C  CB  . ARG A 1 81  ? 2.315   7.778   4.941   1.00 38.10  ? 106  ARG A CB  1 
ATOM   599  C  CG  . ARG A 1 81  ? 3.336   8.340   3.973   1.00 52.82  ? 106  ARG A CG  1 
ATOM   600  C  CD  . ARG A 1 81  ? 4.680   8.765   4.661   1.00 59.48  ? 106  ARG A CD  1 
ATOM   601  N  NE  . ARG A 1 81  ? 5.655   9.227   3.704   1.00 62.26  ? 106  ARG A NE  1 
ATOM   602  C  CZ  . ARG A 1 81  ? 6.947   9.152   3.903   1.00 68.44  ? 106  ARG A CZ  1 
ATOM   603  N  NH1 . ARG A 1 81  ? 7.417   8.673   5.062   1.00 72.91  ? 106  ARG A NH1 1 
ATOM   604  N  NH2 . ARG A 1 81  ? 7.758   9.415   2.879   1.00 67.61  ? 106  ARG A NH2 1 
ATOM   605  N  N   . CYS A 1 82  ? 1.396   7.744   1.921   1.00 36.93  ? 107  CYS A N   1 
ATOM   606  C  CA  . CYS A 1 82  ? 1.405   6.881   0.736   1.00 33.74  ? 107  CYS A CA  1 
ATOM   607  C  C   . CYS A 1 82  ? 2.691   7.238   0.005   1.00 39.65  ? 107  CYS A C   1 
ATOM   608  O  O   . CYS A 1 82  ? 2.890   8.432   -0.206  1.00 39.72  ? 107  CYS A O   1 
ATOM   609  C  CB  . CYS A 1 82  ? 0.163   7.236   -0.134  1.00 38.99  ? 107  CYS A CB  1 
ATOM   610  S  SG  . CYS A 1 82  ? 0.258   6.272   -1.671  1.00 47.61  ? 107  CYS A SG  1 
ATOM   611  N  N   . ASP A 1 83  ? 3.581   6.295   -0.326  1.00 36.95  ? 108  ASP A N   1 
ATOM   612  C  CA  . ASP A 1 83  ? 4.833   6.613   -1.024  1.00 33.83  ? 108  ASP A CA  1 
ATOM   613  C  C   . ASP A 1 83  ? 5.121   5.505   -2.008  1.00 39.80  ? 108  ASP A C   1 
ATOM   614  O  O   . ASP A 1 83  ? 4.412   4.462   -2.051  1.00 34.98  ? 108  ASP A O   1 
ATOM   615  C  CB  . ASP A 1 83  ? 5.951   6.691   -0.113  1.00 40.45  ? 108  ASP A CB  1 
ATOM   616  C  CG  . ASP A 1 83  ? 7.116   7.659   -0.655  1.00 53.64  ? 108  ASP A CG  1 
ATOM   617  O  OD1 . ASP A 1 83  ? 8.120   7.926   0.027   1.00 56.09  ? 108  ASP A OD1 1 
ATOM   618  O  OD2 . ASP A 1 83  ? 7.023   8.140   -1.791  1.00 49.98  ? 108  ASP A OD2 1 
ATOM   619  N  N   . ALA A 1 84  ? 6.081   5.711   -2.908  1.00 36.43  ? 109  ALA A N   1 
ATOM   620  C  CA  . ALA A 1 84  ? 6.437   4.674   -3.836  1.00 34.71  ? 109  ALA A CA  1 
ATOM   621  C  C   . ALA A 1 84  ? 7.943   4.581   -3.617  1.00 45.33  ? 109  ALA A C   1 
ATOM   622  O  O   . ALA A 1 84  ? 8.609   5.598   -3.434  1.00 44.65  ? 109  ALA A O   1 
ATOM   623  C  CB  . ALA A 1 84  ? 6.165   5.035   -5.250  1.00 36.46  ? 109  ALA A CB  1 
ATOM   624  N  N   . VAL A 1 85  ? 8.530   3.414   -3.680  1.00 44.50  ? 110  VAL A N   1 
ATOM   625  C  CA  . VAL A 1 85  ? 9.963   3.353   -3.434  1.00 57.01  ? 110  VAL A CA  1 
ATOM   626  C  C   . VAL A 1 85  ? 10.558  2.196   -4.164  1.00 63.17  ? 110  VAL A C   1 
ATOM   627  O  O   . VAL A 1 85  ? 9.830   1.257   -4.480  1.00 62.83  ? 110  VAL A O   1 
ATOM   628  C  CB  . VAL A 1 85  ? 10.301  3.307   -1.901  1.00 59.15  ? 110  VAL A CB  1 
ATOM   629  C  CG1 . VAL A 1 85  ? 9.732   2.108   -1.273  1.00 57.04  ? 110  VAL A CG1 1 
ATOM   630  C  CG2 . VAL A 1 85  ? 11.828  3.319   -1.686  1.00 66.33  ? 110  VAL A CG2 1 
HETATM 631  N  N   . MSE A 1 86  ? 11.865  2.310   -4.500  1.00 73.69  ? 111  MSE A N   1 
HETATM 632  C  CA  . MSE A 1 86  ? 12.664  1.254   -5.181  1.00 82.74  ? 111  MSE A CA  1 
HETATM 633  C  C   . MSE A 1 86  ? 13.746  0.783   -4.221  1.00 83.64  ? 111  MSE A C   1 
HETATM 634  O  O   . MSE A 1 86  ? 14.866  1.293   -4.209  1.00 84.74  ? 111  MSE A O   1 
HETATM 635  C  CB  . MSE A 1 86  ? 13.409  1.770   -6.410  1.00 91.73  ? 111  MSE A CB  1 
HETATM 636  C  CG  . MSE A 1 86  ? 14.348  0.736   -7.068  1.00 103.87 ? 111  MSE A CG  1 
HETATM 637  SE SE  . MSE A 1 86  ? 13.887  0.930   -8.970  1.00 125.07 ? 111  MSE A SE  1 
HETATM 638  C  CE  . MSE A 1 86  ? 14.667  2.706   -8.858  1.00 116.88 ? 111  MSE A CE  1 
ATOM   639  N  N   . PRO A 1 87  ? 13.448  -0.205  -3.406  1.00 85.14  ? 112  PRO A N   1 
ATOM   640  C  CA  . PRO A 1 87  ? 14.531  -0.627  -2.492  1.00 89.60  ? 112  PRO A CA  1 
ATOM   641  C  C   . PRO A 1 87  ? 15.829  -1.108  -3.219  1.00 91.73  ? 112  PRO A C   1 
ATOM   642  O  O   . PRO A 1 87  ? 15.826  -1.495  -4.422  1.00 89.29  ? 112  PRO A O   1 
ATOM   643  C  CB  . PRO A 1 87  ? 13.865  -1.743  -1.664  1.00 87.58  ? 112  PRO A CB  1 
ATOM   644  C  CG  . PRO A 1 87  ? 12.907  -2.350  -2.699  1.00 86.03  ? 112  PRO A CG  1 
ATOM   645  C  CD  . PRO A 1 87  ? 12.330  -1.150  -3.408  1.00 85.49  ? 112  PRO A CD  1 
ATOM   646  N  N   . ARG A 1 88  ? 16.939  -1.106  -2.484  1.00 94.67  ? 113  ARG A N   1 
ATOM   647  C  CA  . ARG A 1 88  ? 18.191  -1.545  -3.099  1.00 97.61  ? 113  ARG A CA  1 
ATOM   648  C  C   . ARG A 1 88  ? 18.080  -3.008  -3.500  1.00 97.37  ? 113  ARG A C   1 
ATOM   649  O  O   . ARG A 1 88  ? 17.708  -3.869  -2.685  1.00 95.67  ? 113  ARG A O   1 
ATOM   650  C  CB  . ARG A 1 88  ? 19.345  -1.338  -2.128  1.00 100.54 ? 113  ARG A CB  1 
ATOM   651  C  CG  . ARG A 1 88  ? 19.281  0.033   -1.462  1.00 104.50 ? 113  ARG A CG  1 
ATOM   652  C  CD  . ARG A 1 88  ? 20.635  0.402   -0.871  1.00 107.22 ? 113  ARG A CD  1 
ATOM   653  N  NE  . ARG A 1 88  ? 21.676  0.584   -1.895  1.00 108.32 ? 113  ARG A NE  1 
ATOM   654  C  CZ  . ARG A 1 88  ? 22.864  1.144   -1.657  1.00 108.63 ? 113  ARG A CZ  1 
ATOM   655  N  NH1 . ARG A 1 88  ? 23.158  1.572   -0.425  1.00 105.85 ? 113  ARG A NH1 1 
ATOM   656  N  NH2 . ARG A 1 88  ? 23.742  1.314   -2.655  1.00 108.68 ? 113  ARG A NH2 1 
ATOM   657  N  N   . GLY A 1 89  ? 18.342  -3.278  -4.770  1.00 97.68  ? 114  GLY A N   1 
ATOM   658  C  CA  . GLY A 1 89  ? 18.279  -4.644  -5.210  1.00 98.44  ? 114  GLY A CA  1 
ATOM   659  C  C   . GLY A 1 89  ? 16.932  -4.987  -5.791  1.00 99.73  ? 114  GLY A C   1 
ATOM   660  O  O   . GLY A 1 89  ? 16.360  -6.069  -5.559  1.00 100.80 ? 114  GLY A O   1 
ATOM   661  N  N   . ARG A 1 90  ? 16.412  -4.065  -6.576  1.00 98.31  ? 115  ARG A N   1 
ATOM   662  C  CA  . ARG A 1 90  ? 15.144  -4.316  -7.206  1.00 95.98  ? 115  ARG A CA  1 
ATOM   663  C  C   . ARG A 1 90  ? 15.066  -3.292  -8.323  1.00 94.32  ? 115  ARG A C   1 
ATOM   664  O  O   . ARG A 1 90  ? 15.469  -2.135  -8.137  1.00 89.85  ? 115  ARG A O   1 
ATOM   665  C  CB  . ARG A 1 90  ? 14.052  -4.136  -6.173  1.00 96.63  ? 115  ARG A CB  1 
ATOM   666  C  CG  . ARG A 1 90  ? 13.030  -5.262  -6.114  1.00 98.12  ? 115  ARG A CG  1 
ATOM   667  C  CD  . ARG A 1 90  ? 12.357  -5.242  -4.724  1.00 96.87  ? 115  ARG A CD  1 
ATOM   668  N  NE  . ARG A 1 90  ? 11.339  -6.283  -4.527  1.00 96.90  ? 115  ARG A NE  1 
ATOM   669  C  CZ  . ARG A 1 90  ? 10.976  -6.730  -3.328  1.00 92.52  ? 115  ARG A CZ  1 
ATOM   670  N  NH1 . ARG A 1 90  ? 11.566  -6.196  -2.247  1.00 90.08  ? 115  ARG A NH1 1 
ATOM   671  N  NH2 . ARG A 1 90  ? 10.086  -7.736  -3.205  1.00 88.44  ? 115  ARG A NH2 1 
ATOM   672  N  N   . SER A 1 91  ? 14.624  -3.746  -9.495  1.00 93.99  ? 116  SER A N   1 
ATOM   673  C  CA  . SER A 1 91  ? 14.493  -2.874  -10.667 1.00 91.72  ? 116  SER A CA  1 
ATOM   674  C  C   . SER A 1 91  ? 13.123  -2.139  -10.660 1.00 90.32  ? 116  SER A C   1 
ATOM   675  O  O   . SER A 1 91  ? 12.919  -1.245  -11.474 1.00 91.38  ? 116  SER A O   1 
ATOM   676  C  CB  . SER A 1 91  ? 14.592  -3.713  -11.932 1.00 92.75  ? 116  SER A CB  1 
ATOM   677  O  OG  . SER A 1 91  ? 13.460  -4.577  -12.026 1.00 94.33  ? 116  SER A OG  1 
ATOM   678  N  N   . ARG A 1 92  ? 12.218  -2.549  -9.730  1.00 86.67  ? 117  ARG A N   1 
ATOM   679  C  CA  . ARG A 1 92  ? 10.834  -2.015  -9.503  1.00 80.53  ? 117  ARG A CA  1 
ATOM   680  C  C   . ARG A 1 92  ? 10.489  -1.184  -8.335  1.00 73.66  ? 117  ARG A C   1 
ATOM   681  O  O   . ARG A 1 92  ? 10.983  -1.344  -7.236  1.00 68.88  ? 117  ARG A O   1 
ATOM   682  C  CB  . ARG A 1 92  ? 9.816   -3.096  -9.430  1.00 83.75  ? 117  ARG A CB  1 
ATOM   683  C  CG  . ARG A 1 92  ? 9.502   -3.661  -10.640 1.00 85.72  ? 117  ARG A CG  1 
ATOM   684  C  CD  . ARG A 1 92  ? 8.154   -4.152  -10.530 1.00 87.86  ? 117  ARG A CD  1 
ATOM   685  N  NE  . ARG A 1 92  ? 8.063   -5.477  -11.101 1.00 89.48  ? 117  ARG A NE  1 
ATOM   686  C  CZ  . ARG A 1 92  ? 6.909   -6.114  -11.208 1.00 89.99  ? 117  ARG A CZ  1 
ATOM   687  N  NH1 . ARG A 1 92  ? 5.822   -5.532  -10.800 1.00 93.46  ? 117  ARG A NH1 1 
ATOM   688  N  NH2 . ARG A 1 92  ? 6.820   -7.338  -11.679 1.00 91.40  ? 117  ARG A NH2 1 
ATOM   689  N  N   . SER A 1 93  ? 9.345   -0.569  -8.556  1.00 64.08  ? 118  SER A N   1 
ATOM   690  C  CA  . SER A 1 93  ? 8.844   0.323   -7.562  1.00 60.74  ? 118  SER A CA  1 
ATOM   691  C  C   . SER A 1 93  ? 7.820   -0.396  -6.613  1.00 42.88  ? 118  SER A C   1 
ATOM   692  O  O   . SER A 1 93  ? 7.056   -1.258  -6.994  1.00 44.15  ? 118  SER A O   1 
ATOM   693  C  CB  . SER A 1 93  ? 8.237   1.549   -8.302  1.00 66.02  ? 118  SER A CB  1 
ATOM   694  O  OG  . SER A 1 93  ? 8.341   2.790   -7.555  1.00 74.96  ? 118  SER A OG  1 
ATOM   695  N  N   . LEU A 1 94  ? 7.896   -0.117  -5.339  1.00 42.43  ? 119  LEU A N   1 
ATOM   696  C  CA  . LEU A 1 94  ? 6.866   -0.658  -4.460  1.00 34.14  ? 119  LEU A CA  1 
ATOM   697  C  C   . LEU A 1 94  ? 5.947   0.549   -4.086  1.00 33.15  ? 119  LEU A C   1 
ATOM   698  O  O   . LEU A 1 94  ? 6.410   1.693   -3.892  1.00 35.87  ? 119  LEU A O   1 
ATOM   699  C  CB  . LEU A 1 94  ? 7.521   -1.086  -3.193  1.00 35.73  ? 119  LEU A CB  1 
ATOM   700  C  CG  . LEU A 1 94  ? 8.508   -2.270  -3.539  1.00 46.12  ? 119  LEU A CG  1 
ATOM   701  C  CD1 . LEU A 1 94  ? 9.073   -2.712  -2.200  1.00 50.56  ? 119  LEU A CD1 1 
ATOM   702  C  CD2 . LEU A 1 94  ? 7.791   -3.455  -4.329  1.00 43.38  ? 119  LEU A CD2 1 
ATOM   703  N  N   . LEU A 1 95  ? 4.681   0.244   -3.873  1.00 30.50  ? 120  LEU A N   1 
ATOM   704  C  CA  . LEU A 1 95  ? 3.750   1.205   -3.414  1.00 28.23  ? 120  LEU A CA  1 
ATOM   705  C  C   . LEU A 1 95  ? 3.644   0.964   -1.835  1.00 38.52  ? 120  LEU A C   1 
ATOM   706  O  O   . LEU A 1 95  ? 3.376   -0.166  -1.349  1.00 34.24  ? 120  LEU A O   1 
ATOM   707  C  CB  . LEU A 1 95  ? 2.385   0.924   -4.015  1.00 27.07  ? 120  LEU A CB  1 
ATOM   708  C  CG  . LEU A 1 95  ? 1.346   1.871   -3.322  1.00 32.33  ? 120  LEU A CG  1 
ATOM   709  C  CD1 . LEU A 1 95  ? 1.527   3.360   -3.694  1.00 35.06  ? 120  LEU A CD1 1 
ATOM   710  C  CD2 . LEU A 1 95  ? -0.185  1.461   -3.814  1.00 32.80  ? 120  LEU A CD2 1 
ATOM   711  N  N   . LEU A 1 96  ? 3.904   1.973   -1.047  1.00 30.25  ? 121  LEU A N   1 
ATOM   712  C  CA  . LEU A 1 96  ? 3.768   1.782   0.391   1.00 35.72  ? 121  LEU A CA  1 
ATOM   713  C  C   . LEU A 1 96  ? 2.587   2.568   0.854   1.00 33.11  ? 121  LEU A C   1 
ATOM   714  O  O   . LEU A 1 96  ? 2.347   3.779   0.480   1.00 33.32  ? 121  LEU A O   1 
ATOM   715  C  CB  . LEU A 1 96  ? 5.024   2.287   1.011   1.00 32.22  ? 121  LEU A CB  1 
ATOM   716  C  CG  . LEU A 1 96  ? 5.333   1.914   2.455   1.00 47.26  ? 121  LEU A CG  1 
ATOM   717  C  CD1 . LEU A 1 96  ? 6.777   2.247   2.803   1.00 46.53  ? 121  LEU A CD1 1 
ATOM   718  C  CD2 . LEU A 1 96  ? 4.509   2.738   3.194   1.00 43.78  ? 121  LEU A CD2 1 
ATOM   719  N  N   . LEU A 1 97  ? 1.715   1.943   1.623   1.00 32.50  ? 122  LEU A N   1 
ATOM   720  C  CA  . LEU A 1 97  ? 0.564   2.671   2.232   1.00 32.25  ? 122  LEU A CA  1 
ATOM   721  C  C   . LEU A 1 97  ? 0.578   2.453   3.764   1.00 38.27  ? 122  LEU A C   1 
ATOM   722  O  O   . LEU A 1 97  ? 0.655   1.311   4.226   1.00 34.35  ? 122  LEU A O   1 
ATOM   723  C  CB  . LEU A 1 97  ? -0.820  2.192   1.730   1.00 35.22  ? 122  LEU A CB  1 
ATOM   724  C  CG  . LEU A 1 97  ? -1.394  2.655   0.454   1.00 48.33  ? 122  LEU A CG  1 
ATOM   725  C  CD1 . LEU A 1 97  ? -2.691  1.762   0.208   1.00 46.30  ? 122  LEU A CD1 1 
ATOM   726  C  CD2 . LEU A 1 97  ? -1.809  4.106   0.689   1.00 45.55  ? 122  LEU A CD2 1 
ATOM   727  N  N   . VAL A 1 98  ? 0.576   3.516   4.546   1.00 30.79  ? 123  VAL A N   1 
ATOM   728  C  CA  . VAL A 1 98  ? 0.495   3.302   5.997   1.00 31.09  ? 123  VAL A CA  1 
ATOM   729  C  C   . VAL A 1 98  ? -0.930  3.708   6.337   1.00 34.39  ? 123  VAL A C   1 
ATOM   730  O  O   . VAL A 1 98  ? -1.366  4.836   5.967   1.00 33.40  ? 123  VAL A O   1 
ATOM   731  C  CB  . VAL A 1 98  ? 1.470   4.212   6.696   1.00 29.77  ? 123  VAL A CB  1 
ATOM   732  C  CG1 . VAL A 1 98  ? 1.315   4.041   8.359   1.00 30.34  ? 123  VAL A CG1 1 
ATOM   733  C  CG2 . VAL A 1 98  ? 2.884   4.050   6.077   1.00 34.06  ? 123  VAL A CG2 1 
ATOM   734  N  N   . CYS A 1 99  ? -1.726  2.860   7.070   1.00 32.71  ? 124  CYS A N   1 
ATOM   735  C  CA  . CYS A 1 99  ? -3.103  3.222   7.410   1.00 30.88  ? 124  CYS A CA  1 
ATOM   736  C  C   . CYS A 1 99  ? -3.178  3.150   8.985   1.00 41.41  ? 124  CYS A C   1 
ATOM   737  O  O   . CYS A 1 99  ? -2.354  2.412   9.636   1.00 36.85  ? 124  CYS A O   1 
ATOM   738  C  CB  . CYS A 1 99  ? -4.020  2.157   6.856   1.00 41.43  ? 124  CYS A CB  1 
ATOM   739  S  SG  . CYS A 1 99  ? -3.851  2.309   5.090   1.00 49.27  ? 124  CYS A SG  1 
ATOM   740  N  N   . GLN A 1 100 ? -4.118  3.869   9.555   1.00 31.65  ? 125  GLN A N   1 
ATOM   741  C  CA  . GLN A 1 100 ? -4.352  3.747   11.055  1.00 33.48  ? 125  GLN A CA  1 
ATOM   742  C  C   . GLN A 1 100 ? -5.826  3.461   11.054  1.00 39.06  ? 125  GLN A C   1 
ATOM   743  O  O   . GLN A 1 100 ? -6.676  4.375   10.786  1.00 40.62  ? 125  GLN A O   1 
ATOM   744  C  CB  . GLN A 1 100 ? -4.065  5.101   11.785  1.00 37.25  ? 125  GLN A CB  1 
ATOM   745  C  CG  . GLN A 1 100 ? -4.510  5.078   13.357  1.00 41.50  ? 125  GLN A CG  1 
ATOM   746  C  CD  . GLN A 1 100 ? -3.858  3.851   14.039  1.00 38.99  ? 125  GLN A CD  1 
ATOM   747  O  OE1 . GLN A 1 100 ? -4.489  2.812   14.274  1.00 48.92  ? 125  GLN A OE1 1 
ATOM   748  N  NE2 . GLN A 1 100 ? -2.611  3.959   14.314  1.00 33.64  ? 125  GLN A NE2 1 
ATOM   749  N  N   . GLU A 1 101 ? -6.180  2.202   11.142  1.00 39.78  ? 126  GLU A N   1 
ATOM   750  C  CA  . GLU A 1 101 ? -7.599  1.835   11.172  1.00 45.24  ? 126  GLU A CA  1 
ATOM   751  C  C   . GLU A 1 101 ? -8.115  2.260   12.616  1.00 49.85  ? 126  GLU A C   1 
ATOM   752  O  O   . GLU A 1 101 ? -7.373  2.152   13.687  1.00 42.50  ? 126  GLU A O   1 
ATOM   753  C  CB  . GLU A 1 101 ? -7.761  0.365   10.995  1.00 50.06  ? 126  GLU A CB  1 
ATOM   754  C  CG  . GLU A 1 101 ? -7.386  -0.079  9.610   1.00 60.52  ? 126  GLU A CG  1 
ATOM   755  C  CD  . GLU A 1 101 ? -7.644  -1.545  9.425   1.00 69.40  ? 126  GLU A CD  1 
ATOM   756  O  OE1 . GLU A 1 101 ? -8.749  -1.997  9.806   1.00 73.83  ? 126  GLU A OE1 1 
ATOM   757  O  OE2 . GLU A 1 101 ? -6.752  -2.272  8.892   1.00 76.86  ? 126  GLU A OE2 1 
ATOM   758  N  N   . PRO A 1 102 ? -9.344  2.808   12.681  1.00 50.97  ? 127  PRO A N   1 
ATOM   759  C  CA  . PRO A 1 102 ? -9.948  3.268   13.983  1.00 54.89  ? 127  PRO A CA  1 
ATOM   760  C  C   . PRO A 1 102 ? -9.963  2.230   15.131  1.00 46.52  ? 127  PRO A C   1 
ATOM   761  O  O   . PRO A 1 102 ? -9.592  2.510   16.287  1.00 49.61  ? 127  PRO A O   1 
ATOM   762  C  CB  . PRO A 1 102 ? -11.401 3.649   13.587  1.00 59.30  ? 127  PRO A CB  1 
ATOM   763  C  CG  . PRO A 1 102 ? -11.751 2.569   12.460  1.00 56.93  ? 127  PRO A CG  1 
ATOM   764  C  CD  . PRO A 1 102 ? -10.391 2.666   11.621  1.00 57.15  ? 127  PRO A CD  1 
ATOM   765  N  N   . GLU A 1 103 ? -10.274 1.044   14.768  1.00 44.33  ? 128  GLU A N   1 
ATOM   766  C  CA  . GLU A 1 103 ? -10.286 -0.033  15.726  1.00 50.74  ? 128  GLU A CA  1 
ATOM   767  C  C   . GLU A 1 103 ? -8.959  -0.647  16.229  1.00 48.76  ? 128  GLU A C   1 
ATOM   768  O  O   . GLU A 1 103 ? -8.890  -1.452  17.242  1.00 43.15  ? 128  GLU A O   1 
ATOM   769  C  CB  . GLU A 1 103 ? -11.051 -1.144  15.113  1.00 51.99  ? 128  GLU A CB  1 
ATOM   770  C  CG  . GLU A 1 103 ? -12.538 -0.910  15.175  1.00 71.94  ? 128  GLU A CG  1 
ATOM   771  C  CD  . GLU A 1 103 ? -12.986 0.355   14.505  1.00 78.16  ? 128  GLU A CD  1 
ATOM   772  O  OE1 . GLU A 1 103 ? -12.722 1.428   15.090  1.00 87.36  ? 128  GLU A OE1 1 
ATOM   773  O  OE2 . GLU A 1 103 ? -13.604 0.278   13.410  1.00 83.46  ? 128  GLU A OE2 1 
ATOM   774  N  N   . ARG A 1 104 ? -7.901  -0.383  15.474  1.00 36.73  ? 129  ARG A N   1 
ATOM   775  C  CA  . ARG A 1 104 ? -6.604  -0.983  15.823  1.00 31.09  ? 129  ARG A CA  1 
ATOM   776  C  C   . ARG A 1 104 ? -5.778  -0.125  16.712  1.00 34.10  ? 129  ARG A C   1 
ATOM   777  O  O   . ARG A 1 104 ? -5.738  1.070   16.558  1.00 34.40  ? 129  ARG A O   1 
ATOM   778  C  CB  . ARG A 1 104 ? -5.788  -1.328  14.486  1.00 30.86  ? 129  ARG A CB  1 
ATOM   779  C  CG  . ARG A 1 104 ? -6.583  -2.481  13.754  1.00 41.46  ? 129  ARG A CG  1 
ATOM   780  C  CD  . ARG A 1 104 ? -5.762  -2.888  12.491  1.00 43.12  ? 129  ARG A CD  1 
ATOM   781  N  NE  . ARG A 1 104 ? -6.237  -4.159  12.179  1.00 50.59  ? 129  ARG A NE  1 
ATOM   782  C  CZ  . ARG A 1 104 ? -5.637  -5.292  12.544  1.00 47.90  ? 129  ARG A CZ  1 
ATOM   783  N  NH1 . ARG A 1 104 ? -4.528  -5.329  13.211  1.00 41.93  ? 129  ARG A NH1 1 
ATOM   784  N  NH2 . ARG A 1 104 ? -6.161  -6.382  12.166  1.00 49.92  ? 129  ARG A NH2 1 
ATOM   785  N  N   . ALA A 1 105 ? -5.004  -0.739  17.554  1.00 33.42  ? 130  ALA A N   1 
ATOM   786  C  CA  . ALA A 1 105 ? -4.169  0.023   18.507  1.00 37.93  ? 130  ALA A CA  1 
ATOM   787  C  C   . ALA A 1 105 ? -2.919  0.652   17.789  1.00 38.81  ? 130  ALA A C   1 
ATOM   788  O  O   . ALA A 1 105 ? -2.394  1.672   18.253  1.00 35.89  ? 130  ALA A O   1 
ATOM   789  C  CB  . ALA A 1 105 ? -3.673  -0.886  19.536  1.00 37.09  ? 130  ALA A CB  1 
ATOM   790  N  N   . GLN A 1 106 ? -2.492  0.088   16.644  1.00 37.21  ? 131  GLN A N   1 
ATOM   791  C  CA  . GLN A 1 106 ? -1.275  0.551   15.979  1.00 34.61  ? 131  GLN A CA  1 
ATOM   792  C  C   . GLN A 1 106 ? -1.549  0.719   14.490  1.00 32.90  ? 131  GLN A C   1 
ATOM   793  O  O   . GLN A 1 106 ? -2.447  0.064   13.947  1.00 28.67  ? 131  GLN A O   1 
ATOM   794  C  CB  . GLN A 1 106 ? -0.213  -0.488  16.139  1.00 32.27  ? 131  GLN A CB  1 
ATOM   795  C  CG  . GLN A 1 106 ? 0.410   -0.505  17.614  1.00 44.93  ? 131  GLN A CG  1 
ATOM   796  C  CD  . GLN A 1 106 ? 1.408   -1.660  17.874  1.00 56.54  ? 131  GLN A CD  1 
ATOM   797  O  OE1 . GLN A 1 106 ? 1.465   -2.714  17.119  1.00 55.14  ? 131  GLN A OE1 1 
ATOM   798  N  NE2 . GLN A 1 106 ? 2.191   -1.500  19.000  1.00 61.43  ? 131  GLN A NE2 1 
ATOM   799  N  N   . PRO A 1 107 ? -0.740  1.560   13.827  1.00 34.38  ? 132  PRO A N   1 
ATOM   800  C  CA  . PRO A 1 107 ? -0.941  1.736   12.362  1.00 33.73  ? 132  PRO A CA  1 
ATOM   801  C  C   . PRO A 1 107 ? -0.311  0.470   11.681  1.00 30.88  ? 132  PRO A C   1 
ATOM   802  O  O   . PRO A 1 107 ? 0.454   -0.298  12.290  1.00 32.18  ? 132  PRO A O   1 
ATOM   803  C  CB  . PRO A 1 107 ? -0.038  2.885   11.980  1.00 39.04  ? 132  PRO A CB  1 
ATOM   804  C  CG  . PRO A 1 107 ? 0.726   3.271   13.291  1.00 40.81  ? 132  PRO A CG  1 
ATOM   805  C  CD  . PRO A 1 107 ? 0.188   2.551   14.419  1.00 33.94  ? 132  PRO A CD  1 
ATOM   806  N  N   . ASP A 1 108 ? -0.625  0.284   10.387  1.00 27.94  ? 133  ASP A N   1 
ATOM   807  C  CA  . ASP A 1 108 ? -0.054  -0.869  9.668   1.00 32.57  ? 133  ASP A CA  1 
ATOM   808  C  C   . ASP A 1 108 ? 0.652   -0.278  8.409   1.00 31.65  ? 133  ASP A C   1 
ATOM   809  O  O   . ASP A 1 108 ? 0.155   0.785   7.858   1.00 32.26  ? 133  ASP A O   1 
ATOM   810  C  CB  . ASP A 1 108 ? -1.212  -1.673  9.086   1.00 34.73  ? 133  ASP A CB  1 
ATOM   811  C  CG  . ASP A 1 108 ? -2.106  -2.326  10.161  1.00 43.99  ? 133  ASP A CG  1 
ATOM   812  O  OD1 . ASP A 1 108 ? -1.388  -2.894  11.004  1.00 39.93  ? 133  ASP A OD1 1 
ATOM   813  O  OD2 . ASP A 1 108 ? -3.400  -2.297  10.131  1.00 43.90  ? 133  ASP A OD2 1 
ATOM   814  N  N   . VAL A 1 109 ? 1.686   -1.018  7.998   1.00 30.61  ? 134  VAL A N   1 
ATOM   815  C  CA  . VAL A 1 109 ? 2.362   -0.726  6.738   1.00 28.29  ? 134  VAL A CA  1 
ATOM   816  C  C   . VAL A 1 109 ? 1.866   -1.762  5.698   1.00 31.38  ? 134  VAL A C   1 
ATOM   817  O  O   . VAL A 1 109 ? 1.954   -2.973  5.978   1.00 32.02  ? 134  VAL A O   1 
ATOM   818  C  CB  . VAL A 1 109 ? 3.844   -0.877  6.920   1.00 37.34  ? 134  VAL A CB  1 
ATOM   819  C  CG1 . VAL A 1 109 ? 4.535   -0.897  5.473   1.00 40.37  ? 134  VAL A CG1 1 
ATOM   820  C  CG2 . VAL A 1 109 ? 4.284   0.278   7.873   1.00 35.44  ? 134  VAL A CG2 1 
ATOM   821  N  N   . HIS A 1 110 ? 1.372   -1.329  4.548   1.00 30.16  ? 135  HIS A N   1 
ATOM   822  C  CA  . HIS A 1 110 ? 1.004   -2.287  3.504   1.00 29.74  ? 135  HIS A CA  1 
ATOM   823  C  C   . HIS A 1 110 ? 2.011   -2.037  2.260   1.00 35.52  ? 135  HIS A C   1 
ATOM   824  O  O   . HIS A 1 110 ? 2.238   -0.862  1.829   1.00 34.48  ? 135  HIS A O   1 
ATOM   825  C  CB  . HIS A 1 110 ? -0.365  -2.013  3.005   1.00 31.63  ? 135  HIS A CB  1 
ATOM   826  C  CG  . HIS A 1 110 ? -1.454  -2.033  4.051   1.00 35.93  ? 135  HIS A CG  1 
ATOM   827  N  ND1 . HIS A 1 110 ? -2.083  -3.204  4.432   1.00 36.85  ? 135  HIS A ND1 1 
ATOM   828  C  CD2 . HIS A 1 110 ? -2.002  -1.035  4.814   1.00 39.14  ? 135  HIS A CD2 1 
ATOM   829  C  CE1 . HIS A 1 110 ? -2.954  -2.918  5.405   1.00 40.63  ? 135  HIS A CE1 1 
ATOM   830  N  NE2 . HIS A 1 110 ? -2.917  -1.622  5.662   1.00 38.19  ? 135  HIS A NE2 1 
ATOM   831  N  N   . PHE A 1 111 ? 2.611   -3.097  1.732   1.00 30.23  ? 136  PHE A N   1 
ATOM   832  C  CA  . PHE A 1 111 ? 3.472   -2.962  0.545   1.00 30.84  ? 136  PHE A CA  1 
ATOM   833  C  C   . PHE A 1 111 ? 2.819   -3.702  -0.622  1.00 34.72  ? 136  PHE A C   1 
ATOM   834  O  O   . PHE A 1 111 ? 2.373   -4.910  -0.500  1.00 34.52  ? 136  PHE A O   1 
ATOM   835  C  CB  . PHE A 1 111 ? 4.829   -3.603  0.790   1.00 33.20  ? 136  PHE A CB  1 
ATOM   836  C  CG  . PHE A 1 111 ? 5.845   -2.718  1.396   1.00 34.26  ? 136  PHE A CG  1 
ATOM   837  C  CD1 . PHE A 1 111 ? 6.459   -1.756  0.667   1.00 34.86  ? 136  PHE A CD1 1 
ATOM   838  C  CD2 . PHE A 1 111 ? 6.226   -2.924  2.728   1.00 34.97  ? 136  PHE A CD2 1 
ATOM   839  C  CE1 . PHE A 1 111 ? 7.495   -0.982  1.199   1.00 33.53  ? 136  PHE A CE1 1 
ATOM   840  C  CE2 . PHE A 1 111 ? 7.269   -2.162  3.315   1.00 31.70  ? 136  PHE A CE2 1 
ATOM   841  C  CZ  . PHE A 1 111 ? 7.951   -1.168  2.554   1.00 32.59  ? 136  PHE A CZ  1 
ATOM   842  N  N   . PHE A 1 112 ? 2.852   -3.013  -1.804  1.00 34.78  ? 137  PHE A N   1 
ATOM   843  C  CA  . PHE A 1 112 ? 2.304   -3.570  -3.071  1.00 27.49  ? 137  PHE A CA  1 
ATOM   844  C  C   . PHE A 1 112 ? 3.312   -3.378  -4.152  1.00 35.39  ? 137  PHE A C   1 
ATOM   845  O  O   . PHE A 1 112 ? 4.118   -2.457  -4.115  1.00 34.69  ? 137  PHE A O   1 
ATOM   846  C  CB  . PHE A 1 112 ? 0.986   -2.898  -3.481  1.00 33.09  ? 137  PHE A CB  1 
ATOM   847  C  CG  . PHE A 1 112 ? -0.068  -2.931  -2.424  1.00 33.89  ? 137  PHE A CG  1 
ATOM   848  C  CD1 . PHE A 1 112 ? -0.123  -1.910  -1.414  1.00 31.36  ? 137  PHE A CD1 1 
ATOM   849  C  CD2 . PHE A 1 112 ? -1.065  -3.850  -2.453  1.00 32.14  ? 137  PHE A CD2 1 
ATOM   850  C  CE1 . PHE A 1 112 ? -1.201  -1.813  -0.493  1.00 32.19  ? 137  PHE A CE1 1 
ATOM   851  C  CE2 . PHE A 1 112 ? -2.207  -3.811  -1.500  1.00 33.66  ? 137  PHE A CE2 1 
ATOM   852  C  CZ  . PHE A 1 112 ? -2.272  -2.763  -0.528  1.00 34.37  ? 137  PHE A CZ  1 
ATOM   853  N  N   . GLN A 1 113 ? 3.349   -4.338  -5.058  1.00 37.18  ? 138  GLN A N   1 
ATOM   854  C  CA  . GLN A 1 113 ? 4.305   -4.326  -6.205  1.00 39.34  ? 138  GLN A CA  1 
ATOM   855  C  C   . GLN A 1 113 ? 3.444   -3.860  -7.323  1.00 37.83  ? 138  GLN A C   1 
ATOM   856  O  O   . GLN A 1 113 ? 2.330   -4.318  -7.527  1.00 37.00  ? 138  GLN A O   1 
ATOM   857  C  CB  . GLN A 1 113 ? 4.683   -5.720  -6.553  1.00 44.24  ? 138  GLN A CB  1 
ATOM   858  C  CG  . GLN A 1 113 ? 5.664   -5.823  -7.593  1.00 52.76  ? 138  GLN A CG  1 
ATOM   859  C  CD  . GLN A 1 113 ? 6.108   -7.255  -7.665  1.00 57.58  ? 138  GLN A CD  1 
ATOM   860  O  OE1 . GLN A 1 113 ? 5.290   -8.245  -7.702  1.00 56.97  ? 138  GLN A OE1 1 
ATOM   861  N  NE2 . GLN A 1 113 ? 7.409   -7.396  -7.669  1.00 57.36  ? 138  GLN A NE2 1 
ATOM   862  N  N   . GLY A 1 114 ? 3.909   -2.916  -8.112  1.00 42.67  ? 139  GLY A N   1 
ATOM   863  C  CA  . GLY A 1 114 ? 2.982   -2.450  -9.141  1.00 45.22  ? 139  GLY A CA  1 
ATOM   864  C  C   . GLY A 1 114 ? 3.298   -3.374  -10.331 1.00 40.73  ? 139  GLY A C   1 
ATOM   865  O  O   . GLY A 1 114 ? 4.363   -4.009  -10.309 1.00 37.20  ? 139  GLY A O   1 
ATOM   866  N  N   . LEU A 1 115 ? 2.388   -3.488  -11.309 1.00 39.43  ? 140  LEU A N   1 
ATOM   867  C  CA  . LEU A 1 115 ? 2.736   -4.258  -12.486 1.00 37.80  ? 140  LEU A CA  1 
ATOM   868  C  C   . LEU A 1 115 ? 3.079   -3.255  -13.665 1.00 36.60  ? 140  LEU A C   1 
ATOM   869  O  O   . LEU A 1 115 ? 3.979   -2.412  -13.591 1.00 33.88  ? 140  LEU A O   1 
ATOM   870  C  CB  . LEU A 1 115 ? 1.560   -5.097  -12.827 1.00 32.43  ? 140  LEU A CB  1 
ATOM   871  C  CG  . LEU A 1 115 ? 1.189   -5.906  -11.509 1.00 42.07  ? 140  LEU A CG  1 
ATOM   872  C  CD1 . LEU A 1 115 ? -0.147  -6.663  -11.614 1.00 43.62  ? 140  LEU A CD1 1 
ATOM   873  C  CD2 . LEU A 1 115 ? 2.379   -6.936  -11.373 1.00 38.15  ? 140  LEU A CD2 1 
ATOM   874  N  N   . LEU A 1 116 ? 2.278   -3.311  -14.711 1.00 35.45  ? 141  LEU A N   1 
ATOM   875  C  CA  . LEU A 1 116 ? 2.636   -2.433  -15.866 1.00 37.57  ? 141  LEU A CA  1 
ATOM   876  C  C   . LEU A 1 116 ? 2.566   -0.903  -15.527 1.00 38.15  ? 141  LEU A C   1 
ATOM   877  O  O   . LEU A 1 116 ? 3.436   -0.139  -15.941 1.00 35.55  ? 141  LEU A O   1 
ATOM   878  C  CB  . LEU A 1 116 ? 1.709   -2.788  -17.069 1.00 35.56  ? 141  LEU A CB  1 
ATOM   879  C  CG  . LEU A 1 116 ? 2.193   -2.138  -18.383 1.00 38.93  ? 141  LEU A CG  1 
ATOM   880  C  CD1 . LEU A 1 116 ? 3.597   -2.493  -18.886 1.00 36.92  ? 141  LEU A CD1 1 
ATOM   881  C  CD2 . LEU A 1 116 ? 1.172   -2.765  -19.373 1.00 35.80  ? 141  LEU A CD2 1 
ATOM   882  N  N   . LEU A 1 117 ? 1.590   -0.504  -14.720 1.00 34.66  ? 142  LEU A N   1 
ATOM   883  C  CA  . LEU A 1 117 ? 1.453   0.872   -14.318 1.00 38.54  ? 142  LEU A CA  1 
ATOM   884  C  C   . LEU A 1 117 ? 2.383   1.371   -13.212 1.00 42.01  ? 142  LEU A C   1 
ATOM   885  O  O   . LEU A 1 117 ? 2.381   2.525   -12.952 1.00 49.13  ? 142  LEU A O   1 
ATOM   886  C  CB  . LEU A 1 117 ? -0.030  1.189   -14.035 1.00 39.78  ? 142  LEU A CB  1 
ATOM   887  C  CG  . LEU A 1 117 ? -0.832  1.016   -15.371 1.00 48.13  ? 142  LEU A CG  1 
ATOM   888  C  CD1 . LEU A 1 117 ? -2.340  1.129   -15.200 1.00 44.38  ? 142  LEU A CD1 1 
ATOM   889  C  CD2 . LEU A 1 117 ? -0.366  2.161   -16.395 1.00 43.54  ? 142  LEU A CD2 1 
ATOM   890  N  N   . GLY A 1 118 ? 3.257   0.575   -12.653 1.00 42.84  ? 143  GLY A N   1 
ATOM   891  C  CA  . GLY A 1 118 ? 4.219   1.063   -11.648 1.00 42.07  ? 143  GLY A CA  1 
ATOM   892  C  C   . GLY A 1 118 ? 3.490   1.550   -10.392 1.00 44.39  ? 143  GLY A C   1 
ATOM   893  O  O   . GLY A 1 118 ? 2.267   1.749   -10.381 1.00 56.56  ? 143  GLY A O   1 
ATOM   894  N  N   . ALA A 1 119 ? 4.232   1.910   -9.389  1.00 37.31  ? 144  ALA A N   1 
ATOM   895  C  CA  . ALA A 1 119 ? 3.677   2.341   -8.093  1.00 32.39  ? 144  ALA A CA  1 
ATOM   896  C  C   . ALA A 1 119 ? 3.595   3.848   -8.114  1.00 38.20  ? 144  ALA A C   1 
ATOM   897  O  O   . ALA A 1 119 ? 2.813   4.426   -7.406  1.00 33.44  ? 144  ALA A O   1 
ATOM   898  C  CB  . ALA A 1 119 ? 4.747   1.944   -6.890  1.00 35.30  ? 144  ALA A CB  1 
ATOM   899  N  N   . GLU A 1 120 ? 4.453   4.501   -8.932  1.00 34.50  ? 145  GLU A N   1 
ATOM   900  C  CA  . GLU A 1 120 ? 4.468   5.977   -8.942  1.00 37.30  ? 145  GLU A CA  1 
ATOM   901  C  C   . GLU A 1 120 ? 3.165   6.601   -9.394  1.00 32.93  ? 145  GLU A C   1 
ATOM   902  O  O   . GLU A 1 120 ? 2.735   7.638   -8.790  1.00 36.97  ? 145  GLU A O   1 
ATOM   903  C  CB  . GLU A 1 120 ? 5.538   6.498   -9.895  1.00 38.47  ? 145  GLU A CB  1 
ATOM   904  C  CG  . GLU A 1 120 ? 5.652   7.949   -9.685  1.00 55.25  ? 145  GLU A CG  1 
ATOM   905  C  CD  . GLU A 1 120 ? 6.296   8.239   -8.308  1.00 65.19  ? 145  GLU A CD  1 
ATOM   906  O  OE1 . GLU A 1 120 ? 5.878   9.306   -7.759  1.00 70.33  ? 145  GLU A OE1 1 
ATOM   907  O  OE2 . GLU A 1 120 ? 7.201   7.411   -7.851  1.00 62.92  ? 145  GLU A OE2 1 
ATOM   908  N  N   . LEU A 1 121 ? 2.544   5.971   -10.344 1.00 34.03  ? 146  LEU A N   1 
ATOM   909  C  CA  . LEU A 1 121 ? 1.254   6.489   -10.878 1.00 33.65  ? 146  LEU A CA  1 
ATOM   910  C  C   . LEU A 1 121 ? 0.214   6.291   -9.857  1.00 37.22  ? 146  LEU A C   1 
ATOM   911  O  O   . LEU A 1 121 ? -0.659  7.132   -9.666  1.00 33.98  ? 146  LEU A O   1 
ATOM   912  C  CB  . LEU A 1 121 ? 0.894   5.708   -12.144 1.00 38.66  ? 146  LEU A CB  1 
ATOM   913  C  CG  . LEU A 1 121 ? -0.344  6.113   -12.957 1.00 37.36  ? 146  LEU A CG  1 
ATOM   914  C  CD1 . LEU A 1 121 ? -0.109  7.463   -13.562 1.00 42.69  ? 146  LEU A CD1 1 
ATOM   915  C  CD2 . LEU A 1 121 ? -0.647  5.174   -14.123 1.00 41.35  ? 146  LEU A CD2 1 
ATOM   916  N  N   . ILE A 1 122 ? 0.315   5.205   -9.085  1.00 32.86  ? 147  ILE A N   1 
ATOM   917  C  CA  . ILE A 1 122 ? -0.798  4.968   -8.090  1.00 31.79  ? 147  ILE A CA  1 
ATOM   918  C  C   . ILE A 1 122 ? -0.638  5.897   -6.905  1.00 30.15  ? 147  ILE A C   1 
ATOM   919  O  O   . ILE A 1 122 ? -1.656  6.397   -6.386  1.00 34.37  ? 147  ILE A O   1 
ATOM   920  C  CB  . ILE A 1 122 ? -0.831  3.443   -7.587  1.00 33.94  ? 147  ILE A CB  1 
ATOM   921  C  CG1 . ILE A 1 122 ? -1.008  2.439   -8.791  1.00 37.87  ? 147  ILE A CG1 1 
ATOM   922  C  CG2 . ILE A 1 122 ? -1.990  3.271   -6.615  1.00 33.95  ? 147  ILE A CG2 1 
ATOM   923  C  CD1 . ILE A 1 122 ? -0.653  0.901   -8.410  1.00 36.79  ? 147  ILE A CD1 1 
ATOM   924  N  N   . ARG A 1 123 ? 0.622   6.101   -6.462  1.00 30.67  ? 148  ARG A N   1 
ATOM   925  C  CA  . ARG A 1 123 ? 0.963   7.068   -5.417  1.00 31.85  ? 148  ARG A CA  1 
ATOM   926  C  C   . ARG A 1 123 ? 0.399   8.450   -5.778  1.00 37.75  ? 148  ARG A C   1 
ATOM   927  O  O   . ARG A 1 123 ? -0.259  9.069   -4.935  1.00 34.24  ? 148  ARG A O   1 
ATOM   928  C  CB  . ARG A 1 123 ? 2.464   7.182   -5.249  1.00 34.91  ? 148  ARG A CB  1 
ATOM   929  C  CG  . ARG A 1 123 ? 2.833   8.319   -4.255  1.00 40.85  ? 148  ARG A CG  1 
ATOM   930  C  CD  . ARG A 1 123 ? 4.297   8.619   -4.361  1.00 47.82  ? 148  ARG A CD  1 
ATOM   931  N  NE  . ARG A 1 123 ? 4.370   9.402   -5.584  1.00 53.11  ? 148  ARG A NE  1 
ATOM   932  C  CZ  . ARG A 1 123 ? 3.871   10.642  -5.654  1.00 57.76  ? 148  ARG A CZ  1 
ATOM   933  N  NH1 . ARG A 1 123 ? 3.293   11.210  -4.594  1.00 57.74  ? 148  ARG A NH1 1 
ATOM   934  N  NH2 . ARG A 1 123 ? 3.926   11.288  -6.802  1.00 61.60  ? 148  ARG A NH2 1 
ATOM   935  N  N   . GLU A 1 124 ? 0.559   8.893   -7.019  1.00 34.55  ? 149  GLU A N   1 
ATOM   936  C  CA  . GLU A 1 124 ? 0.058   10.244  -7.318  1.00 38.11  ? 149  GLU A CA  1 
ATOM   937  C  C   . GLU A 1 124 ? -1.384  10.270  -7.250  1.00 31.93  ? 149  GLU A C   1 
ATOM   938  O  O   . GLU A 1 124 ? -1.860  11.261  -6.807  1.00 34.85  ? 149  GLU A O   1 
ATOM   939  C  CB  . GLU A 1 124 ? 0.456   10.725  -8.756  1.00 41.05  ? 149  GLU A CB  1 
ATOM   940  C  CG  . GLU A 1 124 ? 1.834   11.255  -8.902  1.00 55.33  ? 149  GLU A CG  1 
ATOM   941  C  CD  . GLU A 1 124 ? 2.039   11.520  -10.474 1.00 67.99  ? 149  GLU A CD  1 
ATOM   942  O  OE1 . GLU A 1 124 ? 2.586   10.621  -11.232 1.00 68.86  ? 149  GLU A OE1 1 
ATOM   943  O  OE2 . GLU A 1 124 ? 1.547   12.579  -10.932 1.00 66.48  ? 149  GLU A OE2 1 
ATOM   944  N  N   . ASP A 1 125 ? -2.095  9.230   -7.679  1.00 29.95  ? 150  ASP A N   1 
ATOM   945  C  CA  . ASP A 1 125 ? -3.527  9.198   -7.645  1.00 34.73  ? 150  ASP A CA  1 
ATOM   946  C  C   . ASP A 1 125 ? -4.083  9.204   -6.211  1.00 38.44  ? 150  ASP A C   1 
ATOM   947  O  O   . ASP A 1 125 ? -4.960  10.034  -5.805  1.00 32.23  ? 150  ASP A O   1 
ATOM   948  C  CB  . ASP A 1 125 ? -3.988  7.934   -8.386  1.00 33.05  ? 150  ASP A CB  1 
ATOM   949  C  CG  . ASP A 1 125 ? -5.516  7.903   -8.587  1.00 38.82  ? 150  ASP A CG  1 
ATOM   950  O  OD1 . ASP A 1 125 ? -6.169  8.914   -8.283  1.00 37.18  ? 150  ASP A OD1 1 
ATOM   951  O  OD2 . ASP A 1 125 ? -6.065  6.930   -9.107  1.00 38.22  ? 150  ASP A OD2 1 
ATOM   952  N  N   . ILE A 1 126 ? -3.467  8.370   -5.370  1.00 33.57  ? 151  ILE A N   1 
ATOM   953  C  CA  . ILE A 1 126 ? -3.952  8.366   -3.959  1.00 32.97  ? 151  ILE A CA  1 
ATOM   954  C  C   . ILE A 1 126 ? -3.610  9.649   -3.340  1.00 35.20  ? 151  ILE A C   1 
ATOM   955  O  O   . ILE A 1 126 ? -4.426  10.224  -2.632  1.00 32.79  ? 151  ILE A O   1 
ATOM   956  C  CB  . ILE A 1 126 ? -3.260  7.196   -3.167  1.00 30.32  ? 151  ILE A CB  1 
ATOM   957  C  CG1 . ILE A 1 126 ? -3.855  5.896   -3.823  1.00 29.91  ? 151  ILE A CG1 1 
ATOM   958  C  CG2 . ILE A 1 126 ? -3.372  7.417   -1.568  1.00 29.93  ? 151  ILE A CG2 1 
ATOM   959  C  CD1 . ILE A 1 126 ? -3.146  4.555   -3.256  1.00 36.31  ? 151  ILE A CD1 1 
ATOM   960  N  N   . GLN A 1 127 ? -2.416  10.171  -3.597  1.00 34.88  ? 152  GLN A N   1 
ATOM   961  C  CA  . GLN A 1 127 ? -2.066  11.487  -2.903  1.00 34.02  ? 152  GLN A CA  1 
ATOM   962  C  C   . GLN A 1 127 ? -3.022  12.644  -3.408  1.00 40.01  ? 152  GLN A C   1 
ATOM   963  O  O   . GLN A 1 127 ? -3.413  13.509  -2.615  1.00 41.02  ? 152  GLN A O   1 
ATOM   964  C  CB  . GLN A 1 127 ? -0.645  11.894  -3.236  1.00 38.96  ? 152  GLN A CB  1 
ATOM   965  C  CG  . GLN A 1 127 ? -0.206  13.117  -2.457  1.00 58.02  ? 152  GLN A CG  1 
ATOM   966  C  CD  . GLN A 1 127 ? -0.354  12.957  -0.924  1.00 66.89  ? 152  GLN A CD  1 
ATOM   967  O  OE1 . GLN A 1 127 ? 0.220   11.988  -0.340  1.00 71.46  ? 152  GLN A OE1 1 
ATOM   968  N  NE2 . GLN A 1 127 ? -1.127  13.888  -0.264  1.00 61.20  ? 152  GLN A NE2 1 
ATOM   969  N  N   . GLY A 1 128 ? -3.353  12.644  -4.706  1.00 42.00  ? 153  GLY A N   1 
ATOM   970  C  CA  . GLY A 1 128 ? -4.350  13.602  -5.218  1.00 43.84  ? 153  GLY A CA  1 
ATOM   971  C  C   . GLY A 1 128 ? -5.706  13.416  -4.519  1.00 40.12  ? 153  GLY A C   1 
ATOM   972  O  O   . GLY A 1 128 ? -6.360  14.441  -4.116  1.00 41.06  ? 153  GLY A O   1 
ATOM   973  N  N   . ALA A 1 129 ? -6.091  12.160  -4.266  1.00 36.43  ? 154  ALA A N   1 
ATOM   974  C  CA  . ALA A 1 129 ? -7.377  11.918  -3.634  1.00 36.21  ? 154  ALA A CA  1 
ATOM   975  C  C   . ALA A 1 129 ? -7.298  12.333  -2.160  1.00 39.05  ? 154  ALA A C   1 
ATOM   976  O  O   . ALA A 1 129 ? -8.256  12.985  -1.674  1.00 41.81  ? 154  ALA A O   1 
ATOM   977  C  CB  . ALA A 1 129 ? -7.904  10.458  -3.805  1.00 37.36  ? 154  ALA A CB  1 
ATOM   978  N  N   . LEU A 1 130 ? -6.148  12.135  -1.509  1.00 38.83  ? 155  LEU A N   1 
ATOM   979  C  CA  . LEU A 1 130 ? -5.948  12.563  -0.151  1.00 41.03  ? 155  LEU A CA  1 
ATOM   980  C  C   . LEU A 1 130 ? -6.012  14.101  -0.056  1.00 43.46  ? 155  LEU A C   1 
ATOM   981  O  O   . LEU A 1 130 ? -6.750  14.601  0.772   1.00 43.89  ? 155  LEU A O   1 
ATOM   982  C  CB  . LEU A 1 130 ? -4.528  12.113  0.383   1.00 38.68  ? 155  LEU A CB  1 
ATOM   983  C  CG  . LEU A 1 130 ? -4.562  10.610  0.612   1.00 42.84  ? 155  LEU A CG  1 
ATOM   984  C  CD1 . LEU A 1 130 ? -3.190  10.082  1.174   1.00 41.67  ? 155  LEU A CD1 1 
ATOM   985  C  CD2 . LEU A 1 130 ? -5.513  10.379  1.753   1.00 41.15  ? 155  LEU A CD2 1 
ATOM   986  N  N   . GLN A 1 131 ? -5.271  14.821  -0.863  1.00 46.25  ? 156  GLN A N   1 
ATOM   987  C  CA  . GLN A 1 131 ? -5.318  16.268  -0.860  1.00 52.55  ? 156  GLN A CA  1 
ATOM   988  C  C   . GLN A 1 131 ? -6.745  16.722  -1.018  1.00 57.42  ? 156  GLN A C   1 
ATOM   989  O  O   . GLN A 1 131 ? -7.218  17.596  -0.299  1.00 57.79  ? 156  GLN A O   1 
ATOM   990  C  CB  . GLN A 1 131 ? -4.611  16.879  -2.035  1.00 56.88  ? 156  GLN A CB  1 
ATOM   991  C  CG  . GLN A 1 131 ? -3.118  16.725  -2.008  1.00 68.30  ? 156  GLN A CG  1 
ATOM   992  C  CD  . GLN A 1 131 ? -2.376  17.086  -3.402  1.00 76.18  ? 156  GLN A CD  1 
ATOM   993  O  OE1 . GLN A 1 131 ? -1.171  16.759  -3.577  1.00 79.43  ? 156  GLN A OE1 1 
ATOM   994  N  NE2 . GLN A 1 131 ? -3.090  17.742  -4.352  1.00 73.72  ? 156  GLN A NE2 1 
ATOM   995  N  N   . ASN A 1 132 ? -7.439  16.158  -1.982  1.00 58.41  ? 157  ASN A N   1 
ATOM   996  C  CA  . ASN A 1 132 ? -8.792  16.558  -2.221  1.00 57.68  ? 157  ASN A CA  1 
ATOM   997  C  C   . ASN A 1 132 ? -9.629  16.366  -0.948  1.00 60.12  ? 157  ASN A C   1 
ATOM   998  O  O   . ASN A 1 132 ? -10.202 17.323  -0.395  1.00 58.22  ? 157  ASN A O   1 
ATOM   999  C  CB  . ASN A 1 132 ? -9.392  15.737  -3.362  1.00 63.06  ? 157  ASN A CB  1 
ATOM   1000 C  CG  . ASN A 1 132 ? -10.851 16.116  -3.658  1.00 66.34  ? 157  ASN A CG  1 
ATOM   1001 O  OD1 . ASN A 1 132 ? -11.645 15.272  -4.076  1.00 70.03  ? 157  ASN A OD1 1 
ATOM   1002 N  ND2 . ASN A 1 132 ? -11.197 17.409  -3.457  1.00 69.50  ? 157  ASN A ND2 1 
ATOM   1003 N  N   . TYR A 1 133 ? -9.747  15.133  -0.510  1.00 56.86  ? 158  TYR A N   1 
ATOM   1004 C  CA  . TYR A 1 133 ? -10.503 14.786  0.676   1.00 57.24  ? 158  TYR A CA  1 
ATOM   1005 C  C   . TYR A 1 133 ? -10.189 15.725  1.853   1.00 61.66  ? 158  TYR A C   1 
ATOM   1006 O  O   . TYR A 1 133 ? -11.096 16.283  2.458   1.00 60.37  ? 158  TYR A O   1 
ATOM   1007 C  CB  . TYR A 1 133 ? -10.153 13.370  1.060   1.00 55.39  ? 158  TYR A CB  1 
ATOM   1008 C  CG  . TYR A 1 133 ? -10.904 12.895  2.238   1.00 60.52  ? 158  TYR A CG  1 
ATOM   1009 C  CD1 . TYR A 1 133 ? -12.169 12.363  2.091   1.00 60.58  ? 158  TYR A CD1 1 
ATOM   1010 C  CD2 . TYR A 1 133 ? -10.354 13.002  3.515   1.00 62.05  ? 158  TYR A CD2 1 
ATOM   1011 C  CE1 . TYR A 1 133 ? -12.870 11.948  3.170   1.00 65.20  ? 158  TYR A CE1 1 
ATOM   1012 C  CE2 . TYR A 1 133 ? -11.052 12.601  4.615   1.00 66.18  ? 158  TYR A CE2 1 
ATOM   1013 C  CZ  . TYR A 1 133 ? -12.305 12.072  4.432   1.00 69.46  ? 158  TYR A CZ  1 
ATOM   1014 O  OH  . TYR A 1 133 ? -13.004 11.622  5.526   1.00 77.69  ? 158  TYR A OH  1 
ATOM   1015 N  N   . ARG A 1 134 ? -8.896  15.869  2.173   1.00 61.87  ? 159  ARG A N   1 
ATOM   1016 C  CA  . ARG A 1 134 ? -8.401  16.677  3.285   1.00 64.34  ? 159  ARG A CA  1 
ATOM   1017 C  C   . ARG A 1 134 ? -8.660  18.174  3.092   1.00 67.15  ? 159  ARG A C   1 
ATOM   1018 O  O   . ARG A 1 134 ? -8.846  18.761  1.972   1.00 68.18  ? 159  ARG A O   1 
ATOM   1019 C  CB  . ARG A 1 134 ? -6.868  16.442  3.547   1.00 60.10  ? 159  ARG A CB  1 
ATOM   1020 C  CG  . ARG A 1 134 ? -6.517  15.035  4.221   1.00 60.49  ? 159  ARG A CG  1 
ATOM   1021 C  CD  . ARG A 1 134 ? -5.042  14.686  4.014   1.00 62.62  ? 159  ARG A CD  1 
ATOM   1022 N  NE  . ARG A 1 134 ? -4.694  13.336  4.504   1.00 60.68  ? 159  ARG A NE  1 
ATOM   1023 C  CZ  . ARG A 1 134 ? -3.489  12.763  4.404   1.00 61.70  ? 159  ARG A CZ  1 
ATOM   1024 N  NH1 . ARG A 1 134 ? -2.451  13.372  3.836   1.00 67.21  ? 159  ARG A NH1 1 
ATOM   1025 N  NH2 . ARG A 1 134 ? -3.267  11.560  4.929   1.00 66.25  ? 159  ARG A NH2 1 
HETATM 1026 CA CA  . CA  B 2 .   ? -8.120  10.093  -8.950  1.00 38.80  ? 1500 CA  A CA  1 
HETATM 1027 O  O   . HOH C 3 .   ? -10.953 13.455  -10.833 1.00 41.69  ? 1    HOH A O   1 
HETATM 1028 O  O   . HOH C 3 .   ? -6.935  11.372  -7.479  1.00 35.83  ? 2    HOH A O   1 
HETATM 1029 O  O   . HOH C 3 .   ? -8.809  7.804   -9.033  1.00 40.91  ? 3    HOH A O   1 
HETATM 1030 O  O   . HOH C 3 .   ? -5.705  -0.807  -14.759 1.00 46.33  ? 4    HOH A O   1 
HETATM 1031 O  O   . HOH C 3 .   ? 0.592   -8.171  10.789  1.00 40.06  ? 5    HOH A O   1 
HETATM 1032 O  O   . HOH C 3 .   ? 7.204   -2.728  12.204  1.00 49.20  ? 6    HOH A O   1 
HETATM 1033 O  O   . HOH C 3 .   ? 3.457   3.163   15.881  1.00 49.19  ? 7    HOH A O   1 
HETATM 1034 O  O   . HOH C 3 .   ? 11.598  2.776   17.744  1.00 66.50  ? 8    HOH A O   1 
HETATM 1035 O  O   . HOH C 3 .   ? 7.060   4.767   12.803  1.00 43.59  ? 9    HOH A O   1 
HETATM 1036 O  O   . HOH C 3 .   ? 10.049  8.512   5.714   1.00 29.04  ? 10   HOH A O   1 
HETATM 1037 O  O   . HOH C 3 .   ? 17.193  -8.865  4.239   1.00 68.31  ? 11   HOH A O   1 
HETATM 1038 O  O   . HOH C 3 .   ? 9.026   -14.749 1.164   1.00 40.03  ? 12   HOH A O   1 
HETATM 1039 O  O   . HOH C 3 .   ? -12.249 2.544   -3.994  1.00 42.14  ? 13   HOH A O   1 
HETATM 1040 O  O   . HOH C 3 .   ? -15.444 3.431   -3.641  1.00 58.85  ? 14   HOH A O   1 
HETATM 1041 O  O   . HOH C 3 .   ? -10.677 12.796  -2.802  1.00 43.47  ? 15   HOH A O   1 
HETATM 1042 O  O   . HOH C 3 .   ? -10.542 12.342  -5.728  1.00 42.37  ? 16   HOH A O   1 
HETATM 1043 O  O   . HOH C 3 .   ? -12.524 13.637  -6.972  1.00 48.91  ? 17   HOH A O   1 
HETATM 1044 O  O   . HOH C 3 .   ? 1.118   10.645  1.817   1.00 42.52  ? 18   HOH A O   1 
HETATM 1045 O  O   . HOH C 3 .   ? -4.185  0.091   11.810  1.00 37.16  ? 19   HOH A O   1 
HETATM 1046 O  O   . HOH C 3 .   ? -7.626  -0.982  19.390  1.00 46.67  ? 20   HOH A O   1 
HETATM 1047 O  O   . HOH C 3 .   ? -2.225  -2.799  13.485  1.00 38.75  ? 22   HOH A O   1 
HETATM 1048 O  O   . HOH C 3 .   ? -0.788  -3.655  17.848  1.00 42.04  ? 23   HOH A O   1 
HETATM 1049 O  O   . HOH C 3 .   ? -9.909  10.022  -7.305  1.00 41.91  ? 200  HOH A O   1 
HETATM 1050 O  O   . HOH C 3 .   ? -8.606  12.407  -9.488  1.00 42.72  ? 201  HOH A O   1 
HETATM 1051 O  O   . HOH C 3 .   ? -0.237  -2.898  20.738  1.00 47.84  ? 202  HOH A O   1 
HETATM 1052 O  O   . HOH C 3 .   ? 12.810  0.201   23.543  1.00 73.50  ? 203  HOH A O   1 
HETATM 1053 O  O   . HOH C 3 .   ? 16.075  6.291   7.212   1.00 59.28  ? 204  HOH A O   1 
HETATM 1054 O  O   . HOH C 3 .   ? 14.217  -1.964  9.533   1.00 54.11  ? 205  HOH A O   1 
HETATM 1055 O  O   . HOH C 3 .   ? 17.553  -4.207  9.008   1.00 72.00  ? 206  HOH A O   1 
HETATM 1056 O  O   . HOH C 3 .   ? 15.408  -10.327 0.887   1.00 45.69  ? 207  HOH A O   1 
HETATM 1057 O  O   . HOH C 3 .   ? -2.750  -13.673 -10.513 1.00 64.33  ? 208  HOH A O   1 
HETATM 1058 O  O   . HOH C 3 .   ? -14.642 8.364   3.461   1.00 61.48  ? 209  HOH A O   1 
HETATM 1059 O  O   . HOH C 3 .   ? 3.099   11.936  4.552   1.00 59.17  ? 211  HOH A O   1 
HETATM 1060 O  O   . HOH C 3 .   ? 0.369   12.985  6.399   1.00 54.41  ? 212  HOH A O   1 
HETATM 1061 O  O   . HOH C 3 .   ? 9.589   5.342   -7.419  1.00 70.12  ? 213  HOH A O   1 
HETATM 1062 O  O   . HOH C 3 .   ? -6.728  10.485  -10.799 1.00 44.94  ? 216  HOH A O   1 
HETATM 1063 O  O   . HOH C 3 .   ? -3.907  10.990  -10.625 1.00 46.32  ? 217  HOH A O   1 
HETATM 1064 O  O   . HOH C 3 .   ? -7.993  -2.556  -14.949 1.00 61.04  ? 300  HOH A O   1 
HETATM 1065 O  O   . HOH C 3 .   ? 0.122   -11.312 -0.143  1.00 46.60  ? 301  HOH A O   1 
HETATM 1066 O  O   . HOH C 3 .   ? 1.056   5.341   20.893  1.00 65.59  ? 303  HOH A O   1 
HETATM 1067 O  O   . HOH C 3 .   ? 11.399  -4.217  14.107  1.00 64.67  ? 304  HOH A O   1 
HETATM 1068 O  O   . HOH C 3 .   ? 13.770  6.868   4.224   1.00 56.23  ? 305  HOH A O   1 
HETATM 1069 O  O   . HOH C 3 .   ? 13.493  -6.408  10.659  1.00 52.68  ? 306  HOH A O   1 
HETATM 1070 O  O   . HOH C 3 .   ? 16.592  -15.026 6.946   1.00 72.76  ? 307  HOH A O   1 
HETATM 1071 O  O   . HOH C 3 .   ? 20.655  -17.023 8.430   1.00 69.18  ? 308  HOH A O   1 
HETATM 1072 O  O   . HOH C 3 .   ? -6.943  -12.650 -5.212  1.00 64.81  ? 309  HOH A O   1 
HETATM 1073 O  O   . HOH C 3 .   ? -8.338  9.915   10.829  1.00 59.55  ? 310  HOH A O   1 
HETATM 1074 O  O   . HOH C 3 .   ? -10.067 -3.789  9.122   1.00 57.43  ? 311  HOH A O   1 
HETATM 1075 O  O   . HOH C 3 .   ? -2.086  9.087   -11.112 1.00 46.68  ? 312  HOH A O   1 
HETATM 1076 O  O   . HOH C 3 .   ? -4.178  7.124   -15.448 1.00 50.72  ? 313  HOH A O   1 
HETATM 1077 O  O   . HOH C 3 .   ? -13.833 22.004  1.021   1.00 66.13  ? 315  HOH A O   1 
HETATM 1078 O  O   . HOH C 3 .   ? -6.918  8.096   -15.150 1.00 56.37  ? 316  HOH A O   1 
HETATM 1079 O  O   . HOH C 3 .   ? 1.638   5.063   16.353  1.00 51.22  ? 317  HOH A O   1 
HETATM 1080 O  O   . HOH C 3 .   ? 22.613  -9.267  6.730   1.00 64.42  ? 318  HOH A O   1 
HETATM 1081 O  O   . HOH C 3 .   ? -0.413  11.114  -12.052 1.00 53.48  ? 319  HOH A O   1 
HETATM 1082 O  O   . HOH C 3 .   ? 0.329   -13.349 0.559   1.00 51.33  ? 321  HOH A O   1 
HETATM 1083 O  O   . HOH C 3 .   ? -17.057 7.628   -11.471 1.00 55.69  ? 500  HOH A O   1 
HETATM 1084 O  O   . HOH C 3 .   ? -12.185 3.630   -13.363 1.00 62.95  ? 501  HOH A O   1 
HETATM 1085 O  O   . HOH C 3 .   ? -9.457  -8.272  -13.453 1.00 71.66  ? 502  HOH A O   1 
HETATM 1086 O  O   . HOH C 3 .   ? -3.525  -11.609 -15.908 1.00 50.38  ? 503  HOH A O   1 
HETATM 1087 O  O   . HOH C 3 .   ? 15.761  -3.193  0.661   1.00 69.99  ? 504  HOH A O   1 
HETATM 1088 O  O   . HOH C 3 .   ? 17.708  -6.226  -0.055  1.00 64.28  ? 505  HOH A O   1 
HETATM 1089 O  O   . HOH C 3 .   ? -18.585 -1.409  -8.727  1.00 77.24  ? 506  HOH A O   1 
HETATM 1090 O  O   . HOH C 3 .   ? -16.481 -0.173  0.712   1.00 70.68  ? 507  HOH A O   1 
HETATM 1091 O  O   . HOH C 3 .   ? 8.912   9.482   -3.048  1.00 63.00  ? 508  HOH A O   1 
HETATM 1092 O  O   . HOH C 3 .   ? 10.640  -7.574  -12.496 1.00 77.11  ? 509  HOH A O   1 
HETATM 1093 O  O   . HOH C 3 .   ? -3.461  12.301  -15.110 1.00 51.66  ? 510  HOH A O   1 
HETATM 1094 O  O   . HOH C 3 .   ? -5.988  7.634   11.527  1.00 81.29  ? 511  HOH A O   1 
HETATM 1095 O  O   . HOH C 3 .   ? 2.445   11.110  -2.070  1.00 57.12  ? 512  HOH A O   1 
HETATM 1096 O  O   . HOH C 3 .   ? -4.237  22.267  -1.537  1.00 80.90  ? 513  HOH A O   1 
HETATM 1097 O  O   . HOH C 3 .   ? 20.025  -7.843  2.647   1.00 74.58  ? 514  HOH A O   1 
HETATM 1098 O  O   . HOH C 3 .   ? 24.766  -7.465  1.239   1.00 76.43  ? 515  HOH A O   1 
HETATM 1099 O  O   . HOH C 3 .   ? -15.714 13.801  -6.275  1.00 66.49  ? 516  HOH A O   1 
HETATM 1100 O  O   . HOH C 3 .   ? 21.785  -6.090  10.754  1.00 69.13  ? 517  HOH A O   1 
HETATM 1101 O  O   . HOH C 3 .   ? -17.548 4.291   -10.969 1.00 74.39  ? 800  HOH A O   1 
HETATM 1102 O  O   . HOH C 3 .   ? -0.791  -1.957  -12.214 1.00 52.76  ? 801  HOH A O   1 
HETATM 1103 O  O   . HOH C 3 .   ? 0.986   -10.715 -10.689 1.00 73.79  ? 802  HOH A O   1 
HETATM 1104 O  O   . HOH C 3 .   ? -3.850  -10.097 -14.298 1.00 69.36  ? 803  HOH A O   1 
HETATM 1105 O  O   . HOH C 3 .   ? 3.532   -12.985 5.888   1.00 63.24  ? 804  HOH A O   1 
HETATM 1106 O  O   . HOH C 3 .   ? 3.097   1.416   19.360  1.00 54.90  ? 805  HOH A O   1 
HETATM 1107 O  O   . HOH C 3 .   ? 10.358  -5.554  18.756  1.00 77.35  ? 806  HOH A O   1 
HETATM 1108 O  O   . HOH C 3 .   ? 13.148  -3.689  0.305   1.00 54.43  ? 808  HOH A O   1 
HETATM 1109 O  O   . HOH C 3 .   ? 4.451   14.316  -6.497  1.00 61.69  ? 809  HOH A O   1 
HETATM 1110 O  O   . HOH C 3 .   ? 17.936  -9.255  -10.408 1.00 72.77  ? 810  HOH A O   1 
HETATM 1111 O  O   . HOH C 3 .   ? -4.494  -1.358  8.021   1.00 63.20  ? 811  HOH A O   1 
HETATM 1112 O  O   . HOH C 3 .   ? -7.263  -16.883 -11.453 1.00 78.55  ? 814  HOH A O   1 
HETATM 1113 O  O   . HOH C 3 .   ? -17.456 10.408  -10.792 1.00 60.69  ? 1000 HOH A O   1 
HETATM 1114 O  O   . HOH C 3 .   ? 16.643  1.286   0.116   1.00 72.57  ? 1001 HOH A O   1 
HETATM 1115 O  O   . HOH C 3 .   ? 23.026  -1.558  -0.365  1.00 69.48  ? 1002 HOH A O   1 
HETATM 1116 O  O   . HOH C 3 .   ? 12.462  5.872   -5.973  1.00 60.50  ? 1003 HOH A O   1 
HETATM 1117 O  O   . HOH C 3 .   ? 5.764   -4.789  15.652  1.00 68.35  ? 1006 HOH A O   1 
HETATM 1118 O  O   . HOH C 3 .   ? -14.644 16.550  -3.526  1.00 70.52  ? 1008 HOH A O   1 
HETATM 1119 O  O   . HOH C 3 .   ? -15.358 4.728   11.157  1.00 70.47  ? 1009 HOH A O   1 
HETATM 1120 O  O   . HOH C 3 .   ? -1.055  -2.502  -14.827 1.00 40.26  ? 1010 HOH A O   1 
# 
